data_2ROK
#
_entry.id   2ROK
#
loop_
_entity.id
_entity.type
_entity.pdbx_description
1 polymer 'poly(A)-specific ribonuclease'
2 non-polymer "7N-METHYL-8-HYDROGUANOSINE-5'-MONOPHOSPHATE"
3 non-polymer "GUANOSINE-5'-DIPHOSPHATE"
#
_entity_poly.entity_id   1
_entity_poly.type   'polypeptide(L)'
_entity_poly.pdbx_seq_one_letter_code
;GSSGSSGGPDLQPKRDHVLHVTFPKEWKTSDLYQLFSAFGNIQISWIDDTSAFVSLSQPEQVQIAVNTSKYAESYRIQTY
AEYVGKKQKGKQVKSGPSSG
;
_entity_poly.pdbx_strand_id   A
#
# COMPACT_ATOMS: atom_id res chain seq x y z
N GLY A 1 16.27 -4.63 14.84
CA GLY A 1 16.44 -3.24 14.36
C GLY A 1 17.59 -2.54 15.07
N SER A 2 17.36 -1.31 15.54
CA SER A 2 18.34 -0.49 16.30
C SER A 2 18.87 -1.15 17.58
N SER A 3 18.19 -2.20 18.07
CA SER A 3 18.63 -3.12 19.13
C SER A 3 19.97 -3.83 18.85
N GLY A 4 20.37 -3.99 17.58
CA GLY A 4 21.70 -4.47 17.20
C GLY A 4 21.84 -5.24 15.88
N SER A 5 20.76 -5.41 15.09
CA SER A 5 20.78 -6.19 13.84
C SER A 5 19.68 -5.77 12.85
N SER A 6 19.96 -5.92 11.55
CA SER A 6 19.08 -5.60 10.42
C SER A 6 18.75 -6.81 9.53
N GLY A 7 19.30 -8.00 9.85
CA GLY A 7 19.06 -9.28 9.16
C GLY A 7 20.25 -9.79 8.34
N GLY A 8 21.08 -8.89 7.83
CA GLY A 8 22.29 -9.21 7.06
C GLY A 8 22.88 -8.03 6.26
N PRO A 9 24.04 -8.21 5.61
CA PRO A 9 24.71 -7.19 4.80
C PRO A 9 24.08 -6.97 3.41
N ASP A 10 23.16 -7.85 3.00
CA ASP A 10 22.42 -7.78 1.73
C ASP A 10 21.47 -6.56 1.61
N LEU A 11 20.93 -6.34 0.41
CA LEU A 11 20.18 -5.14 0.01
C LEU A 11 18.77 -5.46 -0.54
N GLN A 12 18.20 -6.61 -0.13
CA GLN A 12 16.84 -7.02 -0.49
C GLN A 12 15.75 -6.02 0.02
N PRO A 13 14.54 -6.01 -0.58
CA PRO A 13 13.40 -5.19 -0.14
C PRO A 13 13.05 -5.30 1.36
N LYS A 14 12.39 -4.26 1.88
CA LYS A 14 12.01 -4.08 3.30
C LYS A 14 10.54 -3.69 3.51
N ARG A 15 9.69 -3.95 2.51
CA ARG A 15 8.26 -3.57 2.42
C ARG A 15 7.34 -4.76 2.03
N ASP A 16 7.83 -5.99 2.14
CA ASP A 16 7.09 -7.21 1.80
C ASP A 16 5.82 -7.44 2.65
N HIS A 17 5.74 -6.79 3.81
CA HIS A 17 4.60 -6.74 4.74
C HIS A 17 3.70 -5.50 4.55
N VAL A 18 3.87 -4.74 3.47
CA VAL A 18 3.17 -3.47 3.19
C VAL A 18 2.37 -3.56 1.89
N LEU A 19 1.20 -2.92 1.90
CA LEU A 19 0.23 -2.83 0.82
C LEU A 19 0.10 -1.39 0.31
N HIS A 20 -0.48 -1.26 -0.88
CA HIS A 20 -0.96 -0.03 -1.49
C HIS A 20 -2.45 -0.23 -1.80
N VAL A 21 -3.24 0.81 -1.55
CA VAL A 21 -4.72 0.76 -1.57
C VAL A 21 -5.23 1.96 -2.36
N THR A 22 -6.25 1.72 -3.20
CA THR A 22 -6.85 2.74 -4.08
C THR A 22 -8.37 2.76 -3.87
N PHE A 23 -8.95 3.95 -3.78
CA PHE A 23 -10.35 4.17 -3.36
C PHE A 23 -10.89 5.54 -3.84
N PRO A 24 -12.23 5.72 -3.93
CA PRO A 24 -12.86 7.02 -4.16
C PRO A 24 -12.43 8.09 -3.14
N LYS A 25 -12.37 9.36 -3.56
CA LYS A 25 -11.91 10.51 -2.74
C LYS A 25 -12.68 10.76 -1.44
N GLU A 26 -13.87 10.17 -1.29
CA GLU A 26 -14.72 10.26 -0.10
C GLU A 26 -14.33 9.28 1.03
N TRP A 27 -13.51 8.26 0.75
CA TRP A 27 -12.98 7.35 1.77
C TRP A 27 -12.11 8.08 2.79
N LYS A 28 -12.10 7.58 4.03
CA LYS A 28 -11.41 8.15 5.20
C LYS A 28 -10.57 7.10 5.93
N THR A 29 -9.68 7.55 6.81
CA THR A 29 -8.88 6.70 7.72
C THR A 29 -9.76 5.69 8.49
N SER A 30 -10.97 6.09 8.87
CA SER A 30 -11.93 5.21 9.54
C SER A 30 -12.44 4.07 8.65
N ASP A 31 -12.73 4.34 7.38
CA ASP A 31 -13.10 3.30 6.40
C ASP A 31 -11.93 2.33 6.15
N LEU A 32 -10.70 2.85 6.25
CA LEU A 32 -9.47 2.05 6.10
C LEU A 32 -9.23 1.15 7.31
N TYR A 33 -9.37 1.66 8.54
CA TYR A 33 -9.37 0.83 9.75
C TYR A 33 -10.48 -0.22 9.74
N GLN A 34 -11.68 0.10 9.24
CA GLN A 34 -12.79 -0.86 9.09
C GLN A 34 -12.49 -1.95 8.04
N LEU A 35 -11.86 -1.60 6.91
CA LEU A 35 -11.50 -2.54 5.84
C LEU A 35 -10.44 -3.55 6.30
N PHE A 36 -9.42 -3.08 7.01
CA PHE A 36 -8.28 -3.90 7.46
C PHE A 36 -8.43 -4.44 8.89
N SER A 37 -9.60 -4.26 9.53
CA SER A 37 -9.96 -4.83 10.84
C SER A 37 -9.81 -6.37 10.90
N ALA A 38 -9.94 -7.04 9.76
CA ALA A 38 -9.71 -8.49 9.59
C ALA A 38 -8.27 -8.97 9.92
N PHE A 39 -7.32 -8.05 10.11
CA PHE A 39 -5.89 -8.32 10.31
C PHE A 39 -5.33 -7.75 11.63
N GLY A 40 -6.19 -7.23 12.51
CA GLY A 40 -5.78 -6.66 13.80
C GLY A 40 -5.24 -5.23 13.70
N ASN A 41 -4.26 -4.87 14.54
CA ASN A 41 -3.58 -3.57 14.50
C ASN A 41 -2.80 -3.35 13.19
N ILE A 42 -2.78 -2.10 12.70
CA ILE A 42 -2.19 -1.67 11.41
C ILE A 42 -1.57 -0.26 11.52
N GLN A 43 -0.93 0.20 10.44
CA GLN A 43 -0.48 1.58 10.25
C GLN A 43 -0.81 2.03 8.81
N ILE A 44 -1.05 3.33 8.62
CA ILE A 44 -1.57 3.93 7.37
C ILE A 44 -0.73 5.17 7.01
N SER A 45 -0.32 5.28 5.75
CA SER A 45 0.54 6.35 5.21
C SER A 45 0.01 6.86 3.87
N TRP A 46 -0.70 7.99 3.86
CA TRP A 46 -1.26 8.63 2.66
C TRP A 46 -0.21 9.02 1.62
N ILE A 47 -0.62 9.03 0.34
CA ILE A 47 0.16 9.58 -0.78
C ILE A 47 -0.68 10.44 -1.74
N ASP A 48 -2.01 10.30 -1.74
CA ASP A 48 -2.95 11.13 -2.53
C ASP A 48 -4.34 11.23 -1.87
N ASP A 49 -5.27 11.94 -2.50
CA ASP A 49 -6.69 11.98 -2.15
C ASP A 49 -7.39 10.63 -2.31
N THR A 50 -6.86 9.77 -3.19
CA THR A 50 -7.49 8.52 -3.66
C THR A 50 -6.61 7.27 -3.47
N SER A 51 -5.44 7.39 -2.84
CA SER A 51 -4.62 6.22 -2.47
C SER A 51 -3.67 6.46 -1.29
N ALA A 52 -3.32 5.36 -0.63
CA ALA A 52 -2.45 5.30 0.55
C ALA A 52 -1.73 3.94 0.66
N PHE A 53 -0.64 3.89 1.42
CA PHE A 53 0.01 2.64 1.83
C PHE A 53 -0.56 2.17 3.17
N VAL A 54 -0.57 0.86 3.43
CA VAL A 54 -1.06 0.24 4.67
C VAL A 54 -0.11 -0.90 5.09
N SER A 55 0.38 -0.86 6.32
CA SER A 55 1.28 -1.87 6.89
C SER A 55 0.52 -2.94 7.68
N LEU A 56 0.87 -4.20 7.51
CA LEU A 56 0.32 -5.37 8.21
C LEU A 56 1.44 -6.14 8.95
N SER A 57 1.11 -6.95 9.97
CA SER A 57 2.11 -7.58 10.83
C SER A 57 2.77 -8.84 10.26
N GLN A 58 2.27 -9.39 9.14
CA GLN A 58 2.82 -10.57 8.45
C GLN A 58 2.64 -10.47 6.91
N PRO A 59 3.54 -11.08 6.11
CA PRO A 59 3.37 -11.19 4.66
C PRO A 59 2.26 -12.17 4.24
N GLU A 60 1.84 -13.09 5.12
CA GLU A 60 0.67 -13.93 4.90
C GLU A 60 -0.63 -13.10 4.86
N GLN A 61 -0.75 -12.10 5.75
CA GLN A 61 -1.89 -11.16 5.77
C GLN A 61 -1.93 -10.30 4.49
N VAL A 62 -0.76 -9.88 4.00
CA VAL A 62 -0.59 -9.22 2.69
C VAL A 62 -1.13 -10.11 1.55
N GLN A 63 -0.72 -11.38 1.50
CA GLN A 63 -1.17 -12.32 0.47
C GLN A 63 -2.69 -12.53 0.52
N ILE A 64 -3.28 -12.65 1.71
CA ILE A 64 -4.74 -12.77 1.90
C ILE A 64 -5.48 -11.51 1.41
N ALA A 65 -5.01 -10.31 1.76
CA ALA A 65 -5.61 -9.05 1.30
C ALA A 65 -5.54 -8.87 -0.22
N VAL A 66 -4.41 -9.24 -0.84
CA VAL A 66 -4.22 -9.22 -2.31
C VAL A 66 -5.11 -10.26 -3.02
N ASN A 67 -5.35 -11.42 -2.41
CA ASN A 67 -6.30 -12.41 -2.95
C ASN A 67 -7.76 -11.94 -2.84
N THR A 68 -8.16 -11.41 -1.69
CA THR A 68 -9.55 -11.01 -1.39
C THR A 68 -10.00 -9.73 -2.09
N SER A 69 -9.08 -8.84 -2.46
CA SER A 69 -9.39 -7.59 -3.17
C SER A 69 -9.92 -7.78 -4.61
N LYS A 70 -9.69 -8.94 -5.23
CA LYS A 70 -10.23 -9.32 -6.55
C LYS A 70 -11.77 -9.27 -6.61
N TYR A 71 -12.45 -9.37 -5.46
CA TYR A 71 -13.91 -9.35 -5.34
C TYR A 71 -14.47 -7.97 -4.94
N ALA A 72 -13.61 -6.99 -4.66
CA ALA A 72 -14.01 -5.63 -4.26
C ALA A 72 -14.45 -4.78 -5.46
N GLU A 73 -15.43 -3.90 -5.24
CA GLU A 73 -16.03 -3.01 -6.27
C GLU A 73 -16.09 -1.52 -5.86
N SER A 74 -15.61 -1.19 -4.66
CA SER A 74 -15.55 0.19 -4.12
C SER A 74 -14.14 0.58 -3.64
N TYR A 75 -13.16 -0.33 -3.78
CA TYR A 75 -11.74 -0.16 -3.49
C TYR A 75 -10.92 -1.25 -4.22
N ARG A 76 -9.59 -1.15 -4.19
CA ARG A 76 -8.66 -2.20 -4.66
C ARG A 76 -7.35 -2.16 -3.85
N ILE A 77 -6.65 -3.29 -3.78
CA ILE A 77 -5.45 -3.53 -2.96
C ILE A 77 -4.39 -4.25 -3.81
N GLN A 78 -3.12 -3.87 -3.63
CA GLN A 78 -1.93 -4.53 -4.20
C GLN A 78 -0.74 -4.45 -3.22
N THR A 79 0.35 -5.17 -3.45
CA THR A 79 1.58 -5.03 -2.63
C THR A 79 2.31 -3.71 -2.89
N TYR A 80 3.21 -3.32 -1.97
CA TYR A 80 4.14 -2.20 -2.21
C TYR A 80 5.00 -2.44 -3.46
N ALA A 81 5.48 -3.68 -3.67
CA ALA A 81 6.27 -4.06 -4.83
C ALA A 81 5.48 -3.96 -6.17
N GLU A 82 4.18 -4.30 -6.16
CA GLU A 82 3.31 -4.07 -7.32
C GLU A 82 3.14 -2.57 -7.63
N TYR A 83 2.95 -1.72 -6.62
CA TYR A 83 2.89 -0.26 -6.83
C TYR A 83 4.18 0.28 -7.48
N VAL A 84 5.35 -0.13 -6.97
CA VAL A 84 6.68 0.20 -7.55
C VAL A 84 6.80 -0.30 -8.99
N GLY A 85 6.38 -1.53 -9.27
CA GLY A 85 6.43 -2.15 -10.60
C GLY A 85 5.45 -1.57 -11.63
N LYS A 86 4.52 -0.71 -11.20
CA LYS A 86 3.50 -0.01 -12.01
C LYS A 86 3.65 1.52 -11.99
N LYS A 87 4.75 2.04 -11.42
CA LYS A 87 5.07 3.48 -11.25
C LYS A 87 5.00 4.29 -12.56
N GLN A 88 5.24 3.65 -13.71
CA GLN A 88 5.02 4.15 -15.07
C GLN A 88 3.52 4.27 -15.44
N LYS A 89 2.71 4.87 -14.56
CA LYS A 89 1.23 4.89 -14.56
C LYS A 89 0.57 5.28 -15.89
N GLY A 90 1.13 6.25 -16.63
CA GLY A 90 0.62 6.71 -17.93
C GLY A 90 -0.86 7.16 -17.90
N LYS A 91 -1.25 7.87 -16.83
CA LYS A 91 -2.64 8.21 -16.47
C LYS A 91 -3.48 8.82 -17.60
N GLN A 92 -2.90 9.70 -18.42
CA GLN A 92 -3.56 10.39 -19.55
C GLN A 92 -2.64 10.50 -20.76
N VAL A 93 -3.24 10.67 -21.95
CA VAL A 93 -2.57 10.58 -23.27
C VAL A 93 -2.90 11.76 -24.22
N LYS A 94 -3.70 12.73 -23.77
CA LYS A 94 -4.04 13.96 -24.53
C LYS A 94 -2.80 14.77 -24.95
N SER A 95 -1.78 14.77 -24.09
CA SER A 95 -0.41 15.28 -24.33
C SER A 95 0.64 14.44 -23.60
N GLY A 96 0.33 14.02 -22.36
CA GLY A 96 1.14 13.09 -21.54
C GLY A 96 0.88 13.26 -20.04
N PRO A 97 1.49 12.43 -19.17
CA PRO A 97 1.37 12.54 -17.71
C PRO A 97 2.01 13.82 -17.15
N SER A 98 2.92 14.46 -17.90
CA SER A 98 3.48 15.79 -17.63
C SER A 98 2.47 16.94 -17.75
N SER A 99 1.26 16.68 -18.26
CA SER A 99 0.23 17.67 -18.61
C SER A 99 -1.17 17.32 -18.08
N GLY A 100 -1.29 16.29 -17.23
CA GLY A 100 -2.56 15.81 -16.65
C GLY A 100 -2.34 14.75 -15.56
N GLY A 1 24.61 17.61 7.13
CA GLY A 1 23.54 17.24 8.07
C GLY A 1 23.04 15.82 7.84
N SER A 2 21.78 15.55 8.23
CA SER A 2 21.12 14.24 8.07
C SER A 2 19.60 14.39 7.97
N SER A 3 18.91 13.36 7.47
CA SER A 3 17.44 13.29 7.31
C SER A 3 16.66 13.22 8.62
N GLY A 4 17.32 13.02 9.77
CA GLY A 4 16.72 12.93 11.10
C GLY A 4 17.73 12.93 12.25
N SER A 5 17.24 12.78 13.48
CA SER A 5 18.02 12.90 14.73
C SER A 5 17.69 11.81 15.78
N SER A 6 16.93 10.77 15.39
CA SER A 6 16.53 9.64 16.23
C SER A 6 16.34 8.36 15.38
N GLY A 7 16.12 7.20 16.02
CA GLY A 7 15.99 5.90 15.35
C GLY A 7 15.47 4.77 16.24
N GLY A 8 15.32 3.59 15.65
CA GLY A 8 14.73 2.39 16.26
C GLY A 8 14.52 1.26 15.23
N PRO A 9 13.74 0.21 15.56
CA PRO A 9 13.39 -0.86 14.60
C PRO A 9 12.41 -0.42 13.50
N ASP A 10 11.73 0.72 13.67
CA ASP A 10 10.63 1.19 12.81
C ASP A 10 11.08 1.85 11.48
N LEU A 11 12.39 1.99 11.25
CA LEU A 11 12.99 2.66 10.08
C LEU A 11 13.68 1.70 9.09
N GLN A 12 13.51 0.39 9.25
CA GLN A 12 13.99 -0.63 8.31
C GLN A 12 13.43 -0.45 6.88
N PRO A 13 14.20 -0.80 5.83
CA PRO A 13 13.80 -0.58 4.43
C PRO A 13 12.76 -1.59 3.88
N LYS A 14 12.42 -2.63 4.65
CA LYS A 14 11.50 -3.71 4.25
C LYS A 14 10.09 -3.24 3.88
N ARG A 15 9.45 -4.01 2.99
CA ARG A 15 8.07 -3.84 2.49
C ARG A 15 7.30 -5.16 2.37
N ASP A 16 7.83 -6.25 2.94
CA ASP A 16 7.23 -7.61 2.93
C ASP A 16 5.83 -7.66 3.58
N HIS A 17 5.50 -6.67 4.40
CA HIS A 17 4.29 -6.52 5.21
C HIS A 17 3.41 -5.33 4.78
N VAL A 18 3.64 -4.76 3.58
CA VAL A 18 3.03 -3.50 3.12
C VAL A 18 2.24 -3.67 1.81
N LEU A 19 1.09 -3.02 1.76
CA LEU A 19 0.18 -2.92 0.62
C LEU A 19 0.02 -1.46 0.18
N HIS A 20 -0.51 -1.28 -1.03
CA HIS A 20 -0.99 -0.02 -1.60
C HIS A 20 -2.50 -0.17 -1.87
N VAL A 21 -3.26 0.89 -1.63
CA VAL A 21 -4.73 0.91 -1.65
C VAL A 21 -5.20 2.12 -2.44
N THR A 22 -6.25 1.94 -3.25
CA THR A 22 -6.84 2.96 -4.13
C THR A 22 -8.34 3.04 -3.90
N PHE A 23 -8.89 4.25 -3.78
CA PHE A 23 -10.27 4.51 -3.36
C PHE A 23 -10.75 5.90 -3.84
N PRO A 24 -12.07 6.15 -3.93
CA PRO A 24 -12.60 7.50 -4.14
C PRO A 24 -12.31 8.40 -2.94
N LYS A 25 -12.17 9.71 -3.19
CA LYS A 25 -11.87 10.72 -2.16
C LYS A 25 -12.90 10.86 -1.03
N GLU A 26 -14.08 10.24 -1.19
CA GLU A 26 -15.10 10.11 -0.16
C GLU A 26 -14.66 9.21 1.03
N TRP A 27 -13.66 8.35 0.86
CA TRP A 27 -13.10 7.50 1.92
C TRP A 27 -12.23 8.30 2.91
N LYS A 28 -12.14 7.80 4.15
CA LYS A 28 -11.32 8.31 5.25
C LYS A 28 -10.53 7.18 5.93
N THR A 29 -9.64 7.55 6.87
CA THR A 29 -8.91 6.62 7.75
C THR A 29 -9.84 5.62 8.44
N SER A 30 -11.06 6.03 8.79
CA SER A 30 -12.07 5.15 9.39
C SER A 30 -12.55 4.04 8.45
N ASP A 31 -12.80 4.34 7.18
CA ASP A 31 -13.15 3.34 6.15
C ASP A 31 -11.98 2.39 5.89
N LEU A 32 -10.75 2.89 6.02
CA LEU A 32 -9.53 2.10 5.90
C LEU A 32 -9.34 1.15 7.11
N TYR A 33 -9.56 1.62 8.34
CA TYR A 33 -9.63 0.74 9.51
C TYR A 33 -10.73 -0.33 9.36
N GLN A 34 -11.92 0.03 8.86
CA GLN A 34 -13.00 -0.93 8.60
C GLN A 34 -12.63 -1.98 7.54
N LEU A 35 -11.83 -1.62 6.53
CA LEU A 35 -11.33 -2.52 5.48
C LEU A 35 -10.25 -3.51 5.97
N PHE A 36 -9.44 -3.12 6.97
CA PHE A 36 -8.25 -3.87 7.38
C PHE A 36 -8.23 -4.36 8.85
N SER A 37 -9.26 -4.08 9.65
CA SER A 37 -9.39 -4.54 11.05
C SER A 37 -9.32 -6.08 11.23
N ALA A 38 -9.64 -6.84 10.19
CA ALA A 38 -9.53 -8.30 10.14
C ALA A 38 -8.10 -8.84 10.40
N PHE A 39 -7.06 -7.99 10.30
CA PHE A 39 -5.66 -8.34 10.48
C PHE A 39 -5.09 -7.98 11.88
N GLY A 40 -5.93 -7.47 12.78
CA GLY A 40 -5.65 -7.29 14.22
C GLY A 40 -4.86 -6.02 14.58
N ASN A 41 -3.80 -5.71 13.83
CA ASN A 41 -2.98 -4.50 14.01
C ASN A 41 -2.38 -4.05 12.67
N ILE A 42 -2.47 -2.74 12.38
CA ILE A 42 -2.10 -2.13 11.10
C ILE A 42 -1.50 -0.72 11.27
N GLN A 43 -1.01 -0.13 10.18
CA GLN A 43 -0.64 1.28 10.08
C GLN A 43 -1.08 1.82 8.71
N ILE A 44 -1.61 3.04 8.66
CA ILE A 44 -2.09 3.71 7.44
C ILE A 44 -1.18 4.91 7.17
N SER A 45 -0.73 5.05 5.91
CA SER A 45 0.25 6.06 5.48
C SER A 45 -0.12 6.61 4.10
N TRP A 46 -0.80 7.76 4.06
CA TRP A 46 -1.28 8.42 2.85
C TRP A 46 -0.18 8.77 1.84
N ILE A 47 -0.56 8.83 0.54
CA ILE A 47 0.27 9.36 -0.55
C ILE A 47 -0.50 10.30 -1.49
N ASP A 48 -1.84 10.24 -1.50
CA ASP A 48 -2.72 11.14 -2.25
C ASP A 48 -4.12 11.28 -1.61
N ASP A 49 -4.96 12.10 -2.21
CA ASP A 49 -6.39 12.27 -1.90
C ASP A 49 -7.22 10.99 -2.15
N THR A 50 -6.66 10.06 -2.93
CA THR A 50 -7.30 8.83 -3.46
C THR A 50 -6.42 7.57 -3.33
N SER A 51 -5.28 7.66 -2.63
CA SER A 51 -4.35 6.53 -2.43
C SER A 51 -3.57 6.61 -1.11
N ALA A 52 -3.28 5.44 -0.53
CA ALA A 52 -2.49 5.27 0.69
C ALA A 52 -1.78 3.90 0.73
N PHE A 53 -0.72 3.80 1.53
CA PHE A 53 -0.11 2.52 1.90
C PHE A 53 -0.75 1.99 3.19
N VAL A 54 -0.76 0.67 3.37
CA VAL A 54 -1.21 0.00 4.60
C VAL A 54 -0.24 -1.11 4.99
N SER A 55 0.41 -0.94 6.14
CA SER A 55 1.22 -1.95 6.83
C SER A 55 0.30 -2.92 7.58
N LEU A 56 0.64 -4.20 7.62
CA LEU A 56 -0.08 -5.25 8.38
C LEU A 56 0.84 -5.91 9.42
N SER A 57 0.25 -6.58 10.41
CA SER A 57 0.96 -7.19 11.55
C SER A 57 1.99 -8.27 11.12
N GLN A 58 1.69 -9.03 10.06
CA GLN A 58 2.53 -10.12 9.55
C GLN A 58 2.55 -10.15 8.01
N PRO A 59 3.65 -10.65 7.37
CA PRO A 59 3.76 -10.68 5.91
C PRO A 59 2.82 -11.67 5.22
N GLU A 60 2.35 -12.72 5.93
CA GLU A 60 1.33 -13.65 5.42
C GLU A 60 -0.01 -12.95 5.13
N GLN A 61 -0.37 -11.94 5.93
CA GLN A 61 -1.62 -11.19 5.79
C GLN A 61 -1.69 -10.37 4.49
N VAL A 62 -0.54 -9.97 3.94
CA VAL A 62 -0.43 -9.29 2.63
C VAL A 62 -0.93 -10.22 1.51
N GLN A 63 -0.50 -11.49 1.51
CA GLN A 63 -0.96 -12.50 0.55
C GLN A 63 -2.46 -12.78 0.67
N ILE A 64 -2.98 -12.86 1.91
CA ILE A 64 -4.41 -13.03 2.18
C ILE A 64 -5.21 -11.85 1.61
N ALA A 65 -4.83 -10.60 1.90
CA ALA A 65 -5.51 -9.41 1.39
C ALA A 65 -5.50 -9.30 -0.14
N VAL A 66 -4.39 -9.64 -0.80
CA VAL A 66 -4.31 -9.71 -2.28
C VAL A 66 -5.27 -10.77 -2.85
N ASN A 67 -5.45 -11.90 -2.17
CA ASN A 67 -6.40 -12.96 -2.57
C ASN A 67 -7.88 -12.59 -2.34
N THR A 68 -8.19 -11.79 -1.32
CA THR A 68 -9.58 -11.43 -0.95
C THR A 68 -10.08 -10.14 -1.63
N SER A 69 -9.20 -9.17 -1.89
CA SER A 69 -9.55 -7.88 -2.50
C SER A 69 -9.93 -7.94 -3.98
N LYS A 70 -9.60 -9.03 -4.69
CA LYS A 70 -9.90 -9.23 -6.12
C LYS A 70 -11.41 -9.22 -6.47
N TYR A 71 -12.29 -9.28 -5.47
CA TYR A 71 -13.75 -9.23 -5.59
C TYR A 71 -14.37 -7.85 -5.28
N ALA A 72 -13.57 -6.84 -4.95
CA ALA A 72 -14.02 -5.48 -4.62
C ALA A 72 -14.77 -4.77 -5.76
N GLU A 73 -15.57 -3.76 -5.40
CA GLU A 73 -16.40 -2.96 -6.34
C GLU A 73 -16.37 -1.44 -6.07
N SER A 74 -15.65 -0.98 -5.04
CA SER A 74 -15.57 0.42 -4.60
C SER A 74 -14.15 0.86 -4.15
N TYR A 75 -13.18 -0.04 -4.23
CA TYR A 75 -11.76 0.16 -3.89
C TYR A 75 -10.90 -0.88 -4.64
N ARG A 76 -9.56 -0.78 -4.52
CA ARG A 76 -8.58 -1.75 -5.02
C ARG A 76 -7.37 -1.83 -4.09
N ILE A 77 -6.72 -3.00 -4.04
CA ILE A 77 -5.50 -3.28 -3.26
C ILE A 77 -4.48 -3.99 -4.16
N GLN A 78 -3.19 -3.71 -3.94
CA GLN A 78 -2.04 -4.42 -4.52
C GLN A 78 -0.82 -4.36 -3.57
N THR A 79 0.24 -5.13 -3.84
CA THR A 79 1.48 -5.05 -3.05
C THR A 79 2.27 -3.76 -3.31
N TYR A 80 3.20 -3.42 -2.42
CA TYR A 80 4.16 -2.33 -2.65
C TYR A 80 5.00 -2.56 -3.93
N ALA A 81 5.38 -3.81 -4.21
CA ALA A 81 6.11 -4.20 -5.42
C ALA A 81 5.28 -4.00 -6.70
N GLU A 82 3.97 -4.29 -6.68
CA GLU A 82 3.06 -3.99 -7.80
C GLU A 82 2.85 -2.49 -8.00
N TYR A 83 2.76 -1.70 -6.92
CA TYR A 83 2.71 -0.22 -6.98
C TYR A 83 3.96 0.35 -7.68
N VAL A 84 5.16 -0.12 -7.30
CA VAL A 84 6.44 0.19 -7.98
C VAL A 84 6.43 -0.24 -9.45
N GLY A 85 5.91 -1.44 -9.74
CA GLY A 85 5.96 -2.07 -11.07
C GLY A 85 5.20 -1.34 -12.17
N LYS A 86 4.18 -0.52 -11.85
CA LYS A 86 3.55 0.41 -12.80
C LYS A 86 4.35 1.72 -12.93
N LYS A 87 4.79 2.29 -11.80
CA LYS A 87 5.44 3.61 -11.72
C LYS A 87 6.74 3.74 -12.52
N GLN A 88 7.50 2.66 -12.68
CA GLN A 88 8.72 2.63 -13.51
C GLN A 88 8.51 2.98 -15.00
N LYS A 89 7.26 2.89 -15.51
CA LYS A 89 6.88 3.26 -16.89
C LYS A 89 6.22 4.65 -16.99
N GLY A 90 5.82 5.24 -15.86
CA GLY A 90 5.10 6.52 -15.77
C GLY A 90 5.99 7.77 -15.79
N LYS A 91 6.88 7.87 -16.80
CA LYS A 91 7.89 8.93 -16.95
C LYS A 91 8.04 9.40 -18.40
N GLN A 92 8.48 10.65 -18.59
CA GLN A 92 8.72 11.29 -19.89
C GLN A 92 9.94 12.24 -19.86
N VAL A 93 10.31 12.79 -21.02
CA VAL A 93 11.53 13.60 -21.24
C VAL A 93 11.25 14.97 -21.90
N LYS A 94 10.00 15.41 -21.86
CA LYS A 94 9.50 16.67 -22.47
C LYS A 94 8.44 17.36 -21.57
N SER A 95 8.09 18.60 -21.92
CA SER A 95 7.16 19.46 -21.17
C SER A 95 6.31 20.35 -22.11
N GLY A 96 5.47 21.21 -21.54
CA GLY A 96 4.50 22.08 -22.22
C GLY A 96 4.65 23.56 -21.84
N PRO A 97 5.75 24.24 -22.20
CA PRO A 97 6.03 25.63 -21.82
C PRO A 97 5.07 26.67 -22.42
N SER A 98 4.24 26.29 -23.39
CA SER A 98 3.15 27.11 -23.96
C SER A 98 2.00 27.39 -22.99
N SER A 99 1.83 26.58 -21.93
CA SER A 99 0.82 26.78 -20.89
C SER A 99 1.05 28.05 -20.05
N GLY A 100 -0.03 28.60 -19.48
CA GLY A 100 -0.01 29.80 -18.62
C GLY A 100 -1.41 30.25 -18.20
N GLY A 1 8.95 22.67 -2.69
CA GLY A 1 9.46 23.08 -1.36
C GLY A 1 8.86 22.24 -0.26
N SER A 2 9.70 21.67 0.62
CA SER A 2 9.32 20.71 1.68
C SER A 2 8.52 19.49 1.16
N SER A 3 8.76 19.11 -0.09
CA SER A 3 7.98 18.13 -0.87
C SER A 3 7.96 16.69 -0.29
N GLY A 4 8.94 16.33 0.55
CA GLY A 4 9.02 15.02 1.20
C GLY A 4 7.93 14.78 2.28
N SER A 5 7.41 15.86 2.89
CA SER A 5 6.37 15.79 3.93
C SER A 5 5.01 15.31 3.42
N SER A 6 4.74 15.40 2.11
CA SER A 6 3.47 15.07 1.46
C SER A 6 3.05 13.59 1.54
N GLY A 7 3.96 12.68 1.93
CA GLY A 7 3.72 11.24 2.01
C GLY A 7 4.17 10.58 3.34
N GLY A 8 4.57 11.37 4.34
CA GLY A 8 5.01 10.94 5.67
C GLY A 8 5.88 9.66 5.74
N PRO A 9 7.01 9.57 5.01
CA PRO A 9 7.87 8.39 4.97
C PRO A 9 8.56 8.09 6.31
N ASP A 10 9.12 6.89 6.45
CA ASP A 10 9.81 6.40 7.67
C ASP A 10 11.08 5.58 7.38
N LEU A 11 11.80 5.22 8.45
CA LEU A 11 13.13 4.58 8.41
C LEU A 11 13.13 3.04 8.25
N GLN A 12 11.96 2.40 8.06
CA GLN A 12 11.87 0.93 8.01
C GLN A 12 12.75 0.33 6.87
N PRO A 13 13.56 -0.71 7.15
CA PRO A 13 14.49 -1.30 6.17
C PRO A 13 13.81 -2.25 5.15
N LYS A 14 12.52 -2.56 5.34
CA LYS A 14 11.75 -3.53 4.54
C LYS A 14 10.33 -2.99 4.23
N ARG A 15 9.71 -3.51 3.16
CA ARG A 15 8.34 -3.19 2.71
C ARG A 15 7.53 -4.44 2.31
N ASP A 16 8.05 -5.64 2.57
CA ASP A 16 7.40 -6.92 2.24
C ASP A 16 6.06 -7.14 3.00
N HIS A 17 5.90 -6.48 4.14
CA HIS A 17 4.71 -6.46 5.01
C HIS A 17 3.75 -5.29 4.72
N VAL A 18 3.88 -4.65 3.55
CA VAL A 18 3.18 -3.39 3.20
C VAL A 18 2.41 -3.52 1.88
N LEU A 19 1.17 -3.01 1.89
CA LEU A 19 0.27 -2.89 0.75
C LEU A 19 0.22 -1.47 0.20
N HIS A 20 -0.36 -1.33 -0.98
CA HIS A 20 -0.79 -0.09 -1.62
C HIS A 20 -2.28 -0.23 -1.94
N VAL A 21 -3.05 0.82 -1.65
CA VAL A 21 -4.53 0.82 -1.70
C VAL A 21 -5.00 2.04 -2.49
N THR A 22 -6.04 1.86 -3.32
CA THR A 22 -6.62 2.89 -4.18
C THR A 22 -8.14 2.90 -4.01
N PHE A 23 -8.74 4.09 -3.91
CA PHE A 23 -10.14 4.29 -3.53
C PHE A 23 -10.69 5.66 -4.00
N PRO A 24 -12.02 5.84 -4.12
CA PRO A 24 -12.66 7.14 -4.32
C PRO A 24 -12.27 8.18 -3.26
N LYS A 25 -12.23 9.46 -3.64
CA LYS A 25 -11.85 10.60 -2.78
C LYS A 25 -12.71 10.82 -1.53
N GLU A 26 -13.85 10.13 -1.42
CA GLU A 26 -14.76 10.18 -0.27
C GLU A 26 -14.38 9.23 0.88
N TRP A 27 -13.45 8.29 0.67
CA TRP A 27 -12.93 7.39 1.73
C TRP A 27 -12.20 8.13 2.85
N LYS A 28 -12.12 7.49 4.03
CA LYS A 28 -11.50 8.00 5.27
C LYS A 28 -10.55 6.97 5.89
N THR A 29 -9.68 7.42 6.80
CA THR A 29 -8.85 6.56 7.66
C THR A 29 -9.69 5.53 8.41
N SER A 30 -10.90 5.89 8.84
CA SER A 30 -11.83 4.98 9.51
C SER A 30 -12.34 3.85 8.61
N ASP A 31 -12.66 4.15 7.34
CA ASP A 31 -13.02 3.12 6.34
C ASP A 31 -11.84 2.19 6.04
N LEU A 32 -10.61 2.72 6.13
CA LEU A 32 -9.37 1.95 5.96
C LEU A 32 -9.13 1.00 7.15
N TYR A 33 -9.27 1.48 8.39
CA TYR A 33 -9.26 0.60 9.57
C TYR A 33 -10.38 -0.47 9.52
N GLN A 34 -11.58 -0.13 9.04
CA GLN A 34 -12.68 -1.07 8.86
C GLN A 34 -12.39 -2.13 7.77
N LEU A 35 -11.74 -1.75 6.66
CA LEU A 35 -11.31 -2.64 5.57
C LEU A 35 -10.29 -3.68 6.04
N PHE A 36 -9.43 -3.31 7.00
CA PHE A 36 -8.33 -4.16 7.46
C PHE A 36 -8.49 -4.70 8.91
N SER A 37 -9.67 -4.53 9.52
CA SER A 37 -10.02 -5.11 10.83
C SER A 37 -9.89 -6.65 10.89
N ALA A 38 -9.94 -7.33 9.73
CA ALA A 38 -9.67 -8.76 9.58
C ALA A 38 -8.24 -9.20 10.01
N PHE A 39 -7.31 -8.24 10.18
CA PHE A 39 -5.91 -8.48 10.55
C PHE A 39 -5.55 -7.93 11.94
N GLY A 40 -6.52 -7.41 12.69
CA GLY A 40 -6.40 -6.99 14.09
C GLY A 40 -5.74 -5.62 14.32
N ASN A 41 -4.63 -5.34 13.63
CA ASN A 41 -3.89 -4.07 13.72
C ASN A 41 -3.11 -3.78 12.42
N ILE A 42 -3.03 -2.49 12.05
CA ILE A 42 -2.32 -1.96 10.88
C ILE A 42 -1.72 -0.57 11.16
N GLN A 43 -0.98 -0.02 10.19
CA GLN A 43 -0.52 1.37 10.16
C GLN A 43 -0.70 1.95 8.75
N ILE A 44 -1.04 3.23 8.64
CA ILE A 44 -1.47 3.88 7.38
C ILE A 44 -0.57 5.08 7.06
N SER A 45 -0.13 5.18 5.81
CA SER A 45 0.72 6.24 5.26
C SER A 45 0.16 6.74 3.93
N TRP A 46 -0.60 7.83 3.96
CA TRP A 46 -1.23 8.45 2.78
C TRP A 46 -0.23 8.80 1.66
N ILE A 47 -0.74 8.88 0.42
CA ILE A 47 0.02 9.24 -0.79
C ILE A 47 -0.70 10.36 -1.55
N ASP A 48 -2.04 10.31 -1.61
CA ASP A 48 -2.91 11.34 -2.18
C ASP A 48 -4.31 11.29 -1.53
N ASP A 49 -5.27 12.07 -2.04
CA ASP A 49 -6.69 12.02 -1.64
C ASP A 49 -7.36 10.66 -1.97
N THR A 50 -6.76 9.87 -2.86
CA THR A 50 -7.32 8.65 -3.48
C THR A 50 -6.44 7.40 -3.35
N SER A 51 -5.29 7.49 -2.67
CA SER A 51 -4.44 6.32 -2.39
C SER A 51 -3.57 6.46 -1.13
N ALA A 52 -3.23 5.30 -0.56
CA ALA A 52 -2.42 5.19 0.67
C ALA A 52 -1.63 3.85 0.70
N PHE A 53 -0.49 3.84 1.38
CA PHE A 53 0.25 2.63 1.74
C PHE A 53 -0.26 2.14 3.11
N VAL A 54 -0.29 0.82 3.32
CA VAL A 54 -0.82 0.19 4.55
C VAL A 54 0.07 -0.96 4.99
N SER A 55 0.75 -0.77 6.12
CA SER A 55 1.53 -1.78 6.85
C SER A 55 0.62 -2.73 7.61
N LEU A 56 0.92 -4.04 7.58
CA LEU A 56 0.16 -5.08 8.29
C LEU A 56 0.96 -5.72 9.44
N SER A 57 0.26 -6.41 10.35
CA SER A 57 0.86 -7.08 11.51
C SER A 57 1.82 -8.22 11.15
N GLN A 58 1.55 -8.95 10.05
CA GLN A 58 2.34 -10.08 9.54
C GLN A 58 2.42 -10.07 8.00
N PRO A 59 3.51 -10.55 7.38
CA PRO A 59 3.67 -10.53 5.93
C PRO A 59 2.74 -11.49 5.17
N GLU A 60 2.26 -12.58 5.80
CA GLU A 60 1.28 -13.48 5.19
C GLU A 60 -0.09 -12.82 4.95
N GLN A 61 -0.45 -11.79 5.74
CA GLN A 61 -1.69 -11.04 5.60
C GLN A 61 -1.74 -10.20 4.30
N VAL A 62 -0.56 -9.83 3.77
CA VAL A 62 -0.41 -9.10 2.50
C VAL A 62 -0.96 -9.95 1.34
N GLN A 63 -0.61 -11.24 1.31
CA GLN A 63 -1.10 -12.19 0.30
C GLN A 63 -2.62 -12.41 0.40
N ILE A 64 -3.15 -12.48 1.62
CA ILE A 64 -4.60 -12.60 1.88
C ILE A 64 -5.35 -11.39 1.32
N ALA A 65 -4.90 -10.16 1.63
CA ALA A 65 -5.54 -8.93 1.16
C ALA A 65 -5.53 -8.77 -0.36
N VAL A 66 -4.42 -9.15 -1.02
CA VAL A 66 -4.35 -9.18 -2.50
C VAL A 66 -5.33 -10.21 -3.08
N ASN A 67 -5.48 -11.39 -2.46
CA ASN A 67 -6.46 -12.39 -2.88
C ASN A 67 -7.92 -11.90 -2.72
N THR A 68 -8.27 -11.28 -1.59
CA THR A 68 -9.63 -10.83 -1.29
C THR A 68 -10.06 -9.60 -2.09
N SER A 69 -9.12 -8.75 -2.53
CA SER A 69 -9.40 -7.54 -3.34
C SER A 69 -10.01 -7.83 -4.72
N LYS A 70 -9.87 -9.06 -5.25
CA LYS A 70 -10.54 -9.54 -6.47
C LYS A 70 -12.08 -9.52 -6.41
N TYR A 71 -12.64 -9.33 -5.21
CA TYR A 71 -14.08 -9.33 -4.92
C TYR A 71 -14.58 -8.00 -4.32
N ALA A 72 -13.75 -6.95 -4.35
CA ALA A 72 -14.12 -5.58 -3.96
C ALA A 72 -15.21 -4.97 -4.87
N GLU A 73 -15.83 -3.89 -4.40
CA GLU A 73 -16.87 -3.12 -5.11
C GLU A 73 -16.62 -1.59 -5.08
N SER A 74 -15.71 -1.11 -4.23
CA SER A 74 -15.49 0.32 -3.93
C SER A 74 -14.02 0.70 -3.65
N TYR A 75 -13.08 -0.23 -3.86
CA TYR A 75 -11.65 -0.06 -3.61
C TYR A 75 -10.81 -1.06 -4.44
N ARG A 76 -9.47 -0.95 -4.38
CA ARG A 76 -8.49 -1.89 -4.95
C ARG A 76 -7.24 -1.94 -4.07
N ILE A 77 -6.57 -3.10 -4.04
CA ILE A 77 -5.36 -3.38 -3.24
C ILE A 77 -4.30 -4.08 -4.12
N GLN A 78 -3.03 -3.79 -3.86
CA GLN A 78 -1.86 -4.47 -4.41
C GLN A 78 -0.68 -4.43 -3.40
N THR A 79 0.41 -5.16 -3.63
CA THR A 79 1.62 -5.05 -2.79
C THR A 79 2.38 -3.74 -3.04
N TYR A 80 3.29 -3.37 -2.13
CA TYR A 80 4.24 -2.27 -2.35
C TYR A 80 5.06 -2.46 -3.65
N ALA A 81 5.52 -3.68 -3.92
CA ALA A 81 6.28 -4.02 -5.13
C ALA A 81 5.44 -3.96 -6.42
N GLU A 82 4.17 -4.39 -6.38
CA GLU A 82 3.22 -4.25 -7.50
C GLU A 82 2.98 -2.78 -7.87
N TYR A 83 2.84 -1.89 -6.89
CA TYR A 83 2.76 -0.45 -7.13
C TYR A 83 4.03 0.08 -7.81
N VAL A 84 5.21 -0.19 -7.25
CA VAL A 84 6.52 0.23 -7.81
C VAL A 84 6.70 -0.24 -9.26
N GLY A 85 6.35 -1.48 -9.57
CA GLY A 85 6.48 -2.07 -10.92
C GLY A 85 5.51 -1.50 -11.97
N LYS A 86 4.53 -0.69 -11.56
CA LYS A 86 3.54 0.00 -12.42
C LYS A 86 3.68 1.53 -12.40
N LYS A 87 4.46 2.08 -11.47
CA LYS A 87 4.66 3.52 -11.22
C LYS A 87 5.20 4.28 -12.43
N GLN A 88 6.13 3.68 -13.18
CA GLN A 88 6.71 4.22 -14.43
C GLN A 88 7.05 3.14 -15.46
N LYS A 89 7.75 2.07 -15.05
CA LYS A 89 8.30 1.02 -15.93
C LYS A 89 8.55 -0.31 -15.21
N GLY A 90 8.83 -1.36 -15.98
CA GLY A 90 9.17 -2.71 -15.49
C GLY A 90 9.72 -3.63 -16.59
N LYS A 91 10.10 -4.85 -16.22
CA LYS A 91 10.65 -5.90 -17.11
C LYS A 91 9.62 -6.41 -18.14
N GLN A 92 10.11 -7.14 -19.14
CA GLN A 92 9.32 -7.76 -20.23
C GLN A 92 9.74 -9.22 -20.47
N VAL A 93 8.83 -10.03 -21.02
CA VAL A 93 8.99 -11.49 -21.19
C VAL A 93 9.97 -11.91 -22.31
N LYS A 94 10.32 -11.00 -23.22
CA LYS A 94 11.19 -11.26 -24.39
C LYS A 94 11.96 -9.99 -24.81
N SER A 95 13.15 -10.19 -25.37
CA SER A 95 14.03 -9.15 -25.95
C SER A 95 14.74 -9.67 -27.21
N GLY A 96 15.34 -8.77 -27.99
CA GLY A 96 16.13 -9.11 -29.18
C GLY A 96 16.80 -7.89 -29.84
N PRO A 97 17.69 -8.10 -30.84
CA PRO A 97 18.45 -7.04 -31.50
C PRO A 97 17.63 -6.17 -32.49
N SER A 98 16.49 -6.69 -32.97
CA SER A 98 15.60 -6.04 -33.94
C SER A 98 14.17 -6.60 -33.88
N SER A 99 13.23 -5.93 -34.57
CA SER A 99 11.79 -6.26 -34.59
C SER A 99 11.17 -6.28 -36.01
N GLY A 100 12.00 -6.18 -37.06
CA GLY A 100 11.58 -6.15 -38.47
C GLY A 100 12.75 -5.96 -39.43
N GLY A 1 4.75 -3.13 26.96
CA GLY A 1 4.27 -2.06 26.06
C GLY A 1 5.42 -1.27 25.46
N SER A 2 5.20 -0.65 24.30
CA SER A 2 6.23 0.01 23.47
C SER A 2 5.86 1.43 22.99
N SER A 3 4.75 2.00 23.48
CA SER A 3 4.28 3.36 23.14
C SER A 3 5.29 4.46 23.49
N GLY A 4 6.08 4.26 24.56
CA GLY A 4 7.20 5.14 24.97
C GLY A 4 8.37 5.19 23.96
N SER A 5 8.37 4.31 22.96
CA SER A 5 9.35 4.22 21.87
C SER A 5 8.67 4.17 20.48
N SER A 6 7.40 4.60 20.40
CA SER A 6 6.54 4.59 19.21
C SER A 6 6.43 3.24 18.47
N GLY A 7 6.72 2.13 19.16
CA GLY A 7 6.78 0.77 18.60
C GLY A 7 7.96 0.51 17.64
N GLY A 8 8.85 1.48 17.41
CA GLY A 8 9.98 1.38 16.48
C GLY A 8 10.48 2.74 15.95
N PRO A 9 11.55 2.75 15.12
CA PRO A 9 12.09 3.95 14.49
C PRO A 9 11.17 4.52 13.39
N ASP A 10 11.54 5.68 12.85
CA ASP A 10 10.83 6.42 11.79
C ASP A 10 10.89 5.78 10.38
N LEU A 11 11.55 4.62 10.24
CA LEU A 11 11.76 3.88 8.98
C LEU A 11 11.70 2.35 9.19
N GLN A 12 11.80 1.59 8.10
CA GLN A 12 11.82 0.11 8.12
C GLN A 12 12.70 -0.47 6.99
N PRO A 13 13.49 -1.54 7.22
CA PRO A 13 14.39 -2.11 6.21
C PRO A 13 13.74 -2.61 4.91
N LYS A 14 12.53 -3.15 4.99
CA LYS A 14 11.82 -3.88 3.92
C LYS A 14 10.31 -3.55 3.88
N ARG A 15 9.62 -4.06 2.84
CA ARG A 15 8.20 -3.81 2.52
C ARG A 15 7.40 -5.09 2.25
N ASP A 16 7.93 -6.26 2.62
CA ASP A 16 7.31 -7.58 2.43
C ASP A 16 5.95 -7.77 3.14
N HIS A 17 5.62 -6.86 4.06
CA HIS A 17 4.43 -6.82 4.91
C HIS A 17 3.56 -5.57 4.65
N VAL A 18 3.76 -4.90 3.50
CA VAL A 18 3.12 -3.61 3.13
C VAL A 18 2.37 -3.73 1.81
N LEU A 19 1.23 -3.03 1.74
CA LEU A 19 0.31 -2.94 0.62
C LEU A 19 0.13 -1.50 0.16
N HIS A 20 -0.46 -1.33 -1.02
CA HIS A 20 -0.95 -0.07 -1.57
C HIS A 20 -2.43 -0.24 -1.94
N VAL A 21 -3.23 0.80 -1.73
CA VAL A 21 -4.69 0.76 -1.79
C VAL A 21 -5.20 1.97 -2.57
N THR A 22 -6.26 1.78 -3.37
CA THR A 22 -6.89 2.82 -4.19
C THR A 22 -8.40 2.83 -3.96
N PHE A 23 -8.99 4.02 -3.84
CA PHE A 23 -10.38 4.22 -3.40
C PHE A 23 -10.96 5.58 -3.84
N PRO A 24 -12.29 5.75 -3.93
CA PRO A 24 -12.95 7.05 -4.10
C PRO A 24 -12.53 8.07 -3.03
N LYS A 25 -12.40 9.36 -3.41
CA LYS A 25 -11.98 10.45 -2.50
C LYS A 25 -12.82 10.61 -1.23
N GLU A 26 -14.08 10.17 -1.27
CA GLU A 26 -15.03 10.19 -0.16
C GLU A 26 -14.64 9.25 1.01
N TRP A 27 -13.69 8.33 0.84
CA TRP A 27 -13.12 7.50 1.90
C TRP A 27 -12.27 8.30 2.90
N LYS A 28 -12.14 7.77 4.12
CA LYS A 28 -11.29 8.27 5.21
C LYS A 28 -10.41 7.16 5.78
N THR A 29 -9.46 7.51 6.65
CA THR A 29 -8.66 6.58 7.46
C THR A 29 -9.54 5.60 8.24
N SER A 30 -10.74 6.02 8.66
CA SER A 30 -11.75 5.15 9.29
C SER A 30 -12.29 4.05 8.38
N ASP A 31 -12.60 4.36 7.11
CA ASP A 31 -13.01 3.35 6.13
C ASP A 31 -11.86 2.38 5.79
N LEU A 32 -10.61 2.87 5.87
CA LEU A 32 -9.41 2.05 5.72
C LEU A 32 -9.21 1.11 6.93
N TYR A 33 -9.40 1.60 8.16
CA TYR A 33 -9.45 0.72 9.35
C TYR A 33 -10.58 -0.32 9.24
N GLN A 34 -11.76 0.03 8.72
CA GLN A 34 -12.87 -0.91 8.50
C GLN A 34 -12.54 -1.97 7.42
N LEU A 35 -11.78 -1.62 6.38
CA LEU A 35 -11.32 -2.53 5.32
C LEU A 35 -10.26 -3.55 5.82
N PHE A 36 -9.43 -3.17 6.79
CA PHE A 36 -8.26 -3.95 7.24
C PHE A 36 -8.32 -4.44 8.70
N SER A 37 -9.43 -4.25 9.42
CA SER A 37 -9.65 -4.69 10.81
C SER A 37 -9.49 -6.21 11.02
N ALA A 38 -9.69 -7.01 9.97
CA ALA A 38 -9.49 -8.47 9.97
C ALA A 38 -8.07 -8.94 10.31
N PHE A 39 -7.08 -8.04 10.27
CA PHE A 39 -5.65 -8.33 10.49
C PHE A 39 -5.14 -7.93 11.90
N GLY A 40 -6.03 -7.44 12.77
CA GLY A 40 -5.79 -7.20 14.20
C GLY A 40 -5.11 -5.87 14.54
N ASN A 41 -4.01 -5.54 13.85
CA ASN A 41 -3.28 -4.28 13.99
C ASN A 41 -2.55 -3.91 12.68
N ILE A 42 -2.57 -2.62 12.33
CA ILE A 42 -2.11 -2.07 11.05
C ILE A 42 -1.48 -0.67 11.21
N GLN A 43 -0.93 -0.11 10.13
CA GLN A 43 -0.48 1.28 10.03
C GLN A 43 -0.87 1.81 8.64
N ILE A 44 -1.34 3.06 8.54
CA ILE A 44 -1.84 3.68 7.30
C ILE A 44 -1.01 4.94 6.98
N SER A 45 -0.53 5.05 5.74
CA SER A 45 0.33 6.14 5.26
C SER A 45 -0.13 6.66 3.89
N TRP A 46 -0.86 7.78 3.89
CA TRP A 46 -1.32 8.47 2.68
C TRP A 46 -0.18 8.88 1.74
N ILE A 47 -0.49 8.98 0.44
CA ILE A 47 0.39 9.56 -0.59
C ILE A 47 -0.36 10.53 -1.54
N ASP A 48 -1.68 10.37 -1.71
CA ASP A 48 -2.56 11.32 -2.41
C ASP A 48 -4.03 11.18 -1.96
N ASP A 49 -4.94 12.00 -2.49
CA ASP A 49 -6.35 12.05 -2.10
C ASP A 49 -7.19 10.78 -2.39
N THR A 50 -6.70 9.85 -3.22
CA THR A 50 -7.39 8.63 -3.64
C THR A 50 -6.53 7.36 -3.54
N SER A 51 -5.32 7.44 -2.99
CA SER A 51 -4.48 6.27 -2.70
C SER A 51 -3.53 6.43 -1.50
N ALA A 52 -3.20 5.30 -0.86
CA ALA A 52 -2.40 5.22 0.37
C ALA A 52 -1.70 3.85 0.51
N PHE A 53 -0.65 3.79 1.33
CA PHE A 53 -0.03 2.53 1.75
C PHE A 53 -0.68 2.03 3.05
N VAL A 54 -0.67 0.71 3.25
CA VAL A 54 -1.14 0.04 4.48
C VAL A 54 -0.15 -1.06 4.88
N SER A 55 0.47 -0.91 6.04
CA SER A 55 1.32 -1.93 6.68
C SER A 55 0.48 -2.90 7.50
N LEU A 56 0.82 -4.18 7.48
CA LEU A 56 0.13 -5.26 8.23
C LEU A 56 1.08 -5.94 9.24
N SER A 57 0.51 -6.70 10.18
CA SER A 57 1.23 -7.31 11.31
C SER A 57 2.31 -8.32 10.89
N GLN A 58 2.10 -9.04 9.77
CA GLN A 58 3.08 -9.98 9.21
C GLN A 58 2.93 -10.16 7.67
N PRO A 59 3.98 -10.61 6.95
CA PRO A 59 3.95 -10.84 5.49
C PRO A 59 2.83 -11.77 5.01
N GLU A 60 2.43 -12.77 5.80
CA GLU A 60 1.37 -13.73 5.44
C GLU A 60 0.01 -13.05 5.14
N GLN A 61 -0.32 -11.97 5.86
CA GLN A 61 -1.58 -11.24 5.73
C GLN A 61 -1.71 -10.47 4.40
N VAL A 62 -0.58 -10.13 3.77
CA VAL A 62 -0.51 -9.42 2.47
C VAL A 62 -1.21 -10.24 1.37
N GLN A 63 -0.98 -11.55 1.32
CA GLN A 63 -1.61 -12.45 0.34
C GLN A 63 -3.12 -12.57 0.56
N ILE A 64 -3.58 -12.54 1.81
CA ILE A 64 -5.01 -12.57 2.16
C ILE A 64 -5.73 -11.31 1.64
N ALA A 65 -5.17 -10.12 1.88
CA ALA A 65 -5.74 -8.86 1.39
C ALA A 65 -5.75 -8.76 -0.15
N VAL A 66 -4.69 -9.25 -0.82
CA VAL A 66 -4.64 -9.35 -2.29
C VAL A 66 -5.70 -10.32 -2.83
N ASN A 67 -5.94 -11.46 -2.16
CA ASN A 67 -7.04 -12.37 -2.50
C ASN A 67 -8.42 -11.70 -2.36
N THR A 68 -8.69 -11.05 -1.22
CA THR A 68 -10.01 -10.46 -0.93
C THR A 68 -10.36 -9.28 -1.85
N SER A 69 -9.36 -8.56 -2.37
CA SER A 69 -9.54 -7.53 -3.40
C SER A 69 -10.06 -8.06 -4.75
N LYS A 70 -9.95 -9.37 -5.03
CA LYS A 70 -10.54 -10.02 -6.21
C LYS A 70 -12.08 -9.93 -6.25
N TYR A 71 -12.70 -9.64 -5.10
CA TYR A 71 -14.16 -9.60 -4.89
C TYR A 71 -14.66 -8.19 -4.49
N ALA A 72 -13.79 -7.17 -4.53
CA ALA A 72 -14.09 -5.79 -4.20
C ALA A 72 -15.09 -5.12 -5.16
N GLU A 73 -15.77 -4.08 -4.68
CA GLU A 73 -16.76 -3.28 -5.46
C GLU A 73 -16.59 -1.75 -5.30
N SER A 74 -15.78 -1.29 -4.34
CA SER A 74 -15.62 0.14 -3.98
C SER A 74 -14.16 0.54 -3.67
N TYR A 75 -13.20 -0.37 -3.89
CA TYR A 75 -11.77 -0.21 -3.60
C TYR A 75 -10.90 -1.17 -4.44
N ARG A 76 -9.58 -1.06 -4.32
CA ARG A 76 -8.57 -1.94 -4.93
C ARG A 76 -7.34 -2.05 -4.02
N ILE A 77 -6.67 -3.21 -3.98
CA ILE A 77 -5.46 -3.49 -3.19
C ILE A 77 -4.40 -4.14 -4.09
N GLN A 78 -3.13 -3.77 -3.88
CA GLN A 78 -1.94 -4.40 -4.49
C GLN A 78 -0.76 -4.40 -3.51
N THR A 79 0.31 -5.16 -3.78
CA THR A 79 1.54 -5.13 -2.97
C THR A 79 2.34 -3.84 -3.15
N TYR A 80 3.27 -3.55 -2.24
CA TYR A 80 4.24 -2.46 -2.42
C TYR A 80 5.09 -2.66 -3.70
N ALA A 81 5.46 -3.90 -4.03
CA ALA A 81 6.17 -4.24 -5.26
C ALA A 81 5.34 -3.96 -6.53
N GLU A 82 4.04 -4.27 -6.51
CA GLU A 82 3.11 -3.93 -7.60
C GLU A 82 2.92 -2.42 -7.77
N TYR A 83 2.98 -1.63 -6.69
CA TYR A 83 3.02 -0.16 -6.77
C TYR A 83 4.33 0.32 -7.41
N VAL A 84 5.49 -0.15 -6.93
CA VAL A 84 6.83 0.19 -7.46
C VAL A 84 6.92 -0.07 -8.98
N GLY A 85 6.42 -1.22 -9.42
CA GLY A 85 6.41 -1.63 -10.84
C GLY A 85 5.51 -0.80 -11.77
N LYS A 86 4.73 0.14 -11.22
CA LYS A 86 3.91 1.13 -11.97
C LYS A 86 4.38 2.57 -11.74
N LYS A 87 4.92 2.86 -10.55
CA LYS A 87 5.62 4.12 -10.18
C LYS A 87 6.86 4.38 -11.06
N GLN A 88 7.56 3.32 -11.47
CA GLN A 88 8.68 3.36 -12.42
C GLN A 88 8.51 2.24 -13.47
N LYS A 89 8.70 2.59 -14.76
CA LYS A 89 8.47 1.74 -15.93
C LYS A 89 9.59 1.85 -16.99
N GLY A 90 10.77 2.34 -16.60
CA GLY A 90 11.94 2.53 -17.47
C GLY A 90 13.25 2.78 -16.70
N LYS A 91 14.36 2.87 -17.43
CA LYS A 91 15.74 2.96 -16.88
C LYS A 91 16.71 3.81 -17.71
N GLN A 92 16.59 3.80 -19.05
CA GLN A 92 17.52 4.46 -19.99
C GLN A 92 17.32 6.00 -20.11
N VAL A 93 16.86 6.67 -19.04
CA VAL A 93 16.60 8.12 -18.99
C VAL A 93 17.86 8.99 -19.17
N LYS A 94 19.05 8.43 -18.93
CA LYS A 94 20.37 9.08 -19.08
C LYS A 94 21.43 8.05 -19.46
N SER A 95 21.67 7.89 -20.77
CA SER A 95 22.76 7.04 -21.31
C SER A 95 24.16 7.51 -20.89
N GLY A 96 25.15 6.64 -21.00
CA GLY A 96 26.54 6.88 -20.58
C GLY A 96 27.47 5.68 -20.87
N PRO A 97 28.69 5.65 -20.32
CA PRO A 97 29.63 4.54 -20.50
C PRO A 97 29.13 3.21 -19.91
N SER A 98 28.16 3.25 -18.99
CA SER A 98 27.39 2.10 -18.48
C SER A 98 26.52 1.40 -19.53
N SER A 99 26.38 1.99 -20.73
CA SER A 99 25.59 1.48 -21.87
C SER A 99 26.41 1.37 -23.18
N GLY A 100 27.73 1.55 -23.13
CA GLY A 100 28.65 1.49 -24.28
C GLY A 100 30.11 1.67 -23.90
N GLY A 1 19.25 -25.03 -12.43
CA GLY A 1 18.57 -23.94 -11.69
C GLY A 1 19.52 -23.17 -10.79
N SER A 2 19.11 -21.98 -10.35
CA SER A 2 19.88 -21.11 -9.42
C SER A 2 18.99 -20.17 -8.60
N SER A 3 17.94 -19.60 -9.21
CA SER A 3 16.96 -18.70 -8.57
C SER A 3 15.59 -18.75 -9.26
N GLY A 4 14.57 -18.18 -8.61
CA GLY A 4 13.18 -18.18 -9.12
C GLY A 4 12.22 -17.22 -8.39
N SER A 5 12.73 -16.16 -7.77
CA SER A 5 11.95 -15.15 -7.03
C SER A 5 12.68 -13.80 -6.97
N SER A 6 11.92 -12.70 -6.87
CA SER A 6 12.43 -11.35 -6.58
C SER A 6 12.91 -11.18 -5.13
N GLY A 7 12.44 -12.01 -4.20
CA GLY A 7 12.77 -11.97 -2.77
C GLY A 7 12.11 -10.82 -1.98
N GLY A 8 11.27 -10.00 -2.61
CA GLY A 8 10.65 -8.80 -2.02
C GLY A 8 10.31 -7.72 -3.06
N PRO A 9 9.96 -6.49 -2.63
CA PRO A 9 9.84 -5.34 -3.52
C PRO A 9 11.19 -4.94 -4.16
N ASP A 10 12.29 -5.28 -3.49
CA ASP A 10 13.68 -5.23 -3.95
C ASP A 10 14.49 -6.35 -3.24
N LEU A 11 15.82 -6.35 -3.35
CA LEU A 11 16.72 -7.34 -2.74
C LEU A 11 16.68 -7.47 -1.20
N GLN A 12 15.89 -6.62 -0.51
CA GLN A 12 15.69 -6.59 0.93
C GLN A 12 14.16 -6.52 1.25
N PRO A 13 13.57 -7.53 1.93
CA PRO A 13 12.11 -7.65 2.12
C PRO A 13 11.47 -6.68 3.14
N LYS A 14 12.17 -5.64 3.59
CA LYS A 14 11.73 -4.66 4.62
C LYS A 14 10.42 -3.88 4.33
N ARG A 15 9.80 -4.01 3.15
CA ARG A 15 8.45 -3.50 2.82
C ARG A 15 7.53 -4.55 2.15
N ASP A 16 7.89 -5.83 2.21
CA ASP A 16 7.07 -6.95 1.68
C ASP A 16 5.77 -7.17 2.48
N HIS A 17 5.66 -6.60 3.69
CA HIS A 17 4.45 -6.56 4.53
C HIS A 17 3.53 -5.36 4.25
N VAL A 18 3.80 -4.57 3.20
CA VAL A 18 3.11 -3.31 2.88
C VAL A 18 2.26 -3.46 1.60
N LEU A 19 1.15 -2.72 1.56
CA LEU A 19 0.16 -2.64 0.50
C LEU A 19 0.02 -1.19 0.01
N HIS A 20 -0.60 -1.05 -1.16
CA HIS A 20 -1.08 0.21 -1.73
C HIS A 20 -2.56 0.02 -2.09
N VAL A 21 -3.38 1.04 -1.81
CA VAL A 21 -4.85 0.98 -1.88
C VAL A 21 -5.36 2.20 -2.64
N THR A 22 -6.40 1.99 -3.45
CA THR A 22 -7.02 3.01 -4.32
C THR A 22 -8.54 2.99 -4.16
N PHE A 23 -9.15 4.16 -4.03
CA PHE A 23 -10.55 4.34 -3.65
C PHE A 23 -11.10 5.73 -4.06
N PRO A 24 -12.42 5.95 -4.11
CA PRO A 24 -12.99 7.28 -4.26
C PRO A 24 -12.67 8.15 -3.04
N LYS A 25 -12.53 9.47 -3.26
CA LYS A 25 -12.17 10.45 -2.21
C LYS A 25 -13.11 10.47 -1.00
N GLU A 26 -14.33 9.93 -1.14
CA GLU A 26 -15.31 9.74 -0.09
C GLU A 26 -14.80 8.89 1.11
N TRP A 27 -13.83 8.00 0.89
CA TRP A 27 -13.19 7.21 1.93
C TRP A 27 -12.40 8.06 2.95
N LYS A 28 -12.26 7.52 4.16
CA LYS A 28 -11.52 8.09 5.30
C LYS A 28 -10.59 7.06 5.94
N THR A 29 -9.64 7.51 6.76
CA THR A 29 -8.76 6.65 7.57
C THR A 29 -9.55 5.65 8.42
N SER A 30 -10.72 6.04 8.92
CA SER A 30 -11.62 5.15 9.67
C SER A 30 -12.20 4.00 8.82
N ASP A 31 -12.63 4.27 7.59
CA ASP A 31 -13.08 3.24 6.65
C ASP A 31 -11.93 2.28 6.27
N LEU A 32 -10.70 2.80 6.24
CA LEU A 32 -9.49 2.02 5.99
C LEU A 32 -9.14 1.11 7.19
N TYR A 33 -9.21 1.62 8.42
CA TYR A 33 -9.10 0.78 9.62
C TYR A 33 -10.17 -0.33 9.64
N GLN A 34 -11.42 -0.02 9.29
CA GLN A 34 -12.52 -0.98 9.21
C GLN A 34 -12.37 -2.02 8.08
N LEU A 35 -11.70 -1.67 6.97
CA LEU A 35 -11.37 -2.59 5.88
C LEU A 35 -10.30 -3.63 6.29
N PHE A 36 -9.33 -3.24 7.12
CA PHE A 36 -8.14 -4.06 7.43
C PHE A 36 -8.08 -4.59 8.88
N SER A 37 -9.04 -4.25 9.75
CA SER A 37 -9.12 -4.75 11.14
C SER A 37 -9.20 -6.28 11.28
N ALA A 38 -9.59 -6.99 10.22
CA ALA A 38 -9.55 -8.45 10.12
C ALA A 38 -8.14 -9.05 10.34
N PHE A 39 -7.08 -8.24 10.20
CA PHE A 39 -5.68 -8.63 10.40
C PHE A 39 -5.11 -8.20 11.77
N GLY A 40 -5.93 -7.60 12.64
CA GLY A 40 -5.52 -6.98 13.91
C GLY A 40 -5.31 -5.47 13.76
N ASN A 41 -4.55 -4.87 14.68
CA ASN A 41 -4.09 -3.48 14.52
C ASN A 41 -3.13 -3.35 13.32
N ILE A 42 -3.11 -2.16 12.69
CA ILE A 42 -2.35 -1.85 11.46
C ILE A 42 -1.79 -0.42 11.48
N GLN A 43 -1.09 -0.04 10.41
CA GLN A 43 -0.62 1.33 10.13
C GLN A 43 -1.05 1.77 8.72
N ILE A 44 -1.23 3.09 8.52
CA ILE A 44 -1.77 3.71 7.29
C ILE A 44 -0.97 4.99 6.99
N SER A 45 -0.58 5.18 5.73
CA SER A 45 0.22 6.32 5.26
C SER A 45 -0.27 6.84 3.91
N TRP A 46 -1.00 7.96 3.92
CA TRP A 46 -1.52 8.62 2.71
C TRP A 46 -0.42 9.05 1.72
N ILE A 47 -0.78 9.14 0.44
CA ILE A 47 0.05 9.73 -0.63
C ILE A 47 -0.75 10.67 -1.56
N ASP A 48 -2.06 10.50 -1.67
CA ASP A 48 -2.95 11.38 -2.44
C ASP A 48 -4.40 11.34 -1.90
N ASP A 49 -5.26 12.21 -2.45
CA ASP A 49 -6.68 12.36 -2.13
C ASP A 49 -7.52 11.08 -2.37
N THR A 50 -6.98 10.11 -3.12
CA THR A 50 -7.62 8.86 -3.57
C THR A 50 -6.73 7.62 -3.41
N SER A 51 -5.55 7.76 -2.79
CA SER A 51 -4.53 6.70 -2.67
C SER A 51 -3.74 6.77 -1.36
N ALA A 52 -3.46 5.60 -0.77
CA ALA A 52 -2.66 5.46 0.45
C ALA A 52 -1.94 4.09 0.53
N PHE A 53 -0.88 4.02 1.33
CA PHE A 53 -0.25 2.76 1.73
C PHE A 53 -0.92 2.22 3.01
N VAL A 54 -0.87 0.90 3.19
CA VAL A 54 -1.33 0.20 4.40
C VAL A 54 -0.30 -0.86 4.78
N SER A 55 -0.05 -1.02 6.08
CA SER A 55 1.04 -1.83 6.63
C SER A 55 0.49 -2.85 7.62
N LEU A 56 0.64 -4.14 7.29
CA LEU A 56 0.11 -5.28 8.04
C LEU A 56 1.22 -5.96 8.86
N SER A 57 0.85 -6.83 9.81
CA SER A 57 1.80 -7.48 10.73
C SER A 57 2.72 -8.51 10.06
N GLN A 58 2.29 -9.13 8.95
CA GLN A 58 3.05 -10.18 8.24
C GLN A 58 2.77 -10.16 6.71
N PRO A 59 3.74 -10.54 5.85
CA PRO A 59 3.52 -10.79 4.42
C PRO A 59 2.45 -11.86 4.14
N GLU A 60 2.22 -12.79 5.07
CA GLU A 60 1.13 -13.77 4.99
C GLU A 60 -0.26 -13.10 4.99
N GLN A 61 -0.42 -11.97 5.68
CA GLN A 61 -1.64 -11.16 5.67
C GLN A 61 -1.78 -10.34 4.38
N VAL A 62 -0.66 -9.86 3.82
CA VAL A 62 -0.61 -9.24 2.48
C VAL A 62 -1.12 -10.19 1.40
N GLN A 63 -0.72 -11.46 1.43
CA GLN A 63 -1.22 -12.47 0.48
C GLN A 63 -2.75 -12.65 0.55
N ILE A 64 -3.33 -12.64 1.77
CA ILE A 64 -4.78 -12.70 1.97
C ILE A 64 -5.47 -11.43 1.45
N ALA A 65 -4.95 -10.23 1.75
CA ALA A 65 -5.50 -8.97 1.27
C ALA A 65 -5.48 -8.84 -0.27
N VAL A 66 -4.46 -9.38 -0.94
CA VAL A 66 -4.42 -9.51 -2.41
C VAL A 66 -5.51 -10.46 -2.91
N ASN A 67 -5.70 -11.62 -2.25
CA ASN A 67 -6.76 -12.57 -2.60
C ASN A 67 -8.18 -11.96 -2.48
N THR A 68 -8.45 -11.24 -1.40
CA THR A 68 -9.77 -10.64 -1.11
C THR A 68 -10.11 -9.46 -2.02
N SER A 69 -9.11 -8.73 -2.52
CA SER A 69 -9.29 -7.58 -3.43
C SER A 69 -9.94 -7.93 -4.78
N LYS A 70 -9.91 -9.21 -5.19
CA LYS A 70 -10.60 -9.73 -6.40
C LYS A 70 -12.13 -9.55 -6.37
N TYR A 71 -12.70 -9.33 -5.18
CA TYR A 71 -14.15 -9.33 -4.94
C TYR A 71 -14.68 -7.98 -4.43
N ALA A 72 -13.80 -6.97 -4.29
CA ALA A 72 -14.17 -5.60 -3.94
C ALA A 72 -14.95 -4.90 -5.05
N GLU A 73 -15.78 -3.92 -4.67
CA GLU A 73 -16.67 -3.15 -5.59
C GLU A 73 -16.61 -1.62 -5.39
N SER A 74 -15.88 -1.15 -4.38
CA SER A 74 -15.75 0.29 -4.01
C SER A 74 -14.30 0.71 -3.68
N TYR A 75 -13.34 -0.19 -3.88
CA TYR A 75 -11.89 -0.02 -3.65
C TYR A 75 -11.09 -1.08 -4.43
N ARG A 76 -9.76 -0.95 -4.46
CA ARG A 76 -8.82 -1.97 -4.95
C ARG A 76 -7.48 -1.92 -4.19
N ILE A 77 -6.75 -3.03 -4.19
CA ILE A 77 -5.50 -3.23 -3.42
C ILE A 77 -4.43 -3.86 -4.34
N GLN A 78 -3.17 -3.51 -4.11
CA GLN A 78 -1.98 -4.15 -4.69
C GLN A 78 -0.85 -4.19 -3.63
N THR A 79 0.16 -5.03 -3.81
CA THR A 79 1.34 -5.01 -2.90
C THR A 79 2.21 -3.78 -3.13
N TYR A 80 3.08 -3.46 -2.16
CA TYR A 80 4.12 -2.46 -2.34
C TYR A 80 5.10 -2.84 -3.49
N ALA A 81 5.36 -4.14 -3.68
CA ALA A 81 6.15 -4.64 -4.81
C ALA A 81 5.49 -4.40 -6.18
N GLU A 82 4.16 -4.53 -6.28
CA GLU A 82 3.41 -4.16 -7.49
C GLU A 82 3.41 -2.64 -7.74
N TYR A 83 3.30 -1.83 -6.70
CA TYR A 83 3.41 -0.36 -6.76
C TYR A 83 4.80 0.10 -7.24
N VAL A 84 5.86 -0.57 -6.78
CA VAL A 84 7.25 -0.42 -7.27
C VAL A 84 7.38 -0.89 -8.73
N GLY A 85 6.77 -2.01 -9.11
CA GLY A 85 6.79 -2.49 -10.48
C GLY A 85 6.15 -1.51 -11.47
N LYS A 86 5.07 -0.84 -11.07
CA LYS A 86 4.47 0.30 -11.80
C LYS A 86 5.37 1.54 -11.85
N LYS A 87 6.14 1.84 -10.78
CA LYS A 87 7.17 2.90 -10.76
C LYS A 87 8.22 2.71 -11.88
N GLN A 88 8.66 1.48 -12.09
CA GLN A 88 9.65 1.09 -13.10
C GLN A 88 9.10 1.06 -14.54
N LYS A 89 7.77 1.13 -14.73
CA LYS A 89 7.07 0.94 -16.02
C LYS A 89 5.95 1.98 -16.24
N GLY A 90 6.13 3.18 -15.70
CA GLY A 90 5.14 4.26 -15.66
C GLY A 90 5.70 5.57 -15.12
N LYS A 91 4.83 6.41 -14.54
CA LYS A 91 5.19 7.70 -13.90
C LYS A 91 4.58 7.80 -12.49
N GLN A 92 5.40 8.22 -11.53
CA GLN A 92 5.09 8.21 -10.09
C GLN A 92 5.86 9.27 -9.28
N VAL A 93 6.62 10.16 -9.95
CA VAL A 93 7.59 11.11 -9.35
C VAL A 93 7.02 12.09 -8.31
N LYS A 94 5.70 12.30 -8.30
CA LYS A 94 4.97 13.11 -7.30
C LYS A 94 4.96 12.48 -5.89
N SER A 95 5.28 11.19 -5.76
CA SER A 95 5.15 10.41 -4.52
C SER A 95 6.43 9.63 -4.16
N GLY A 96 6.68 9.45 -2.86
CA GLY A 96 7.85 8.77 -2.31
C GLY A 96 8.07 9.05 -0.82
N PRO A 97 9.17 8.53 -0.21
CA PRO A 97 9.59 8.86 1.15
C PRO A 97 9.73 10.37 1.43
N SER A 98 9.60 10.77 2.70
CA SER A 98 9.74 12.16 3.15
C SER A 98 11.12 12.79 2.88
N SER A 99 12.14 11.97 2.65
CA SER A 99 13.50 12.39 2.27
C SER A 99 13.60 13.05 0.88
N GLY A 100 12.60 12.89 0.01
CA GLY A 100 12.57 13.46 -1.35
C GLY A 100 11.33 13.06 -2.15
N GLY A 1 1.64 16.71 5.82
CA GLY A 1 0.42 17.48 6.11
C GLY A 1 0.71 18.56 7.15
N SER A 2 0.92 18.16 8.41
CA SER A 2 1.21 19.04 9.55
C SER A 2 2.26 18.49 10.53
N SER A 3 2.79 17.28 10.32
CA SER A 3 3.79 16.64 11.19
C SER A 3 4.92 15.93 10.41
N GLY A 4 5.96 15.48 11.12
CA GLY A 4 7.09 14.73 10.53
C GLY A 4 8.31 14.54 11.47
N SER A 5 8.46 15.38 12.49
CA SER A 5 9.54 15.33 13.50
C SER A 5 9.42 14.17 14.51
N SER A 6 8.29 13.46 14.55
CA SER A 6 8.01 12.32 15.44
C SER A 6 8.98 11.14 15.23
N GLY A 7 9.12 10.28 16.26
CA GLY A 7 9.99 9.10 16.21
C GLY A 7 11.48 9.44 16.42
N GLY A 8 12.36 8.59 15.88
CA GLY A 8 13.82 8.75 15.92
C GLY A 8 14.55 8.04 14.78
N PRO A 9 15.89 8.24 14.64
CA PRO A 9 16.67 7.74 13.52
C PRO A 9 16.89 6.21 13.55
N ASP A 10 17.06 5.62 12.37
CA ASP A 10 17.41 4.21 12.14
C ASP A 10 18.12 4.04 10.77
N LEU A 11 18.73 2.89 10.52
CA LEU A 11 19.64 2.63 9.39
C LEU A 11 19.27 1.39 8.54
N GLN A 12 18.05 0.85 8.68
CA GLN A 12 17.61 -0.38 7.98
C GLN A 12 16.20 -0.23 7.37
N PRO A 13 15.92 -0.89 6.21
CA PRO A 13 14.58 -0.92 5.60
C PRO A 13 13.63 -1.85 6.40
N LYS A 14 12.34 -1.49 6.40
CA LYS A 14 11.29 -2.10 7.24
C LYS A 14 9.95 -2.27 6.48
N ARG A 15 10.02 -2.50 5.17
CA ARG A 15 8.86 -2.59 4.25
C ARG A 15 8.94 -3.80 3.30
N ASP A 16 8.04 -4.75 3.52
CA ASP A 16 7.76 -5.91 2.65
C ASP A 16 6.32 -6.41 2.90
N HIS A 17 5.93 -6.47 4.17
CA HIS A 17 4.58 -6.66 4.73
C HIS A 17 3.65 -5.45 4.51
N VAL A 18 3.75 -4.79 3.35
CA VAL A 18 3.12 -3.49 3.07
C VAL A 18 2.31 -3.55 1.77
N LEU A 19 1.05 -3.15 1.88
CA LEU A 19 0.08 -2.99 0.80
C LEU A 19 0.07 -1.56 0.26
N HIS A 20 -0.59 -1.41 -0.89
CA HIS A 20 -1.02 -0.15 -1.50
C HIS A 20 -2.51 -0.29 -1.81
N VAL A 21 -3.28 0.76 -1.51
CA VAL A 21 -4.75 0.76 -1.55
C VAL A 21 -5.23 2.00 -2.29
N THR A 22 -6.21 1.82 -3.18
CA THR A 22 -6.80 2.89 -4.01
C THR A 22 -8.31 2.93 -3.80
N PHE A 23 -8.87 4.14 -3.65
CA PHE A 23 -10.24 4.37 -3.21
C PHE A 23 -10.79 5.74 -3.66
N PRO A 24 -12.13 5.91 -3.78
CA PRO A 24 -12.77 7.21 -3.97
C PRO A 24 -12.37 8.23 -2.88
N LYS A 25 -12.36 9.53 -3.22
CA LYS A 25 -12.02 10.63 -2.30
C LYS A 25 -12.85 10.69 -1.01
N GLU A 26 -14.05 10.08 -1.04
CA GLU A 26 -14.95 9.96 0.11
C GLU A 26 -14.36 9.14 1.29
N TRP A 27 -13.44 8.21 1.01
CA TRP A 27 -12.82 7.35 2.02
C TRP A 27 -11.90 8.11 2.98
N LYS A 28 -11.80 7.60 4.21
CA LYS A 28 -10.93 8.09 5.29
C LYS A 28 -10.20 6.96 6.01
N THR A 29 -9.31 7.30 6.94
CA THR A 29 -8.59 6.38 7.85
C THR A 29 -9.52 5.37 8.53
N SER A 30 -10.74 5.80 8.90
CA SER A 30 -11.76 4.93 9.49
C SER A 30 -12.25 3.83 8.53
N ASP A 31 -12.54 4.17 7.26
CA ASP A 31 -12.91 3.19 6.23
C ASP A 31 -11.77 2.21 5.95
N LEU A 32 -10.53 2.66 6.10
CA LEU A 32 -9.34 1.82 5.96
C LEU A 32 -9.19 0.84 7.15
N TYR A 33 -9.35 1.28 8.39
CA TYR A 33 -9.41 0.36 9.54
C TYR A 33 -10.59 -0.63 9.49
N GLN A 34 -11.73 -0.25 8.89
CA GLN A 34 -12.85 -1.15 8.63
C GLN A 34 -12.59 -2.15 7.49
N LEU A 35 -11.83 -1.77 6.45
CA LEU A 35 -11.36 -2.66 5.38
C LEU A 35 -10.39 -3.74 5.91
N PHE A 36 -9.63 -3.43 6.96
CA PHE A 36 -8.59 -4.28 7.53
C PHE A 36 -8.88 -4.74 8.98
N SER A 37 -10.15 -4.75 9.39
CA SER A 37 -10.60 -5.30 10.69
C SER A 37 -10.27 -6.79 10.87
N ALA A 38 -10.05 -7.53 9.77
CA ALA A 38 -9.52 -8.89 9.75
C ALA A 38 -8.10 -9.03 10.35
N PHE A 39 -7.34 -7.93 10.44
CA PHE A 39 -6.00 -7.86 11.04
C PHE A 39 -5.99 -6.98 12.31
N GLY A 40 -6.72 -5.87 12.31
CA GLY A 40 -7.02 -5.01 13.47
C GLY A 40 -5.82 -4.29 14.13
N ASN A 41 -4.64 -4.35 13.52
CA ASN A 41 -3.36 -3.88 14.11
C ASN A 41 -2.43 -3.21 13.06
N ILE A 42 -3.01 -2.82 11.92
CA ILE A 42 -2.33 -2.17 10.80
C ILE A 42 -1.76 -0.77 11.13
N GLN A 43 -0.98 -0.22 10.21
CA GLN A 43 -0.52 1.18 10.21
C GLN A 43 -0.69 1.78 8.81
N ILE A 44 -1.05 3.06 8.71
CA ILE A 44 -1.46 3.71 7.45
C ILE A 44 -0.54 4.90 7.14
N SER A 45 -0.10 4.99 5.89
CA SER A 45 0.84 5.99 5.38
C SER A 45 0.34 6.54 4.04
N TRP A 46 -0.33 7.69 4.07
CA TRP A 46 -0.92 8.35 2.90
C TRP A 46 0.11 8.68 1.80
N ILE A 47 -0.39 8.85 0.58
CA ILE A 47 0.39 9.22 -0.61
C ILE A 47 -0.32 10.36 -1.37
N ASP A 48 -1.65 10.27 -1.51
CA ASP A 48 -2.52 11.32 -2.06
C ASP A 48 -3.97 11.18 -1.54
N ASP A 49 -4.86 12.07 -2.00
CA ASP A 49 -6.28 12.13 -1.63
C ASP A 49 -7.09 10.85 -1.96
N THR A 50 -6.57 9.97 -2.82
CA THR A 50 -7.25 8.76 -3.36
C THR A 50 -6.42 7.47 -3.28
N SER A 51 -5.20 7.50 -2.71
CA SER A 51 -4.43 6.28 -2.43
C SER A 51 -3.46 6.40 -1.24
N ALA A 52 -3.16 5.26 -0.61
CA ALA A 52 -2.31 5.15 0.57
C ALA A 52 -1.58 3.80 0.65
N PHE A 53 -0.44 3.78 1.35
CA PHE A 53 0.26 2.54 1.74
C PHE A 53 -0.27 2.06 3.10
N VAL A 54 -0.30 0.74 3.32
CA VAL A 54 -0.81 0.13 4.57
C VAL A 54 0.09 -1.03 5.02
N SER A 55 0.79 -0.82 6.13
CA SER A 55 1.62 -1.84 6.80
C SER A 55 0.77 -2.83 7.59
N LEU A 56 1.14 -4.11 7.53
CA LEU A 56 0.47 -5.22 8.22
C LEU A 56 1.34 -5.79 9.35
N SER A 57 0.79 -6.68 10.19
CA SER A 57 1.49 -7.28 11.32
C SER A 57 2.46 -8.41 10.92
N GLN A 58 2.21 -9.09 9.79
CA GLN A 58 3.05 -10.16 9.24
C GLN A 58 3.05 -10.13 7.70
N PRO A 59 4.14 -10.54 7.02
CA PRO A 59 4.18 -10.72 5.57
C PRO A 59 3.11 -11.67 5.02
N GLU A 60 2.67 -12.66 5.81
CA GLU A 60 1.61 -13.61 5.43
C GLU A 60 0.26 -12.92 5.13
N GLN A 61 -0.07 -11.85 5.87
CA GLN A 61 -1.32 -11.10 5.74
C GLN A 61 -1.45 -10.35 4.39
N VAL A 62 -0.34 -10.09 3.71
CA VAL A 62 -0.31 -9.45 2.37
C VAL A 62 -1.07 -10.29 1.35
N GLN A 63 -0.85 -11.62 1.36
CA GLN A 63 -1.54 -12.56 0.46
C GLN A 63 -3.03 -12.67 0.79
N ILE A 64 -3.40 -12.59 2.08
CA ILE A 64 -4.81 -12.60 2.52
C ILE A 64 -5.56 -11.38 1.95
N ALA A 65 -5.00 -10.18 2.05
CA ALA A 65 -5.62 -8.96 1.52
C ALA A 65 -5.74 -8.96 -0.02
N VAL A 66 -4.76 -9.52 -0.74
CA VAL A 66 -4.86 -9.73 -2.19
C VAL A 66 -5.96 -10.74 -2.55
N ASN A 67 -6.09 -11.84 -1.78
CA ASN A 67 -7.14 -12.84 -1.95
C ASN A 67 -8.56 -12.28 -1.74
N THR A 68 -8.72 -11.30 -0.86
CA THR A 68 -10.01 -10.66 -0.57
C THR A 68 -10.35 -9.50 -1.52
N SER A 69 -9.33 -8.83 -2.08
CA SER A 69 -9.51 -7.71 -3.03
C SER A 69 -10.05 -8.13 -4.40
N LYS A 70 -9.88 -9.39 -4.82
CA LYS A 70 -10.34 -9.87 -6.15
C LYS A 70 -11.85 -9.77 -6.39
N TYR A 71 -12.64 -9.65 -5.32
CA TYR A 71 -14.10 -9.47 -5.34
C TYR A 71 -14.56 -7.99 -5.37
N ALA A 72 -13.65 -7.03 -5.16
CA ALA A 72 -13.97 -5.61 -5.03
C ALA A 72 -14.45 -4.96 -6.35
N GLU A 73 -15.28 -3.92 -6.21
CA GLU A 73 -15.78 -3.08 -7.32
C GLU A 73 -15.84 -1.57 -7.00
N SER A 74 -15.39 -1.18 -5.80
CA SER A 74 -15.42 0.20 -5.27
C SER A 74 -14.09 0.62 -4.58
N TYR A 75 -13.10 -0.27 -4.56
CA TYR A 75 -11.73 -0.05 -4.09
C TYR A 75 -10.79 -1.08 -4.76
N ARG A 76 -9.47 -0.97 -4.52
CA ARG A 76 -8.45 -1.92 -5.01
C ARG A 76 -7.29 -2.03 -4.01
N ILE A 77 -6.69 -3.21 -3.90
CA ILE A 77 -5.51 -3.52 -3.08
C ILE A 77 -4.46 -4.22 -3.95
N GLN A 78 -3.19 -3.87 -3.77
CA GLN A 78 -2.01 -4.49 -4.37
C GLN A 78 -0.82 -4.41 -3.40
N THR A 79 0.32 -5.07 -3.67
CA THR A 79 1.53 -4.89 -2.85
C THR A 79 2.19 -3.52 -3.08
N TYR A 80 3.10 -3.12 -2.18
CA TYR A 80 3.99 -1.96 -2.37
C TYR A 80 4.77 -2.07 -3.70
N ALA A 81 5.31 -3.26 -3.99
CA ALA A 81 6.10 -3.53 -5.19
C ALA A 81 5.27 -3.50 -6.49
N GLU A 82 4.01 -3.95 -6.46
CA GLU A 82 3.09 -3.84 -7.62
C GLU A 82 2.79 -2.38 -7.96
N TYR A 83 2.53 -1.53 -6.96
CA TYR A 83 2.34 -0.08 -7.15
C TYR A 83 3.58 0.57 -7.79
N VAL A 84 4.77 0.33 -7.23
CA VAL A 84 6.06 0.82 -7.77
C VAL A 84 6.30 0.35 -9.21
N GLY A 85 6.15 -0.95 -9.48
CA GLY A 85 6.44 -1.53 -10.78
C GLY A 85 5.56 -0.98 -11.91
N LYS A 86 4.28 -0.74 -11.64
CA LYS A 86 3.35 -0.05 -12.55
C LYS A 86 3.74 1.43 -12.74
N LYS A 87 3.93 2.16 -11.64
CA LYS A 87 4.27 3.60 -11.61
C LYS A 87 5.56 3.95 -12.36
N GLN A 88 6.58 3.10 -12.25
CA GLN A 88 7.89 3.27 -12.91
C GLN A 88 7.89 2.96 -14.42
N LYS A 89 6.79 2.44 -14.99
CA LYS A 89 6.74 1.96 -16.40
C LYS A 89 5.65 2.60 -17.28
N GLY A 90 4.71 3.37 -16.72
CA GLY A 90 3.77 4.17 -17.51
C GLY A 90 2.57 4.75 -16.76
N LYS A 91 1.76 5.55 -17.47
CA LYS A 91 0.45 6.05 -17.02
C LYS A 91 -0.54 4.94 -16.69
N GLN A 92 -1.59 5.27 -15.93
CA GLN A 92 -2.57 4.32 -15.38
C GLN A 92 -3.98 4.51 -15.96
N VAL A 93 -4.14 5.39 -16.97
CA VAL A 93 -5.37 5.59 -17.75
C VAL A 93 -5.76 4.30 -18.50
N LYS A 94 -7.07 4.03 -18.61
CA LYS A 94 -7.63 2.89 -19.36
C LYS A 94 -8.99 3.20 -20.01
N SER A 95 -9.90 3.82 -19.26
CA SER A 95 -11.19 4.33 -19.75
C SER A 95 -11.03 5.52 -20.72
N GLY A 96 -12.11 5.88 -21.42
CA GLY A 96 -12.17 7.04 -22.31
C GLY A 96 -13.61 7.46 -22.69
N PRO A 97 -13.80 8.50 -23.53
CA PRO A 97 -15.11 8.99 -23.96
C PRO A 97 -16.07 7.92 -24.54
N SER A 98 -15.52 6.86 -25.15
CA SER A 98 -16.28 5.74 -25.73
C SER A 98 -16.85 4.76 -24.70
N SER A 99 -16.39 4.78 -23.44
CA SER A 99 -16.86 3.88 -22.38
C SER A 99 -18.33 4.13 -21.98
N GLY A 100 -19.01 3.08 -21.49
CA GLY A 100 -20.40 3.12 -21.02
C GLY A 100 -20.91 1.75 -20.58
N GLY A 1 27.39 -5.95 7.39
CA GLY A 1 26.36 -5.98 6.33
C GLY A 1 25.08 -6.64 6.81
N SER A 2 23.93 -6.15 6.35
CA SER A 2 22.59 -6.65 6.72
C SER A 2 21.53 -6.38 5.62
N SER A 3 20.39 -7.05 5.72
CA SER A 3 19.21 -6.84 4.85
C SER A 3 18.55 -5.46 5.04
N GLY A 4 17.73 -5.04 4.07
CA GLY A 4 16.95 -3.79 4.15
C GLY A 4 16.32 -3.32 2.83
N SER A 5 16.92 -3.69 1.69
CA SER A 5 16.42 -3.39 0.34
C SER A 5 16.84 -4.49 -0.66
N SER A 6 16.03 -4.70 -1.69
CA SER A 6 16.30 -5.69 -2.76
C SER A 6 17.45 -5.27 -3.70
N GLY A 7 18.07 -6.25 -4.36
CA GLY A 7 19.10 -6.03 -5.38
C GLY A 7 19.66 -7.28 -6.07
N GLY A 8 19.58 -8.45 -5.42
CA GLY A 8 20.03 -9.74 -5.97
C GLY A 8 20.57 -10.69 -4.88
N PRO A 9 21.65 -10.31 -4.17
CA PRO A 9 22.12 -11.01 -2.97
C PRO A 9 21.05 -11.12 -1.87
N ASP A 10 20.12 -10.17 -1.85
CA ASP A 10 18.89 -10.16 -1.06
C ASP A 10 17.74 -9.52 -1.88
N LEU A 11 16.50 -9.87 -1.54
CA LEU A 11 15.25 -9.50 -2.25
C LEU A 11 14.11 -9.20 -1.26
N GLN A 12 14.44 -8.77 -0.04
CA GLN A 12 13.53 -8.65 1.11
C GLN A 12 13.56 -7.22 1.71
N PRO A 13 12.95 -6.23 1.03
CA PRO A 13 12.96 -4.83 1.48
C PRO A 13 12.12 -4.60 2.75
N LYS A 14 12.37 -3.49 3.45
CA LYS A 14 11.59 -2.99 4.61
C LYS A 14 10.13 -2.59 4.29
N ARG A 15 9.61 -2.93 3.11
CA ARG A 15 8.22 -2.72 2.64
C ARG A 15 7.55 -4.02 2.17
N ASP A 16 8.17 -5.18 2.35
CA ASP A 16 7.62 -6.50 1.98
C ASP A 16 6.29 -6.84 2.68
N HIS A 17 6.05 -6.27 3.87
CA HIS A 17 4.83 -6.40 4.68
C HIS A 17 3.78 -5.29 4.41
N VAL A 18 3.88 -4.58 3.27
CA VAL A 18 3.12 -3.36 2.98
C VAL A 18 2.35 -3.47 1.65
N LEU A 19 1.19 -2.80 1.62
CA LEU A 19 0.26 -2.72 0.50
C LEU A 19 0.09 -1.26 0.04
N HIS A 20 -0.47 -1.10 -1.14
CA HIS A 20 -0.94 0.16 -1.72
C HIS A 20 -2.43 -0.02 -2.07
N VAL A 21 -3.24 1.00 -1.80
CA VAL A 21 -4.70 0.96 -1.85
C VAL A 21 -5.22 2.14 -2.66
N THR A 22 -6.28 1.91 -3.45
CA THR A 22 -6.92 2.92 -4.32
C THR A 22 -8.43 2.94 -4.05
N PHE A 23 -9.03 4.13 -3.96
CA PHE A 23 -10.42 4.30 -3.51
C PHE A 23 -11.03 5.66 -3.94
N PRO A 24 -12.38 5.79 -4.02
CA PRO A 24 -13.06 7.08 -4.18
C PRO A 24 -12.68 8.09 -3.08
N LYS A 25 -12.61 9.38 -3.41
CA LYS A 25 -12.20 10.47 -2.50
C LYS A 25 -12.99 10.57 -1.19
N GLU A 26 -14.23 10.08 -1.17
CA GLU A 26 -15.11 10.05 0.02
C GLU A 26 -14.62 9.11 1.14
N TRP A 27 -13.71 8.17 0.84
CA TRP A 27 -13.07 7.31 1.85
C TRP A 27 -12.23 8.10 2.86
N LYS A 28 -12.05 7.50 4.05
CA LYS A 28 -11.40 8.09 5.23
C LYS A 28 -10.51 7.05 5.93
N THR A 29 -9.65 7.49 6.85
CA THR A 29 -8.79 6.61 7.66
C THR A 29 -9.62 5.60 8.47
N SER A 30 -10.83 5.97 8.90
CA SER A 30 -11.78 5.06 9.56
C SER A 30 -12.30 3.96 8.64
N ASP A 31 -12.65 4.27 7.38
CA ASP A 31 -13.04 3.26 6.39
C ASP A 31 -11.88 2.32 6.04
N LEU A 32 -10.64 2.85 6.09
CA LEU A 32 -9.42 2.06 5.90
C LEU A 32 -9.17 1.13 7.11
N TYR A 33 -9.30 1.61 8.35
CA TYR A 33 -9.29 0.74 9.54
C TYR A 33 -10.37 -0.35 9.48
N GLN A 34 -11.57 -0.05 8.97
CA GLN A 34 -12.64 -1.03 8.78
C GLN A 34 -12.32 -2.07 7.69
N LEU A 35 -11.71 -1.66 6.57
CA LEU A 35 -11.33 -2.55 5.46
C LEU A 35 -10.27 -3.58 5.86
N PHE A 36 -9.34 -3.18 6.73
CA PHE A 36 -8.20 -3.99 7.18
C PHE A 36 -8.35 -4.52 8.62
N SER A 37 -9.53 -4.38 9.23
CA SER A 37 -9.86 -4.81 10.60
C SER A 37 -9.60 -6.30 10.86
N ALA A 38 -9.76 -7.15 9.82
CA ALA A 38 -9.52 -8.59 9.84
C ALA A 38 -8.08 -9.01 10.23
N PHE A 39 -7.11 -8.08 10.20
CA PHE A 39 -5.69 -8.33 10.47
C PHE A 39 -5.23 -7.91 11.88
N GLY A 40 -6.13 -7.36 12.70
CA GLY A 40 -5.95 -7.11 14.14
C GLY A 40 -5.10 -5.88 14.50
N ASN A 41 -3.99 -5.65 13.79
CA ASN A 41 -3.09 -4.51 13.97
C ASN A 41 -2.44 -4.11 12.63
N ILE A 42 -2.48 -2.81 12.31
CA ILE A 42 -2.06 -2.24 11.02
C ILE A 42 -1.44 -0.83 11.20
N GLN A 43 -0.93 -0.26 10.11
CA GLN A 43 -0.52 1.15 10.02
C GLN A 43 -0.96 1.72 8.67
N ILE A 44 -1.31 3.01 8.60
CA ILE A 44 -1.88 3.68 7.40
C ILE A 44 -1.06 4.94 7.10
N SER A 45 -0.64 5.10 5.84
CA SER A 45 0.22 6.18 5.37
C SER A 45 -0.28 6.73 4.03
N TRP A 46 -1.08 7.79 4.07
CA TRP A 46 -1.59 8.51 2.89
C TRP A 46 -0.49 9.01 1.95
N ILE A 47 -0.84 9.17 0.66
CA ILE A 47 0.00 9.83 -0.36
C ILE A 47 -0.75 10.88 -1.20
N ASP A 48 -2.06 10.72 -1.39
CA ASP A 48 -2.94 11.72 -2.03
C ASP A 48 -4.44 11.49 -1.69
N ASP A 49 -5.32 12.28 -2.30
CA ASP A 49 -6.78 12.26 -2.07
C ASP A 49 -7.48 10.91 -2.32
N THR A 50 -6.90 10.01 -3.12
CA THR A 50 -7.54 8.75 -3.60
C THR A 50 -6.64 7.51 -3.48
N SER A 51 -5.46 7.64 -2.89
CA SER A 51 -4.51 6.53 -2.64
C SER A 51 -3.76 6.66 -1.30
N ALA A 52 -3.45 5.51 -0.70
CA ALA A 52 -2.66 5.39 0.53
C ALA A 52 -1.91 4.04 0.60
N PHE A 53 -0.83 4.00 1.37
CA PHE A 53 -0.15 2.75 1.74
C PHE A 53 -0.75 2.19 3.04
N VAL A 54 -0.70 0.86 3.22
CA VAL A 54 -1.15 0.17 4.44
C VAL A 54 -0.17 -0.93 4.82
N SER A 55 0.48 -0.80 5.98
CA SER A 55 1.34 -1.82 6.59
C SER A 55 0.51 -2.82 7.38
N LEU A 56 0.87 -4.11 7.31
CA LEU A 56 0.24 -5.20 8.07
C LEU A 56 1.28 -5.94 8.92
N SER A 57 0.89 -6.44 10.10
CA SER A 57 1.82 -7.03 11.09
C SER A 57 2.53 -8.32 10.66
N GLN A 58 2.06 -9.01 9.61
CA GLN A 58 2.70 -10.21 9.04
C GLN A 58 2.64 -10.21 7.50
N PRO A 59 3.64 -10.78 6.79
CA PRO A 59 3.65 -10.82 5.33
C PRO A 59 2.60 -11.77 4.73
N GLU A 60 2.09 -12.74 5.49
CA GLU A 60 0.96 -13.60 5.07
C GLU A 60 -0.36 -12.81 4.91
N GLN A 61 -0.56 -11.77 5.72
CA GLN A 61 -1.75 -10.92 5.68
C GLN A 61 -1.82 -10.07 4.39
N VAL A 62 -0.65 -9.71 3.84
CA VAL A 62 -0.51 -9.03 2.53
C VAL A 62 -1.12 -9.88 1.40
N GLN A 63 -0.82 -11.19 1.38
CA GLN A 63 -1.38 -12.13 0.41
C GLN A 63 -2.91 -12.28 0.56
N ILE A 64 -3.41 -12.36 1.79
CA ILE A 64 -4.85 -12.45 2.08
C ILE A 64 -5.61 -11.20 1.60
N ALA A 65 -5.06 -9.99 1.81
CA ALA A 65 -5.67 -8.75 1.34
C ALA A 65 -5.74 -8.66 -0.20
N VAL A 66 -4.70 -9.13 -0.91
CA VAL A 66 -4.71 -9.24 -2.38
C VAL A 66 -5.73 -10.29 -2.86
N ASN A 67 -5.80 -11.44 -2.18
CA ASN A 67 -6.78 -12.51 -2.46
C ASN A 67 -8.24 -12.05 -2.30
N THR A 68 -8.51 -11.22 -1.29
CA THR A 68 -9.86 -10.72 -0.96
C THR A 68 -10.28 -9.50 -1.81
N SER A 69 -9.32 -8.67 -2.26
CA SER A 69 -9.55 -7.59 -3.22
C SER A 69 -10.09 -8.06 -4.59
N LYS A 70 -9.94 -9.35 -4.93
CA LYS A 70 -10.56 -10.03 -6.08
C LYS A 70 -12.08 -9.84 -6.15
N TYR A 71 -12.73 -9.62 -5.00
CA TYR A 71 -14.19 -9.52 -4.85
C TYR A 71 -14.67 -8.12 -4.42
N ALA A 72 -13.78 -7.12 -4.44
CA ALA A 72 -14.08 -5.73 -4.13
C ALA A 72 -15.06 -5.08 -5.14
N GLU A 73 -15.75 -4.02 -4.69
CA GLU A 73 -16.68 -3.21 -5.52
C GLU A 73 -16.62 -1.70 -5.26
N SER A 74 -15.86 -1.25 -4.25
CA SER A 74 -15.72 0.16 -3.84
C SER A 74 -14.27 0.58 -3.53
N TYR A 75 -13.29 -0.30 -3.76
CA TYR A 75 -11.87 -0.12 -3.48
C TYR A 75 -11.00 -1.07 -4.35
N ARG A 76 -9.67 -0.93 -4.24
CA ARG A 76 -8.64 -1.75 -4.90
C ARG A 76 -7.40 -1.88 -4.01
N ILE A 77 -6.73 -3.02 -4.04
CA ILE A 77 -5.50 -3.30 -3.27
C ILE A 77 -4.45 -3.94 -4.20
N GLN A 78 -3.18 -3.57 -4.01
CA GLN A 78 -1.99 -4.19 -4.61
C GLN A 78 -0.82 -4.21 -3.61
N THR A 79 0.22 -5.01 -3.86
CA THR A 79 1.44 -5.00 -3.02
C THR A 79 2.30 -3.75 -3.24
N TYR A 80 3.20 -3.45 -2.29
CA TYR A 80 4.23 -2.43 -2.51
C TYR A 80 5.15 -2.79 -3.71
N ALA A 81 5.42 -4.08 -3.92
CA ALA A 81 6.17 -4.57 -5.08
C ALA A 81 5.46 -4.30 -6.43
N GLU A 82 4.11 -4.42 -6.48
CA GLU A 82 3.32 -4.01 -7.65
C GLU A 82 3.35 -2.49 -7.86
N TYR A 83 3.25 -1.69 -6.79
CA TYR A 83 3.40 -0.23 -6.87
C TYR A 83 4.77 0.16 -7.46
N VAL A 84 5.85 -0.45 -6.97
CA VAL A 84 7.22 -0.29 -7.51
C VAL A 84 7.32 -0.73 -8.98
N GLY A 85 6.71 -1.86 -9.34
CA GLY A 85 6.74 -2.39 -10.71
C GLY A 85 6.07 -1.45 -11.72
N LYS A 86 4.97 -0.80 -11.34
CA LYS A 86 4.34 0.29 -12.10
C LYS A 86 5.17 1.59 -12.09
N LYS A 87 5.89 1.88 -11.01
CA LYS A 87 6.79 3.05 -10.86
C LYS A 87 7.99 3.02 -11.82
N GLN A 88 8.58 1.83 -12.01
CA GLN A 88 9.70 1.58 -12.94
C GLN A 88 9.32 1.88 -14.41
N LYS A 89 9.88 2.94 -14.99
CA LYS A 89 9.55 3.44 -16.34
C LYS A 89 10.75 4.10 -17.07
N GLY A 90 11.98 3.82 -16.62
CA GLY A 90 13.21 4.48 -17.11
C GLY A 90 14.52 3.78 -16.71
N LYS A 91 14.53 2.44 -16.66
CA LYS A 91 15.65 1.60 -16.16
C LYS A 91 16.96 1.73 -16.96
N GLN A 92 16.90 2.19 -18.21
CA GLN A 92 18.00 2.22 -19.19
C GLN A 92 19.09 3.31 -18.94
N VAL A 93 19.30 3.75 -17.69
CA VAL A 93 20.29 4.78 -17.30
C VAL A 93 21.77 4.40 -17.53
N LYS A 94 22.06 3.12 -17.78
CA LYS A 94 23.40 2.52 -17.94
C LYS A 94 24.05 2.83 -19.31
N SER A 95 24.00 4.08 -19.75
CA SER A 95 24.44 4.55 -21.07
C SER A 95 25.11 5.94 -21.04
N GLY A 96 25.67 6.37 -22.18
CA GLY A 96 26.35 7.66 -22.31
C GLY A 96 27.57 7.82 -21.37
N PRO A 97 27.89 9.04 -20.89
CA PRO A 97 28.99 9.29 -19.96
C PRO A 97 28.72 8.78 -18.52
N SER A 98 27.58 8.11 -18.28
CA SER A 98 27.10 7.66 -16.96
C SER A 98 26.90 6.13 -16.88
N SER A 99 27.41 5.37 -17.86
CA SER A 99 27.34 3.90 -17.91
C SER A 99 28.14 3.18 -16.80
N GLY A 100 29.10 3.85 -16.17
CA GLY A 100 29.93 3.33 -15.07
C GLY A 100 30.97 4.34 -14.57
N GLY A 1 37.07 -9.12 -1.59
CA GLY A 1 38.18 -8.70 -0.71
C GLY A 1 38.39 -9.67 0.45
N SER A 2 39.13 -9.24 1.46
CA SER A 2 39.58 -10.07 2.61
C SER A 2 39.47 -9.36 3.98
N SER A 3 38.82 -8.19 4.04
CA SER A 3 38.64 -7.37 5.25
C SER A 3 37.65 -7.94 6.28
N GLY A 4 36.85 -8.95 5.90
CA GLY A 4 35.83 -9.59 6.76
C GLY A 4 35.09 -10.75 6.08
N SER A 5 34.06 -11.26 6.75
CA SER A 5 33.29 -12.46 6.35
C SER A 5 31.75 -12.28 6.48
N SER A 6 31.29 -11.05 6.69
CA SER A 6 29.88 -10.66 6.85
C SER A 6 29.57 -9.28 6.26
N GLY A 7 28.28 -8.92 6.18
CA GLY A 7 27.81 -7.70 5.50
C GLY A 7 26.40 -7.26 5.91
N GLY A 8 26.04 -7.42 7.19
CA GLY A 8 24.72 -7.07 7.75
C GLY A 8 24.75 -6.75 9.26
N PRO A 9 25.53 -5.75 9.71
CA PRO A 9 25.70 -5.42 11.14
C PRO A 9 24.50 -4.66 11.77
N ASP A 10 23.46 -4.33 11.00
CA ASP A 10 22.33 -3.49 11.41
C ASP A 10 20.98 -4.01 10.87
N LEU A 11 19.90 -3.75 11.62
CA LEU A 11 18.52 -4.19 11.35
C LEU A 11 17.82 -3.32 10.27
N GLN A 12 18.40 -3.27 9.07
CA GLN A 12 17.89 -2.53 7.91
C GLN A 12 16.40 -2.88 7.60
N PRO A 13 15.51 -1.89 7.42
CA PRO A 13 14.08 -2.13 7.20
C PRO A 13 13.75 -2.66 5.78
N LYS A 14 12.53 -3.19 5.64
CA LYS A 14 11.92 -3.71 4.40
C LYS A 14 10.40 -3.45 4.42
N ARG A 15 9.71 -3.57 3.28
CA ARG A 15 8.28 -3.26 3.10
C ARG A 15 7.47 -4.39 2.44
N ASP A 16 7.94 -5.63 2.54
CA ASP A 16 7.24 -6.83 2.03
C ASP A 16 5.88 -7.09 2.73
N HIS A 17 5.70 -6.56 3.95
CA HIS A 17 4.46 -6.60 4.75
C HIS A 17 3.52 -5.40 4.52
N VAL A 18 3.73 -4.63 3.44
CA VAL A 18 3.01 -3.38 3.15
C VAL A 18 2.21 -3.50 1.85
N LEU A 19 1.02 -2.90 1.86
CA LEU A 19 0.09 -2.79 0.75
C LEU A 19 0.02 -1.36 0.21
N HIS A 20 -0.53 -1.23 -0.99
CA HIS A 20 -0.95 0.01 -1.62
C HIS A 20 -2.45 -0.14 -1.96
N VAL A 21 -3.23 0.91 -1.68
CA VAL A 21 -4.69 0.88 -1.71
C VAL A 21 -5.19 2.10 -2.49
N THR A 22 -6.21 1.90 -3.34
CA THR A 22 -6.81 2.93 -4.20
C THR A 22 -8.33 2.94 -4.02
N PHE A 23 -8.92 4.13 -3.90
CA PHE A 23 -10.33 4.32 -3.51
C PHE A 23 -10.90 5.69 -3.95
N PRO A 24 -12.23 5.83 -4.11
CA PRO A 24 -12.88 7.12 -4.28
C PRO A 24 -12.56 8.08 -3.11
N LYS A 25 -12.43 9.38 -3.37
CA LYS A 25 -12.05 10.39 -2.36
C LYS A 25 -13.01 10.50 -1.17
N GLU A 26 -14.24 10.00 -1.30
CA GLU A 26 -15.25 9.88 -0.23
C GLU A 26 -14.83 8.93 0.90
N TRP A 27 -13.90 7.99 0.66
CA TRP A 27 -13.32 7.13 1.71
C TRP A 27 -12.54 7.94 2.75
N LYS A 28 -12.49 7.42 3.98
CA LYS A 28 -11.79 7.98 5.14
C LYS A 28 -10.92 6.93 5.85
N THR A 29 -10.07 7.36 6.78
CA THR A 29 -9.29 6.48 7.67
C THR A 29 -10.16 5.44 8.38
N SER A 30 -11.40 5.80 8.73
CA SER A 30 -12.35 4.87 9.35
C SER A 30 -12.79 3.73 8.43
N ASP A 31 -13.02 4.00 7.14
CA ASP A 31 -13.30 2.96 6.14
C ASP A 31 -12.08 2.07 5.90
N LEU A 32 -10.88 2.65 6.03
CA LEU A 32 -9.61 1.91 5.96
C LEU A 32 -9.40 1.01 7.18
N TYR A 33 -9.72 1.48 8.40
CA TYR A 33 -9.77 0.61 9.59
C TYR A 33 -10.81 -0.52 9.42
N GLN A 34 -12.00 -0.23 8.88
CA GLN A 34 -13.01 -1.27 8.59
C GLN A 34 -12.50 -2.33 7.59
N LEU A 35 -11.66 -1.94 6.62
CA LEU A 35 -11.08 -2.81 5.61
C LEU A 35 -9.88 -3.65 6.10
N PHE A 36 -9.13 -3.17 7.11
CA PHE A 36 -7.82 -3.76 7.49
C PHE A 36 -7.63 -4.11 8.98
N SER A 37 -8.42 -3.56 9.92
CA SER A 37 -8.29 -3.86 11.37
C SER A 37 -8.50 -5.35 11.70
N ALA A 38 -9.18 -6.10 10.83
CA ALA A 38 -9.34 -7.56 10.90
C ALA A 38 -8.01 -8.35 10.99
N PHE A 39 -6.89 -7.77 10.51
CA PHE A 39 -5.54 -8.35 10.59
C PHE A 39 -4.85 -8.17 11.96
N GLY A 40 -5.50 -7.49 12.91
CA GLY A 40 -5.09 -7.42 14.34
C GLY A 40 -4.34 -6.14 14.71
N ASN A 41 -3.38 -5.71 13.88
CA ASN A 41 -2.64 -4.45 14.04
C ASN A 41 -2.15 -3.95 12.67
N ILE A 42 -2.28 -2.64 12.43
CA ILE A 42 -1.99 -1.99 11.14
C ILE A 42 -1.38 -0.59 11.31
N GLN A 43 -0.92 0.00 10.20
CA GLN A 43 -0.52 1.41 10.10
C GLN A 43 -0.92 1.95 8.72
N ILE A 44 -1.30 3.23 8.63
CA ILE A 44 -1.86 3.86 7.42
C ILE A 44 -1.06 5.13 7.08
N SER A 45 -0.61 5.24 5.83
CA SER A 45 0.25 6.33 5.33
C SER A 45 -0.24 6.83 3.96
N TRP A 46 -0.98 7.94 3.94
CA TRP A 46 -1.49 8.57 2.71
C TRP A 46 -0.38 8.97 1.72
N ILE A 47 -0.72 8.97 0.44
CA ILE A 47 0.11 9.53 -0.64
C ILE A 47 -0.68 10.43 -1.62
N ASP A 48 -2.01 10.29 -1.67
CA ASP A 48 -2.91 11.16 -2.43
C ASP A 48 -4.31 11.23 -1.79
N ASP A 49 -5.19 12.02 -2.40
CA ASP A 49 -6.61 12.17 -2.06
C ASP A 49 -7.43 10.88 -2.33
N THR A 50 -6.86 9.95 -3.09
CA THR A 50 -7.50 8.71 -3.61
C THR A 50 -6.62 7.46 -3.44
N SER A 51 -5.46 7.55 -2.80
CA SER A 51 -4.63 6.37 -2.48
C SER A 51 -3.70 6.54 -1.27
N ALA A 52 -3.34 5.41 -0.66
CA ALA A 52 -2.51 5.31 0.54
C ALA A 52 -1.77 3.96 0.62
N PHE A 53 -0.71 3.90 1.44
CA PHE A 53 -0.06 2.65 1.84
C PHE A 53 -0.65 2.15 3.17
N VAL A 54 -0.67 0.82 3.37
CA VAL A 54 -1.15 0.18 4.61
C VAL A 54 -0.24 -0.97 5.01
N SER A 55 0.42 -0.83 6.16
CA SER A 55 1.23 -1.89 6.80
C SER A 55 0.33 -2.91 7.51
N LEU A 56 0.69 -4.20 7.44
CA LEU A 56 0.06 -5.29 8.19
C LEU A 56 1.10 -6.02 9.07
N SER A 57 0.66 -6.84 10.03
CA SER A 57 1.57 -7.55 10.97
C SER A 57 2.50 -8.56 10.28
N GLN A 58 2.08 -9.16 9.16
CA GLN A 58 2.85 -10.20 8.43
C GLN A 58 2.64 -10.12 6.91
N PRO A 59 3.60 -10.57 6.08
CA PRO A 59 3.43 -10.70 4.62
C PRO A 59 2.46 -11.83 4.21
N GLU A 60 2.15 -12.77 5.12
CA GLU A 60 1.08 -13.75 4.92
C GLU A 60 -0.30 -13.06 4.82
N GLN A 61 -0.52 -11.98 5.59
CA GLN A 61 -1.75 -11.19 5.58
C GLN A 61 -1.87 -10.30 4.33
N VAL A 62 -0.73 -9.85 3.78
CA VAL A 62 -0.66 -9.14 2.48
C VAL A 62 -1.25 -10.01 1.36
N GLN A 63 -0.91 -11.30 1.31
CA GLN A 63 -1.47 -12.23 0.32
C GLN A 63 -3.00 -12.36 0.45
N ILE A 64 -3.53 -12.43 1.68
CA ILE A 64 -4.98 -12.48 1.95
C ILE A 64 -5.67 -11.21 1.43
N ALA A 65 -5.17 -10.02 1.77
CA ALA A 65 -5.75 -8.75 1.34
C ALA A 65 -5.74 -8.55 -0.20
N VAL A 66 -4.69 -9.00 -0.88
CA VAL A 66 -4.63 -9.01 -2.35
C VAL A 66 -5.67 -9.99 -2.93
N ASN A 67 -5.84 -11.17 -2.34
CA ASN A 67 -6.86 -12.15 -2.77
C ASN A 67 -8.29 -11.61 -2.62
N THR A 68 -8.61 -10.96 -1.49
CA THR A 68 -9.96 -10.44 -1.20
C THR A 68 -10.35 -9.26 -2.10
N SER A 69 -9.37 -8.49 -2.58
CA SER A 69 -9.58 -7.39 -3.54
C SER A 69 -10.07 -7.84 -4.93
N LYS A 70 -9.92 -9.13 -5.29
CA LYS A 70 -10.42 -9.70 -6.55
C LYS A 70 -11.95 -9.60 -6.73
N TYR A 71 -12.68 -9.29 -5.65
CA TYR A 71 -14.15 -9.22 -5.58
C TYR A 71 -14.65 -7.89 -4.97
N ALA A 72 -13.78 -6.89 -4.84
CA ALA A 72 -14.11 -5.54 -4.36
C ALA A 72 -15.06 -4.78 -5.32
N GLU A 73 -15.74 -3.76 -4.78
CA GLU A 73 -16.72 -2.94 -5.51
C GLU A 73 -16.64 -1.42 -5.22
N SER A 74 -15.72 -0.99 -4.34
CA SER A 74 -15.52 0.41 -3.93
C SER A 74 -14.04 0.76 -3.66
N TYR A 75 -13.11 -0.18 -3.91
CA TYR A 75 -11.67 -0.04 -3.67
C TYR A 75 -10.85 -1.04 -4.51
N ARG A 76 -9.52 -0.93 -4.45
CA ARG A 76 -8.54 -1.89 -4.98
C ARG A 76 -7.30 -1.96 -4.06
N ILE A 77 -6.67 -3.13 -3.98
CA ILE A 77 -5.46 -3.42 -3.19
C ILE A 77 -4.42 -4.11 -4.08
N GLN A 78 -3.15 -3.75 -3.88
CA GLN A 78 -1.96 -4.41 -4.43
C GLN A 78 -0.82 -4.37 -3.41
N THR A 79 0.24 -5.15 -3.59
CA THR A 79 1.43 -5.08 -2.71
C THR A 79 2.24 -3.80 -2.94
N TYR A 80 3.09 -3.43 -1.99
CA TYR A 80 4.09 -2.37 -2.19
C TYR A 80 5.00 -2.65 -3.39
N ALA A 81 5.40 -3.92 -3.59
CA ALA A 81 6.22 -4.35 -4.73
C ALA A 81 5.50 -4.20 -6.08
N GLU A 82 4.18 -4.45 -6.15
CA GLU A 82 3.37 -4.20 -7.35
C GLU A 82 3.25 -2.70 -7.67
N TYR A 83 3.06 -1.85 -6.66
CA TYR A 83 3.09 -0.39 -6.82
C TYR A 83 4.45 0.10 -7.37
N VAL A 84 5.56 -0.36 -6.76
CA VAL A 84 6.92 -0.10 -7.24
C VAL A 84 7.14 -0.58 -8.68
N GLY A 85 6.68 -1.78 -9.02
CA GLY A 85 6.83 -2.36 -10.35
C GLY A 85 6.12 -1.56 -11.46
N LYS A 86 4.91 -1.06 -11.19
CA LYS A 86 4.19 -0.13 -12.09
C LYS A 86 4.83 1.26 -12.18
N LYS A 87 5.53 1.71 -11.13
CA LYS A 87 6.24 3.00 -11.04
C LYS A 87 7.54 3.07 -11.85
N GLN A 88 8.11 1.92 -12.26
CA GLN A 88 9.30 1.85 -13.13
C GLN A 88 9.09 2.52 -14.49
N LYS A 89 10.20 3.03 -15.10
CA LYS A 89 10.19 3.83 -16.33
C LYS A 89 11.40 3.61 -17.26
N GLY A 90 12.10 2.48 -17.13
CA GLY A 90 13.27 2.12 -17.94
C GLY A 90 12.91 1.38 -19.24
N LYS A 91 13.76 1.53 -20.27
CA LYS A 91 13.64 0.89 -21.60
C LYS A 91 15.02 0.87 -22.29
N GLN A 92 15.27 -0.12 -23.16
CA GLN A 92 16.57 -0.32 -23.83
C GLN A 92 17.05 0.89 -24.64
N VAL A 93 16.11 1.61 -25.27
CA VAL A 93 16.34 2.83 -26.06
C VAL A 93 16.88 4.01 -25.24
N LYS A 94 16.69 3.98 -23.91
CA LYS A 94 17.14 5.01 -22.94
C LYS A 94 18.56 4.73 -22.39
N SER A 95 19.19 3.61 -22.82
CA SER A 95 20.56 3.15 -22.54
C SER A 95 20.92 2.78 -21.09
N GLY A 96 20.32 3.42 -20.08
CA GLY A 96 20.57 3.11 -18.66
C GLY A 96 19.98 4.13 -17.66
N PRO A 97 18.68 4.47 -17.72
CA PRO A 97 18.08 5.48 -16.83
C PRO A 97 18.03 5.03 -15.36
N SER A 98 17.93 3.72 -15.11
CA SER A 98 17.86 3.11 -13.76
C SER A 98 19.19 3.14 -13.00
N SER A 99 20.31 3.44 -13.66
CA SER A 99 21.68 3.42 -13.08
C SER A 99 21.98 4.57 -12.10
N GLY A 100 21.12 5.60 -12.02
CA GLY A 100 21.26 6.74 -11.11
C GLY A 100 20.10 7.74 -11.24
N GLY A 1 14.41 13.77 -2.72
CA GLY A 1 13.94 13.58 -1.34
C GLY A 1 13.68 12.11 -1.01
N SER A 2 13.07 11.87 0.16
CA SER A 2 12.88 10.52 0.74
C SER A 2 11.45 10.27 1.30
N SER A 3 10.52 11.21 1.08
CA SER A 3 9.18 11.28 1.67
C SER A 3 8.13 10.33 1.05
N GLY A 4 8.55 9.13 0.62
CA GLY A 4 7.72 8.15 -0.09
C GLY A 4 8.41 6.79 -0.19
N SER A 5 8.15 6.03 -1.26
CA SER A 5 8.89 4.80 -1.62
C SER A 5 10.39 5.03 -1.86
N SER A 6 10.81 6.30 -2.03
CA SER A 6 12.18 6.77 -2.26
C SER A 6 13.14 6.64 -1.06
N GLY A 7 12.65 6.35 0.16
CA GLY A 7 13.49 6.22 1.36
C GLY A 7 12.78 5.67 2.59
N GLY A 8 13.52 5.55 3.70
CA GLY A 8 13.05 4.94 4.95
C GLY A 8 14.18 4.65 5.94
N PRO A 9 13.97 3.72 6.90
CA PRO A 9 15.01 3.19 7.80
C PRO A 9 16.29 2.66 7.10
N ASP A 10 16.21 2.34 5.81
CA ASP A 10 17.32 1.97 4.93
C ASP A 10 17.22 2.71 3.57
N LEU A 11 18.35 2.89 2.89
CA LEU A 11 18.46 3.68 1.64
C LEU A 11 17.77 3.08 0.40
N GLN A 12 17.25 1.85 0.50
CA GLN A 12 16.54 1.13 -0.54
C GLN A 12 15.44 0.25 0.13
N PRO A 13 14.27 0.81 0.48
CA PRO A 13 13.15 0.07 1.05
C PRO A 13 12.66 -1.10 0.18
N LYS A 14 12.09 -2.14 0.81
CA LYS A 14 11.44 -3.28 0.15
C LYS A 14 10.05 -3.67 0.70
N ARG A 15 9.69 -3.15 1.89
CA ARG A 15 8.38 -3.18 2.57
C ARG A 15 7.46 -4.38 2.25
N ASP A 16 7.98 -5.61 2.38
CA ASP A 16 7.27 -6.86 2.06
C ASP A 16 6.02 -7.13 2.93
N HIS A 17 5.88 -6.41 4.05
CA HIS A 17 4.73 -6.46 4.98
C HIS A 17 3.69 -5.34 4.74
N VAL A 18 3.76 -4.65 3.58
CA VAL A 18 2.96 -3.45 3.28
C VAL A 18 2.22 -3.58 1.94
N LEU A 19 1.01 -3.03 1.91
CA LEU A 19 0.12 -2.93 0.76
C LEU A 19 0.04 -1.48 0.24
N HIS A 20 -0.51 -1.34 -0.97
CA HIS A 20 -0.96 -0.09 -1.59
C HIS A 20 -2.45 -0.25 -1.89
N VAL A 21 -3.23 0.79 -1.62
CA VAL A 21 -4.69 0.77 -1.64
C VAL A 21 -5.20 2.00 -2.41
N THR A 22 -6.25 1.81 -3.22
CA THR A 22 -6.85 2.85 -4.06
C THR A 22 -8.36 2.88 -3.81
N PHE A 23 -8.92 4.07 -3.62
CA PHE A 23 -10.29 4.27 -3.14
C PHE A 23 -10.92 5.61 -3.63
N PRO A 24 -12.26 5.73 -3.62
CA PRO A 24 -12.97 6.99 -3.89
C PRO A 24 -12.49 8.17 -3.02
N LYS A 25 -12.59 9.39 -3.56
CA LYS A 25 -12.22 10.65 -2.89
C LYS A 25 -12.86 10.89 -1.52
N GLU A 26 -14.04 10.32 -1.30
CA GLU A 26 -14.84 10.46 -0.07
C GLU A 26 -14.41 9.53 1.09
N TRP A 27 -13.57 8.52 0.83
CA TRP A 27 -13.04 7.62 1.87
C TRP A 27 -12.14 8.33 2.88
N LYS A 28 -12.10 7.79 4.10
CA LYS A 28 -11.33 8.28 5.26
C LYS A 28 -10.50 7.16 5.91
N THR A 29 -9.61 7.56 6.82
CA THR A 29 -8.85 6.66 7.71
C THR A 29 -9.76 5.65 8.42
N SER A 30 -10.99 6.05 8.77
CA SER A 30 -12.01 5.17 9.37
C SER A 30 -12.47 4.04 8.45
N ASP A 31 -12.73 4.32 7.17
CA ASP A 31 -13.07 3.31 6.17
C ASP A 31 -11.91 2.33 5.94
N LEU A 32 -10.67 2.85 6.05
CA LEU A 32 -9.45 2.06 5.92
C LEU A 32 -9.24 1.13 7.13
N TYR A 33 -9.44 1.63 8.37
CA TYR A 33 -9.48 0.77 9.56
C TYR A 33 -10.59 -0.29 9.47
N GLN A 34 -11.79 0.07 9.02
CA GLN A 34 -12.89 -0.88 8.81
C GLN A 34 -12.56 -1.97 7.77
N LEU A 35 -11.75 -1.66 6.75
CA LEU A 35 -11.31 -2.60 5.72
C LEU A 35 -10.24 -3.59 6.21
N PHE A 36 -9.34 -3.17 7.11
CA PHE A 36 -8.15 -3.95 7.48
C PHE A 36 -8.08 -4.43 8.96
N SER A 37 -9.01 -4.00 9.83
CA SER A 37 -9.09 -4.47 11.23
C SER A 37 -9.22 -5.99 11.40
N ALA A 38 -9.72 -6.69 10.38
CA ALA A 38 -9.79 -8.16 10.32
C ALA A 38 -8.43 -8.87 10.45
N PHE A 39 -7.32 -8.17 10.16
CA PHE A 39 -5.94 -8.66 10.30
C PHE A 39 -5.28 -8.31 11.66
N GLY A 40 -5.95 -7.51 12.50
CA GLY A 40 -5.40 -6.98 13.76
C GLY A 40 -5.13 -5.47 13.69
N ASN A 41 -4.19 -4.99 14.51
CA ASN A 41 -3.66 -3.62 14.40
C ASN A 41 -2.97 -3.36 13.05
N ILE A 42 -2.94 -2.09 12.62
CA ILE A 42 -2.41 -1.64 11.32
C ILE A 42 -1.67 -0.29 11.43
N GLN A 43 -1.10 0.18 10.32
CA GLN A 43 -0.55 1.53 10.16
C GLN A 43 -0.82 2.02 8.73
N ILE A 44 -1.07 3.32 8.54
CA ILE A 44 -1.50 3.92 7.26
C ILE A 44 -0.59 5.11 6.92
N SER A 45 -0.11 5.17 5.68
CA SER A 45 0.79 6.20 5.14
C SER A 45 0.31 6.69 3.78
N TRP A 46 -0.40 7.82 3.77
CA TRP A 46 -0.97 8.44 2.57
C TRP A 46 0.07 8.83 1.51
N ILE A 47 -0.36 8.86 0.24
CA ILE A 47 0.40 9.42 -0.89
C ILE A 47 -0.44 10.34 -1.79
N ASP A 48 -1.78 10.18 -1.80
CA ASP A 48 -2.73 11.05 -2.48
C ASP A 48 -4.10 11.10 -1.77
N ASP A 49 -5.00 11.97 -2.24
CA ASP A 49 -6.41 12.04 -1.85
C ASP A 49 -7.20 10.74 -2.13
N THR A 50 -6.69 9.88 -3.03
CA THR A 50 -7.35 8.66 -3.54
C THR A 50 -6.53 7.38 -3.41
N SER A 51 -5.32 7.45 -2.83
CA SER A 51 -4.51 6.26 -2.55
C SER A 51 -3.50 6.43 -1.39
N ALA A 52 -3.20 5.31 -0.72
CA ALA A 52 -2.33 5.25 0.46
C ALA A 52 -1.65 3.86 0.59
N PHE A 53 -0.57 3.80 1.36
CA PHE A 53 0.04 2.54 1.80
C PHE A 53 -0.58 2.07 3.12
N VAL A 54 -0.65 0.76 3.36
CA VAL A 54 -1.19 0.14 4.59
C VAL A 54 -0.32 -1.03 5.04
N SER A 55 0.26 -0.93 6.24
CA SER A 55 1.07 -1.98 6.88
C SER A 55 0.20 -3.04 7.54
N LEU A 56 0.64 -4.31 7.52
CA LEU A 56 0.03 -5.46 8.18
C LEU A 56 1.07 -6.24 9.00
N SER A 57 0.62 -6.97 10.03
CA SER A 57 1.49 -7.60 11.04
C SER A 57 2.34 -8.77 10.53
N GLN A 58 1.93 -9.44 9.44
CA GLN A 58 2.72 -10.47 8.75
C GLN A 58 2.62 -10.32 7.21
N PRO A 59 3.65 -10.74 6.43
CA PRO A 59 3.59 -10.74 4.96
C PRO A 59 2.61 -11.78 4.38
N GLU A 60 2.20 -12.79 5.16
CA GLU A 60 1.10 -13.70 4.77
C GLU A 60 -0.26 -12.96 4.67
N GLN A 61 -0.51 -12.00 5.56
CA GLN A 61 -1.73 -11.19 5.55
C GLN A 61 -1.80 -10.25 4.32
N VAL A 62 -0.65 -9.77 3.84
CA VAL A 62 -0.51 -9.01 2.58
C VAL A 62 -1.00 -9.83 1.39
N GLN A 63 -0.59 -11.10 1.28
CA GLN A 63 -1.06 -12.01 0.24
C GLN A 63 -2.58 -12.27 0.31
N ILE A 64 -3.11 -12.47 1.53
CA ILE A 64 -4.56 -12.69 1.75
C ILE A 64 -5.38 -11.45 1.35
N ALA A 65 -4.93 -10.24 1.69
CA ALA A 65 -5.60 -9.00 1.30
C ALA A 65 -5.63 -8.77 -0.22
N VAL A 66 -4.54 -9.11 -0.93
CA VAL A 66 -4.51 -9.09 -2.40
C VAL A 66 -5.45 -10.14 -3.00
N ASN A 67 -5.48 -11.37 -2.47
CA ASN A 67 -6.41 -12.42 -2.92
C ASN A 67 -7.89 -12.01 -2.74
N THR A 68 -8.24 -11.43 -1.59
CA THR A 68 -9.61 -11.03 -1.25
C THR A 68 -10.08 -9.76 -1.98
N SER A 69 -9.16 -8.93 -2.47
CA SER A 69 -9.48 -7.73 -3.29
C SER A 69 -10.12 -8.03 -4.66
N LYS A 70 -10.04 -9.29 -5.13
CA LYS A 70 -10.72 -9.79 -6.34
C LYS A 70 -12.25 -9.61 -6.33
N TYR A 71 -12.83 -9.33 -5.15
CA TYR A 71 -14.28 -9.22 -4.90
C TYR A 71 -14.66 -7.88 -4.23
N ALA A 72 -13.76 -6.88 -4.26
CA ALA A 72 -13.90 -5.58 -3.60
C ALA A 72 -15.03 -4.69 -4.13
N GLU A 73 -15.26 -4.73 -5.44
CA GLU A 73 -16.22 -3.94 -6.26
C GLU A 73 -16.21 -2.40 -6.15
N SER A 74 -15.63 -1.80 -5.10
CA SER A 74 -15.68 -0.35 -4.81
C SER A 74 -14.33 0.26 -4.38
N TYR A 75 -13.26 -0.55 -4.34
CA TYR A 75 -11.87 -0.19 -4.01
C TYR A 75 -10.90 -1.20 -4.65
N ARG A 76 -9.59 -0.99 -4.52
CA ARG A 76 -8.55 -1.90 -5.05
C ARG A 76 -7.32 -1.96 -4.13
N ILE A 77 -6.64 -3.09 -4.11
CA ILE A 77 -5.46 -3.40 -3.29
C ILE A 77 -4.38 -4.09 -4.14
N GLN A 78 -3.12 -3.79 -3.88
CA GLN A 78 -1.93 -4.48 -4.40
C GLN A 78 -0.79 -4.46 -3.38
N THR A 79 0.28 -5.23 -3.57
CA THR A 79 1.48 -5.16 -2.70
C THR A 79 2.27 -3.86 -2.94
N TYR A 80 3.17 -3.50 -2.01
CA TYR A 80 4.14 -2.43 -2.21
C TYR A 80 5.00 -2.65 -3.49
N ALA A 81 5.45 -3.89 -3.73
CA ALA A 81 6.23 -4.23 -4.92
C ALA A 81 5.43 -4.08 -6.23
N GLU A 82 4.16 -4.48 -6.24
CA GLU A 82 3.26 -4.30 -7.39
C GLU A 82 2.94 -2.82 -7.67
N TYR A 83 2.89 -1.96 -6.65
CA TYR A 83 2.83 -0.51 -6.82
C TYR A 83 4.13 0.05 -7.42
N VAL A 84 5.29 -0.32 -6.85
CA VAL A 84 6.63 0.10 -7.33
C VAL A 84 6.83 -0.23 -8.81
N GLY A 85 6.39 -1.41 -9.26
CA GLY A 85 6.48 -1.86 -10.64
C GLY A 85 5.58 -1.10 -11.64
N LYS A 86 4.65 -0.25 -11.15
CA LYS A 86 3.76 0.61 -11.96
C LYS A 86 4.02 2.11 -11.78
N LYS A 87 4.75 2.52 -10.74
CA LYS A 87 4.93 3.92 -10.29
C LYS A 87 5.26 4.92 -11.41
N GLN A 88 6.04 4.51 -12.40
CA GLN A 88 6.49 5.34 -13.53
C GLN A 88 5.37 5.81 -14.48
N LYS A 89 4.21 5.11 -14.52
CA LYS A 89 3.14 5.36 -15.51
C LYS A 89 1.69 5.12 -15.00
N GLY A 90 1.51 4.37 -13.92
CA GLY A 90 0.22 3.86 -13.42
C GLY A 90 -0.86 4.89 -13.10
N LYS A 91 -0.49 6.15 -12.82
CA LYS A 91 -1.38 7.31 -12.71
C LYS A 91 -0.76 8.57 -13.32
N GLN A 92 -1.59 9.52 -13.71
CA GLN A 92 -1.22 10.70 -14.53
C GLN A 92 -1.77 12.02 -13.97
N VAL A 93 -2.11 12.06 -12.68
CA VAL A 93 -2.68 13.24 -11.98
C VAL A 93 -2.16 13.33 -10.54
N LYS A 94 -2.01 14.57 -10.04
CA LYS A 94 -1.42 14.91 -8.72
C LYS A 94 -2.13 16.06 -7.98
N SER A 95 -2.87 16.91 -8.70
CA SER A 95 -3.54 18.12 -8.19
C SER A 95 -4.87 18.38 -8.90
N GLY A 96 -5.70 19.27 -8.35
CA GLY A 96 -7.00 19.67 -8.91
C GLY A 96 -7.63 20.88 -8.20
N PRO A 97 -8.79 21.38 -8.68
CA PRO A 97 -9.43 22.59 -8.17
C PRO A 97 -10.07 22.44 -6.78
N SER A 98 -10.20 21.22 -6.26
CA SER A 98 -10.76 20.90 -4.94
C SER A 98 -10.02 21.53 -3.74
N SER A 99 -8.78 22.01 -3.94
CA SER A 99 -8.01 22.76 -2.93
C SER A 99 -8.55 24.16 -2.60
N GLY A 100 -9.43 24.73 -3.44
CA GLY A 100 -10.04 26.06 -3.25
C GLY A 100 -10.94 26.49 -4.40
N GLY A 1 31.37 -2.35 15.48
CA GLY A 1 30.28 -3.19 14.95
C GLY A 1 30.79 -4.55 14.46
N SER A 2 29.91 -5.55 14.41
CA SER A 2 30.24 -6.95 14.08
C SER A 2 29.21 -7.67 13.20
N SER A 3 28.24 -6.94 12.63
CA SER A 3 27.14 -7.45 11.77
C SER A 3 26.25 -8.53 12.42
N GLY A 4 26.20 -8.58 13.75
CA GLY A 4 25.38 -9.53 14.51
C GLY A 4 25.20 -9.13 15.98
N SER A 5 24.34 -9.85 16.71
CA SER A 5 23.88 -9.51 18.07
C SER A 5 24.99 -9.35 19.12
N SER A 6 26.18 -9.90 18.87
CA SER A 6 27.37 -9.76 19.73
C SER A 6 27.93 -8.33 19.82
N GLY A 7 27.60 -7.43 18.88
CA GLY A 7 28.13 -6.06 18.87
C GLY A 7 27.68 -5.10 17.74
N GLY A 8 26.74 -5.49 16.87
CA GLY A 8 26.21 -4.62 15.81
C GLY A 8 25.18 -5.29 14.89
N PRO A 9 24.03 -5.77 15.39
CA PRO A 9 23.00 -6.43 14.58
C PRO A 9 22.26 -5.45 13.64
N ASP A 10 21.49 -6.01 12.71
CA ASP A 10 20.52 -5.29 11.86
C ASP A 10 19.28 -6.17 11.60
N LEU A 11 18.10 -5.55 11.65
CA LEU A 11 16.78 -6.19 11.57
C LEU A 11 15.71 -5.29 10.92
N GLN A 12 16.13 -4.23 10.20
CA GLN A 12 15.25 -3.27 9.52
C GLN A 12 14.23 -3.93 8.57
N PRO A 13 13.01 -3.37 8.41
CA PRO A 13 11.99 -3.89 7.50
C PRO A 13 12.35 -3.66 6.02
N LYS A 14 11.65 -4.38 5.13
CA LYS A 14 11.83 -4.36 3.66
C LYS A 14 10.52 -4.10 2.89
N ARG A 15 9.49 -3.61 3.60
CA ARG A 15 8.10 -3.36 3.15
C ARG A 15 7.40 -4.53 2.45
N ASP A 16 7.87 -5.76 2.67
CA ASP A 16 7.21 -7.01 2.28
C ASP A 16 5.89 -7.26 3.04
N HIS A 17 5.67 -6.56 4.16
CA HIS A 17 4.46 -6.58 4.98
C HIS A 17 3.47 -5.43 4.64
N VAL A 18 3.65 -4.76 3.49
CA VAL A 18 2.93 -3.52 3.12
C VAL A 18 2.17 -3.69 1.81
N LEU A 19 0.99 -3.06 1.77
CA LEU A 19 0.07 -3.00 0.63
C LEU A 19 -0.04 -1.56 0.12
N HIS A 20 -0.60 -1.42 -1.08
CA HIS A 20 -1.05 -0.18 -1.70
C HIS A 20 -2.54 -0.33 -2.02
N VAL A 21 -3.30 0.74 -1.80
CA VAL A 21 -4.77 0.75 -1.82
C VAL A 21 -5.25 1.94 -2.64
N THR A 22 -6.34 1.75 -3.40
CA THR A 22 -6.93 2.75 -4.29
C THR A 22 -8.45 2.81 -4.06
N PHE A 23 -9.01 4.01 -3.95
CA PHE A 23 -10.40 4.23 -3.51
C PHE A 23 -10.95 5.61 -3.95
N PRO A 24 -12.28 5.80 -4.05
CA PRO A 24 -12.91 7.11 -4.22
C PRO A 24 -12.50 8.09 -3.11
N LYS A 25 -12.35 9.39 -3.45
CA LYS A 25 -11.94 10.45 -2.50
C LYS A 25 -12.82 10.57 -1.24
N GLU A 26 -14.08 10.13 -1.33
CA GLU A 26 -15.05 10.11 -0.22
C GLU A 26 -14.67 9.18 0.94
N TRP A 27 -13.70 8.27 0.77
CA TRP A 27 -13.12 7.45 1.86
C TRP A 27 -12.30 8.27 2.87
N LYS A 28 -12.18 7.73 4.10
CA LYS A 28 -11.37 8.27 5.20
C LYS A 28 -10.46 7.17 5.79
N THR A 29 -9.52 7.55 6.66
CA THR A 29 -8.71 6.64 7.48
C THR A 29 -9.59 5.64 8.26
N SER A 30 -10.79 6.05 8.69
CA SER A 30 -11.76 5.17 9.35
C SER A 30 -12.29 4.04 8.46
N ASP A 31 -12.60 4.32 7.19
CA ASP A 31 -13.00 3.29 6.21
C ASP A 31 -11.83 2.34 5.90
N LEU A 32 -10.60 2.87 5.95
CA LEU A 32 -9.38 2.09 5.79
C LEU A 32 -9.12 1.18 7.01
N TYR A 33 -9.31 1.67 8.24
CA TYR A 33 -9.31 0.83 9.44
C TYR A 33 -10.37 -0.29 9.35
N GLN A 34 -11.59 0.03 8.89
CA GLN A 34 -12.66 -0.95 8.70
C GLN A 34 -12.32 -2.03 7.64
N LEU A 35 -11.55 -1.66 6.59
CA LEU A 35 -11.09 -2.58 5.54
C LEU A 35 -9.96 -3.52 6.00
N PHE A 36 -9.11 -3.11 6.96
CA PHE A 36 -7.88 -3.83 7.31
C PHE A 36 -7.78 -4.31 8.78
N SER A 37 -8.74 -3.98 9.65
CA SER A 37 -8.81 -4.50 11.04
C SER A 37 -8.92 -6.03 11.14
N ALA A 38 -9.34 -6.70 10.07
CA ALA A 38 -9.36 -8.16 9.92
C ALA A 38 -7.98 -8.85 10.03
N PHE A 39 -6.89 -8.07 10.05
CA PHE A 39 -5.50 -8.56 9.98
C PHE A 39 -4.66 -8.18 11.21
N GLY A 40 -5.31 -7.76 12.31
CA GLY A 40 -4.65 -7.38 13.56
C GLY A 40 -4.29 -5.89 13.61
N ASN A 41 -3.21 -5.54 14.32
CA ASN A 41 -2.62 -4.20 14.30
C ASN A 41 -2.11 -3.83 12.88
N ILE A 42 -2.27 -2.57 12.50
CA ILE A 42 -1.92 -2.03 11.17
C ILE A 42 -1.34 -0.60 11.27
N GLN A 43 -0.87 -0.06 10.14
CA GLN A 43 -0.52 1.35 9.97
C GLN A 43 -1.01 1.84 8.61
N ILE A 44 -1.50 3.08 8.51
CA ILE A 44 -2.07 3.68 7.30
C ILE A 44 -1.28 4.95 6.96
N SER A 45 -0.76 5.02 5.73
CA SER A 45 0.20 6.03 5.28
C SER A 45 -0.20 6.57 3.89
N TRP A 46 -0.92 7.69 3.86
CA TRP A 46 -1.36 8.36 2.63
C TRP A 46 -0.20 8.73 1.68
N ILE A 47 -0.50 8.79 0.37
CA ILE A 47 0.40 9.33 -0.67
C ILE A 47 -0.28 10.37 -1.57
N ASP A 48 -1.61 10.35 -1.66
CA ASP A 48 -2.45 11.37 -2.30
C ASP A 48 -3.93 11.22 -1.82
N ASP A 49 -4.86 11.98 -2.39
CA ASP A 49 -6.27 11.99 -1.96
C ASP A 49 -7.11 10.77 -2.37
N THR A 50 -6.57 9.84 -3.16
CA THR A 50 -7.30 8.64 -3.67
C THR A 50 -6.50 7.33 -3.57
N SER A 51 -5.28 7.38 -3.01
CA SER A 51 -4.43 6.23 -2.71
C SER A 51 -3.61 6.38 -1.43
N ALA A 52 -3.32 5.25 -0.78
CA ALA A 52 -2.51 5.15 0.43
C ALA A 52 -1.79 3.79 0.53
N PHE A 53 -0.70 3.74 1.29
CA PHE A 53 -0.06 2.49 1.70
C PHE A 53 -0.65 2.00 3.02
N VAL A 54 -0.67 0.69 3.24
CA VAL A 54 -1.14 0.06 4.50
C VAL A 54 -0.20 -1.08 4.92
N SER A 55 0.47 -0.91 6.06
CA SER A 55 1.27 -1.94 6.72
C SER A 55 0.36 -2.90 7.50
N LEU A 56 0.64 -4.21 7.45
CA LEU A 56 -0.07 -5.24 8.22
C LEU A 56 0.84 -5.90 9.27
N SER A 57 0.23 -6.62 10.23
CA SER A 57 0.93 -7.26 11.36
C SER A 57 2.06 -8.20 10.93
N GLN A 58 1.83 -8.99 9.87
CA GLN A 58 2.80 -9.90 9.24
C GLN A 58 2.55 -9.99 7.72
N PRO A 59 3.55 -10.45 6.92
CA PRO A 59 3.43 -10.56 5.47
C PRO A 59 2.49 -11.67 4.99
N GLU A 60 2.07 -12.58 5.88
CA GLU A 60 1.06 -13.61 5.57
C GLU A 60 -0.30 -13.01 5.19
N GLN A 61 -0.72 -11.93 5.86
CA GLN A 61 -2.01 -11.26 5.62
C GLN A 61 -2.02 -10.39 4.35
N VAL A 62 -0.85 -9.98 3.84
CA VAL A 62 -0.70 -9.26 2.55
C VAL A 62 -1.27 -10.10 1.40
N GLN A 63 -0.96 -11.40 1.37
CA GLN A 63 -1.53 -12.34 0.39
C GLN A 63 -3.06 -12.45 0.50
N ILE A 64 -3.60 -12.47 1.73
CA ILE A 64 -5.06 -12.57 1.97
C ILE A 64 -5.78 -11.32 1.45
N ALA A 65 -5.27 -10.12 1.73
CA ALA A 65 -5.86 -8.87 1.23
C ALA A 65 -5.84 -8.74 -0.31
N VAL A 66 -4.79 -9.23 -0.96
CA VAL A 66 -4.75 -9.36 -2.44
C VAL A 66 -5.80 -10.37 -2.93
N ASN A 67 -5.96 -11.51 -2.25
CA ASN A 67 -6.98 -12.52 -2.57
C ASN A 67 -8.42 -11.99 -2.43
N THR A 68 -8.71 -11.19 -1.40
CA THR A 68 -10.06 -10.64 -1.15
C THR A 68 -10.41 -9.47 -2.07
N SER A 69 -9.42 -8.68 -2.51
CA SER A 69 -9.60 -7.61 -3.52
C SER A 69 -10.08 -8.11 -4.88
N LYS A 70 -9.93 -9.41 -5.19
CA LYS A 70 -10.52 -10.09 -6.36
C LYS A 70 -12.04 -9.94 -6.47
N TYR A 71 -12.70 -9.65 -5.34
CA TYR A 71 -14.16 -9.54 -5.21
C TYR A 71 -14.64 -8.17 -4.68
N ALA A 72 -13.74 -7.18 -4.61
CA ALA A 72 -14.06 -5.80 -4.23
C ALA A 72 -14.96 -5.08 -5.26
N GLU A 73 -15.67 -4.04 -4.81
CA GLU A 73 -16.59 -3.24 -5.65
C GLU A 73 -16.57 -1.71 -5.38
N SER A 74 -15.82 -1.26 -4.38
CA SER A 74 -15.70 0.16 -3.96
C SER A 74 -14.25 0.61 -3.69
N TYR A 75 -13.27 -0.28 -3.92
CA TYR A 75 -11.83 -0.10 -3.67
C TYR A 75 -11.02 -1.14 -4.49
N ARG A 76 -9.69 -1.05 -4.45
CA ARG A 76 -8.74 -2.05 -4.98
C ARG A 76 -7.46 -2.09 -4.15
N ILE A 77 -6.79 -3.26 -4.11
CA ILE A 77 -5.59 -3.54 -3.30
C ILE A 77 -4.53 -4.23 -4.17
N GLN A 78 -3.26 -3.89 -3.95
CA GLN A 78 -2.07 -4.56 -4.49
C GLN A 78 -0.92 -4.51 -3.47
N THR A 79 0.19 -5.21 -3.71
CA THR A 79 1.38 -5.11 -2.83
C THR A 79 2.12 -3.77 -3.00
N TYR A 80 2.94 -3.40 -2.01
CA TYR A 80 3.88 -2.29 -2.13
C TYR A 80 4.82 -2.46 -3.35
N ALA A 81 5.32 -3.68 -3.56
CA ALA A 81 6.20 -4.00 -4.69
C ALA A 81 5.51 -3.86 -6.06
N GLU A 82 4.23 -4.23 -6.18
CA GLU A 82 3.45 -4.03 -7.41
C GLU A 82 3.30 -2.54 -7.75
N TYR A 83 2.98 -1.69 -6.77
CA TYR A 83 2.92 -0.23 -6.97
C TYR A 83 4.28 0.34 -7.39
N VAL A 84 5.36 -0.02 -6.68
CA VAL A 84 6.74 0.39 -7.02
C VAL A 84 7.12 0.02 -8.45
N GLY A 85 6.73 -1.17 -8.91
CA GLY A 85 7.06 -1.69 -10.25
C GLY A 85 6.33 -0.98 -11.42
N LYS A 86 5.31 -0.16 -11.14
CA LYS A 86 4.55 0.62 -12.15
C LYS A 86 4.43 2.13 -11.86
N LYS A 87 4.99 2.59 -10.73
CA LYS A 87 4.97 3.94 -10.12
C LYS A 87 4.64 5.10 -11.07
N GLN A 88 3.33 5.30 -11.23
CA GLN A 88 2.74 6.27 -12.17
C GLN A 88 3.11 7.74 -11.90
N LYS A 89 3.62 8.05 -10.70
CA LYS A 89 4.14 9.39 -10.31
C LYS A 89 5.52 9.73 -10.90
N GLY A 90 6.22 8.78 -11.53
CA GLY A 90 7.58 8.96 -12.06
C GLY A 90 7.69 8.71 -13.57
N LYS A 91 8.27 9.67 -14.31
CA LYS A 91 8.48 9.63 -15.77
C LYS A 91 9.32 8.44 -16.24
N GLN A 92 10.18 7.91 -15.36
CA GLN A 92 11.06 6.76 -15.58
C GLN A 92 10.32 5.41 -15.64
N VAL A 93 9.02 5.37 -15.32
CA VAL A 93 8.21 4.15 -15.12
C VAL A 93 6.89 4.18 -15.92
N LYS A 94 6.77 5.09 -16.90
CA LYS A 94 5.56 5.32 -17.72
C LYS A 94 5.89 5.80 -19.14
N SER A 95 4.93 5.65 -20.06
CA SER A 95 4.99 6.19 -21.43
C SER A 95 4.69 7.70 -21.48
N GLY A 96 5.05 8.36 -22.58
CA GLY A 96 4.71 9.77 -22.86
C GLY A 96 5.18 10.27 -24.23
N PRO A 97 4.78 11.50 -24.63
CA PRO A 97 5.21 12.14 -25.89
C PRO A 97 6.73 12.26 -26.06
N SER A 98 7.18 12.34 -27.32
CA SER A 98 8.58 12.62 -27.71
C SER A 98 9.03 13.99 -27.19
N SER A 99 9.93 14.01 -26.20
CA SER A 99 10.33 15.20 -25.45
C SER A 99 11.81 15.22 -24.99
N GLY A 100 12.62 14.24 -25.44
CA GLY A 100 14.05 14.12 -25.13
C GLY A 100 14.68 12.85 -25.72
N GLY A 1 0.75 20.74 32.51
CA GLY A 1 1.54 20.16 31.40
C GLY A 1 0.88 20.40 30.05
N SER A 2 1.67 20.35 28.98
CA SER A 2 1.24 20.66 27.59
C SER A 2 1.78 19.68 26.52
N SER A 3 2.60 18.70 26.91
CA SER A 3 3.16 17.64 26.05
C SER A 3 3.55 16.39 26.84
N GLY A 4 3.77 15.27 26.13
CA GLY A 4 4.20 13.99 26.72
C GLY A 4 4.20 12.82 25.73
N SER A 5 4.68 11.66 26.18
CA SER A 5 4.76 10.42 25.40
C SER A 5 4.83 9.17 26.30
N SER A 6 4.65 7.98 25.71
CA SER A 6 4.61 6.67 26.41
C SER A 6 5.46 5.59 25.71
N GLY A 7 6.28 5.97 24.73
CA GLY A 7 7.12 5.09 23.91
C GLY A 7 7.75 5.81 22.70
N GLY A 8 8.38 5.06 21.80
CA GLY A 8 8.95 5.58 20.55
C GLY A 8 9.36 4.47 19.55
N PRO A 9 9.75 4.85 18.32
CA PRO A 9 10.12 3.92 17.25
C PRO A 9 11.22 2.91 17.64
N ASP A 10 11.01 1.62 17.32
CA ASP A 10 11.98 0.53 17.49
C ASP A 10 11.96 -0.54 16.37
N LEU A 11 11.14 -0.32 15.34
CA LEU A 11 11.10 -1.09 14.09
C LEU A 11 12.40 -0.96 13.26
N GLN A 12 12.46 -1.69 12.14
CA GLN A 12 13.47 -1.58 11.08
C GLN A 12 12.80 -1.56 9.69
N PRO A 13 13.34 -0.83 8.70
CA PRO A 13 12.68 -0.62 7.41
C PRO A 13 12.68 -1.88 6.53
N LYS A 14 11.50 -2.27 6.06
CA LYS A 14 11.23 -3.32 5.06
C LYS A 14 9.89 -3.08 4.35
N ARG A 15 9.55 -3.89 3.35
CA ARG A 15 8.33 -3.71 2.50
C ARG A 15 7.52 -4.99 2.23
N ASP A 16 8.01 -6.16 2.63
CA ASP A 16 7.33 -7.46 2.48
C ASP A 16 6.05 -7.63 3.33
N HIS A 17 5.68 -6.64 4.15
CA HIS A 17 4.45 -6.56 4.95
C HIS A 17 3.55 -5.38 4.56
N VAL A 18 3.81 -4.73 3.42
CA VAL A 18 3.18 -3.44 3.01
C VAL A 18 2.34 -3.60 1.75
N LEU A 19 1.07 -3.19 1.84
CA LEU A 19 0.14 -3.03 0.74
C LEU A 19 0.13 -1.60 0.20
N HIS A 20 -0.51 -1.43 -0.96
CA HIS A 20 -0.92 -0.17 -1.56
C HIS A 20 -2.40 -0.31 -1.90
N VAL A 21 -3.19 0.73 -1.62
CA VAL A 21 -4.66 0.70 -1.67
C VAL A 21 -5.15 1.93 -2.42
N THR A 22 -6.14 1.75 -3.30
CA THR A 22 -6.70 2.79 -4.18
C THR A 22 -8.21 2.85 -3.99
N PHE A 23 -8.75 4.06 -3.85
CA PHE A 23 -10.14 4.31 -3.42
C PHE A 23 -10.67 5.69 -3.88
N PRO A 24 -12.00 5.88 -3.99
CA PRO A 24 -12.61 7.20 -4.18
C PRO A 24 -12.21 8.19 -3.07
N LYS A 25 -12.06 9.47 -3.41
CA LYS A 25 -11.64 10.54 -2.48
C LYS A 25 -12.52 10.69 -1.23
N GLU A 26 -13.76 10.23 -1.28
CA GLU A 26 -14.73 10.23 -0.18
C GLU A 26 -14.37 9.27 0.98
N TRP A 27 -13.40 8.36 0.80
CA TRP A 27 -12.86 7.50 1.87
C TRP A 27 -12.01 8.26 2.90
N LYS A 28 -11.92 7.69 4.11
CA LYS A 28 -11.09 8.17 5.23
C LYS A 28 -10.27 7.03 5.85
N THR A 29 -9.34 7.39 6.73
CA THR A 29 -8.58 6.48 7.62
C THR A 29 -9.50 5.49 8.35
N SER A 30 -10.69 5.93 8.75
CA SER A 30 -11.71 5.08 9.37
C SER A 30 -12.23 3.97 8.45
N ASP A 31 -12.53 4.28 7.18
CA ASP A 31 -12.93 3.28 6.18
C ASP A 31 -11.80 2.29 5.88
N LEU A 32 -10.55 2.74 5.99
CA LEU A 32 -9.35 1.92 5.80
C LEU A 32 -9.14 0.94 6.98
N TYR A 33 -9.23 1.41 8.23
CA TYR A 33 -9.25 0.51 9.40
C TYR A 33 -10.46 -0.45 9.39
N GLN A 34 -11.61 -0.06 8.85
CA GLN A 34 -12.76 -0.94 8.65
C GLN A 34 -12.53 -2.00 7.54
N LEU A 35 -11.80 -1.66 6.47
CA LEU A 35 -11.40 -2.58 5.39
C LEU A 35 -10.45 -3.68 5.89
N PHE A 36 -9.60 -3.37 6.87
CA PHE A 36 -8.54 -4.27 7.36
C PHE A 36 -8.72 -4.75 8.81
N SER A 37 -9.91 -4.56 9.41
CA SER A 37 -10.23 -5.00 10.79
C SER A 37 -10.03 -6.51 11.04
N ALA A 38 -10.13 -7.34 9.99
CA ALA A 38 -9.86 -8.78 10.03
C ALA A 38 -8.42 -9.15 10.46
N PHE A 39 -7.47 -8.23 10.34
CA PHE A 39 -6.06 -8.41 10.75
C PHE A 39 -5.79 -7.91 12.19
N GLY A 40 -6.77 -7.32 12.86
CA GLY A 40 -6.69 -6.81 14.23
C GLY A 40 -6.01 -5.45 14.37
N ASN A 41 -4.87 -5.25 13.69
CA ASN A 41 -4.08 -4.02 13.67
C ASN A 41 -3.41 -3.80 12.29
N ILE A 42 -3.21 -2.53 11.95
CA ILE A 42 -2.47 -2.03 10.75
C ILE A 42 -1.80 -0.68 11.07
N GLN A 43 -1.08 -0.12 10.10
CA GLN A 43 -0.58 1.26 10.11
C GLN A 43 -0.69 1.85 8.69
N ILE A 44 -0.99 3.15 8.54
CA ILE A 44 -1.35 3.78 7.26
C ILE A 44 -0.42 4.96 6.96
N SER A 45 0.03 5.06 5.70
CA SER A 45 0.90 6.11 5.18
C SER A 45 0.38 6.60 3.83
N TRP A 46 -0.40 7.69 3.84
CA TRP A 46 -0.97 8.32 2.64
C TRP A 46 0.10 8.77 1.64
N ILE A 47 -0.27 8.80 0.35
CA ILE A 47 0.54 9.36 -0.74
C ILE A 47 -0.24 10.25 -1.71
N ASP A 48 -1.57 10.13 -1.75
CA ASP A 48 -2.47 11.01 -2.51
C ASP A 48 -3.88 11.06 -1.89
N ASP A 49 -4.74 11.90 -2.45
CA ASP A 49 -6.17 12.04 -2.11
C ASP A 49 -7.01 10.77 -2.42
N THR A 50 -6.45 9.83 -3.19
CA THR A 50 -7.13 8.62 -3.70
C THR A 50 -6.31 7.33 -3.54
N SER A 51 -5.12 7.38 -2.92
CA SER A 51 -4.36 6.17 -2.56
C SER A 51 -3.39 6.34 -1.39
N ALA A 52 -3.05 5.22 -0.74
CA ALA A 52 -2.21 5.15 0.45
C ALA A 52 -1.50 3.79 0.56
N PHE A 53 -0.38 3.74 1.29
CA PHE A 53 0.27 2.49 1.71
C PHE A 53 -0.30 2.02 3.06
N VAL A 54 -0.33 0.70 3.28
CA VAL A 54 -0.85 0.09 4.51
C VAL A 54 0.06 -1.06 4.96
N SER A 55 0.75 -0.87 6.08
CA SER A 55 1.53 -1.88 6.79
C SER A 55 0.61 -2.84 7.57
N LEU A 56 0.93 -4.14 7.53
CA LEU A 56 0.21 -5.20 8.25
C LEU A 56 1.07 -5.82 9.36
N SER A 57 0.44 -6.48 10.34
CA SER A 57 1.13 -7.09 11.48
C SER A 57 2.02 -8.29 11.12
N GLN A 58 1.74 -9.01 10.03
CA GLN A 58 2.55 -10.13 9.52
C GLN A 58 2.59 -10.15 7.97
N PRO A 59 3.71 -10.59 7.35
CA PRO A 59 3.80 -10.78 5.89
C PRO A 59 2.73 -11.70 5.29
N GLU A 60 2.28 -12.72 6.02
CA GLU A 60 1.24 -13.66 5.57
C GLU A 60 -0.11 -12.98 5.29
N GLN A 61 -0.42 -11.89 6.00
CA GLN A 61 -1.65 -11.10 5.81
C GLN A 61 -1.68 -10.36 4.47
N VAL A 62 -0.52 -10.07 3.87
CA VAL A 62 -0.39 -9.44 2.54
C VAL A 62 -1.00 -10.35 1.47
N GLN A 63 -0.73 -11.65 1.53
CA GLN A 63 -1.28 -12.65 0.61
C GLN A 63 -2.81 -12.75 0.73
N ILE A 64 -3.35 -12.68 1.95
CA ILE A 64 -4.81 -12.67 2.22
C ILE A 64 -5.47 -11.44 1.61
N ALA A 65 -4.91 -10.24 1.82
CA ALA A 65 -5.45 -9.00 1.26
C ALA A 65 -5.40 -8.96 -0.28
N VAL A 66 -4.32 -9.46 -0.89
CA VAL A 66 -4.20 -9.60 -2.36
C VAL A 66 -5.25 -10.60 -2.90
N ASN A 67 -5.47 -11.73 -2.24
CA ASN A 67 -6.50 -12.71 -2.62
C ASN A 67 -7.92 -12.13 -2.53
N THR A 68 -8.24 -11.45 -1.42
CA THR A 68 -9.58 -10.91 -1.12
C THR A 68 -9.95 -9.67 -1.93
N SER A 69 -8.97 -8.95 -2.48
CA SER A 69 -9.20 -7.81 -3.39
C SER A 69 -10.01 -8.16 -4.64
N LYS A 70 -9.99 -9.44 -5.06
CA LYS A 70 -10.78 -10.02 -6.16
C LYS A 70 -12.30 -9.82 -6.01
N TYR A 71 -12.77 -9.57 -4.79
CA TYR A 71 -14.20 -9.47 -4.44
C TYR A 71 -14.66 -8.03 -4.11
N ALA A 72 -13.78 -7.02 -4.27
CA ALA A 72 -14.10 -5.61 -4.07
C ALA A 72 -15.13 -5.07 -5.08
N GLU A 73 -15.78 -3.96 -4.73
CA GLU A 73 -16.73 -3.22 -5.59
C GLU A 73 -16.58 -1.69 -5.51
N SER A 74 -15.67 -1.19 -4.67
CA SER A 74 -15.51 0.24 -4.34
C SER A 74 -14.07 0.65 -4.00
N TYR A 75 -13.10 -0.26 -4.15
CA TYR A 75 -11.67 -0.07 -3.87
C TYR A 75 -10.83 -1.11 -4.63
N ARG A 76 -9.50 -0.97 -4.57
CA ARG A 76 -8.50 -1.96 -5.04
C ARG A 76 -7.31 -2.03 -4.08
N ILE A 77 -6.63 -3.18 -4.08
CA ILE A 77 -5.44 -3.47 -3.24
C ILE A 77 -4.38 -4.17 -4.09
N GLN A 78 -3.11 -3.86 -3.85
CA GLN A 78 -1.93 -4.50 -4.43
C GLN A 78 -0.74 -4.46 -3.45
N THR A 79 0.38 -5.10 -3.76
CA THR A 79 1.61 -4.97 -2.94
C THR A 79 2.32 -3.63 -3.16
N TYR A 80 3.22 -3.27 -2.24
CA TYR A 80 4.13 -2.13 -2.43
C TYR A 80 4.97 -2.26 -3.72
N ALA A 81 5.46 -3.46 -4.02
CA ALA A 81 6.26 -3.76 -5.22
C ALA A 81 5.45 -3.59 -6.53
N GLU A 82 4.17 -3.97 -6.55
CA GLU A 82 3.28 -3.72 -7.69
C GLU A 82 3.07 -2.22 -7.93
N TYR A 83 2.85 -1.42 -6.88
CA TYR A 83 2.75 0.04 -7.02
C TYR A 83 4.04 0.65 -7.59
N VAL A 84 5.21 0.30 -7.03
CA VAL A 84 6.52 0.77 -7.48
C VAL A 84 6.74 0.58 -8.99
N GLY A 85 6.28 -0.53 -9.57
CA GLY A 85 6.37 -0.79 -11.00
C GLY A 85 5.33 -0.02 -11.84
N LYS A 86 4.06 -0.02 -11.41
CA LYS A 86 2.93 0.61 -12.14
C LYS A 86 2.92 2.15 -12.07
N LYS A 87 3.54 2.74 -11.05
CA LYS A 87 3.73 4.20 -10.86
C LYS A 87 4.50 4.88 -12.00
N GLN A 88 5.40 4.13 -12.64
CA GLN A 88 6.29 4.62 -13.72
C GLN A 88 5.49 4.85 -15.02
N LYS A 89 5.15 6.12 -15.30
CA LYS A 89 4.27 6.56 -16.41
C LYS A 89 4.77 7.84 -17.08
N GLY A 90 4.27 8.08 -18.29
CA GLY A 90 4.52 9.30 -19.09
C GLY A 90 3.32 9.79 -19.92
N LYS A 91 2.15 9.12 -19.82
CA LYS A 91 0.95 9.33 -20.66
C LYS A 91 -0.27 9.87 -19.89
N GLN A 92 -0.21 9.89 -18.55
CA GLN A 92 -1.28 10.31 -17.63
C GLN A 92 -0.80 11.35 -16.60
N VAL A 93 0.35 11.99 -16.86
CA VAL A 93 1.09 12.86 -15.91
C VAL A 93 1.47 14.23 -16.49
N LYS A 94 1.08 14.53 -17.74
CA LYS A 94 1.31 15.83 -18.41
C LYS A 94 0.36 16.96 -17.95
N SER A 95 -0.57 16.68 -17.05
CA SER A 95 -1.62 17.59 -16.56
C SER A 95 -1.90 17.44 -15.05
N GLY A 96 -2.72 18.34 -14.51
CA GLY A 96 -3.04 18.43 -13.07
C GLY A 96 -4.47 18.92 -12.80
N PRO A 97 -5.51 18.13 -13.16
CA PRO A 97 -6.92 18.54 -13.06
C PRO A 97 -7.45 18.63 -11.61
N SER A 98 -6.74 18.03 -10.64
CA SER A 98 -7.15 17.95 -9.22
C SER A 98 -5.99 18.10 -8.22
N SER A 99 -4.76 18.33 -8.70
CA SER A 99 -3.53 18.47 -7.88
C SER A 99 -2.44 19.28 -8.61
N GLY A 100 -1.43 19.74 -7.87
CA GLY A 100 -0.30 20.53 -8.38
C GLY A 100 0.69 20.92 -7.29
N GLY A 1 23.51 -6.76 26.21
CA GLY A 1 23.10 -5.54 25.49
C GLY A 1 22.99 -5.75 23.99
N SER A 2 22.35 -4.80 23.29
CA SER A 2 22.05 -4.87 21.85
C SER A 2 22.23 -3.52 21.10
N SER A 3 22.83 -2.53 21.75
CA SER A 3 22.97 -1.13 21.30
C SER A 3 24.03 -0.90 20.19
N GLY A 4 24.36 -1.92 19.39
CA GLY A 4 25.42 -1.87 18.37
C GLY A 4 25.28 -2.94 17.27
N SER A 5 26.25 -2.95 16.34
CA SER A 5 26.29 -3.83 15.16
C SER A 5 26.25 -5.32 15.49
N SER A 6 25.77 -6.13 14.53
CA SER A 6 25.57 -7.59 14.69
C SER A 6 26.07 -8.45 13.51
N GLY A 7 26.66 -7.83 12.47
CA GLY A 7 27.35 -8.54 11.38
C GLY A 7 27.48 -7.76 10.07
N GLY A 8 26.45 -6.99 9.70
CA GLY A 8 26.38 -6.26 8.43
C GLY A 8 24.98 -5.74 8.07
N PRO A 9 24.76 -5.26 6.82
CA PRO A 9 23.47 -4.75 6.34
C PRO A 9 22.40 -5.84 6.10
N ASP A 10 22.70 -7.12 6.38
CA ASP A 10 21.83 -8.30 6.21
C ASP A 10 20.55 -8.30 7.08
N LEU A 11 20.33 -7.25 7.87
CA LEU A 11 19.19 -7.06 8.80
C LEU A 11 18.39 -5.76 8.54
N GLN A 12 18.62 -5.09 7.41
CA GLN A 12 17.85 -3.93 6.95
C GLN A 12 16.34 -4.23 6.75
N PRO A 13 15.45 -3.21 6.82
CA PRO A 13 13.99 -3.37 6.72
C PRO A 13 13.50 -3.83 5.32
N LYS A 14 12.20 -4.16 5.25
CA LYS A 14 11.53 -4.78 4.10
C LYS A 14 10.14 -4.19 3.81
N ARG A 15 9.44 -4.71 2.79
CA ARG A 15 8.12 -4.25 2.31
C ARG A 15 7.14 -5.37 1.96
N ASP A 16 7.51 -6.64 2.15
CA ASP A 16 6.70 -7.83 1.86
C ASP A 16 5.37 -7.91 2.64
N HIS A 17 5.24 -7.10 3.70
CA HIS A 17 4.07 -7.00 4.59
C HIS A 17 3.26 -5.70 4.37
N VAL A 18 3.48 -4.99 3.26
CA VAL A 18 2.84 -3.70 2.95
C VAL A 18 2.05 -3.78 1.64
N LEU A 19 0.92 -3.07 1.61
CA LEU A 19 0.00 -2.92 0.48
C LEU A 19 -0.08 -1.47 0.01
N HIS A 20 -0.62 -1.28 -1.19
CA HIS A 20 -1.05 -0.01 -1.76
C HIS A 20 -2.54 -0.14 -2.12
N VAL A 21 -3.32 0.90 -1.87
CA VAL A 21 -4.79 0.88 -1.93
C VAL A 21 -5.29 2.12 -2.68
N THR A 22 -6.32 1.95 -3.50
CA THR A 22 -6.92 3.00 -4.34
C THR A 22 -8.44 2.98 -4.19
N PHE A 23 -9.06 4.16 -4.02
CA PHE A 23 -10.48 4.29 -3.64
C PHE A 23 -11.05 5.68 -4.00
N PRO A 24 -12.38 5.84 -4.14
CA PRO A 24 -13.04 7.14 -4.27
C PRO A 24 -12.69 8.13 -3.15
N LYS A 25 -12.63 9.43 -3.48
CA LYS A 25 -12.30 10.52 -2.53
C LYS A 25 -13.18 10.57 -1.26
N GLU A 26 -14.40 10.03 -1.35
CA GLU A 26 -15.38 9.93 -0.27
C GLU A 26 -14.94 9.09 0.94
N TRP A 27 -13.93 8.22 0.78
CA TRP A 27 -13.34 7.41 1.85
C TRP A 27 -12.54 8.25 2.88
N LYS A 28 -12.40 7.71 4.09
CA LYS A 28 -11.57 8.24 5.18
C LYS A 28 -10.65 7.17 5.76
N THR A 29 -9.67 7.58 6.57
CA THR A 29 -8.81 6.70 7.38
C THR A 29 -9.63 5.71 8.22
N SER A 30 -10.82 6.11 8.68
CA SER A 30 -11.76 5.23 9.38
C SER A 30 -12.32 4.09 8.53
N ASP A 31 -12.69 4.36 7.27
CA ASP A 31 -13.12 3.31 6.33
C ASP A 31 -11.97 2.36 5.98
N LEU A 32 -10.75 2.89 5.97
CA LEU A 32 -9.52 2.11 5.75
C LEU A 32 -9.22 1.20 6.96
N TYR A 33 -9.35 1.69 8.20
CA TYR A 33 -9.30 0.84 9.39
C TYR A 33 -10.41 -0.21 9.38
N GLN A 34 -11.65 0.12 8.97
CA GLN A 34 -12.73 -0.86 8.84
C GLN A 34 -12.42 -1.97 7.81
N LEU A 35 -11.67 -1.66 6.75
CA LEU A 35 -11.24 -2.61 5.71
C LEU A 35 -10.07 -3.52 6.16
N PHE A 36 -9.18 -3.07 7.06
CA PHE A 36 -7.92 -3.78 7.36
C PHE A 36 -7.68 -4.15 8.83
N SER A 37 -8.44 -3.63 9.80
CA SER A 37 -8.33 -3.97 11.24
C SER A 37 -8.52 -5.47 11.53
N ALA A 38 -9.20 -6.20 10.63
CA ALA A 38 -9.32 -7.67 10.67
C ALA A 38 -7.95 -8.42 10.71
N PHE A 39 -6.88 -7.81 10.21
CA PHE A 39 -5.52 -8.36 10.25
C PHE A 39 -4.73 -8.05 11.54
N GLY A 40 -5.14 -7.03 12.31
CA GLY A 40 -4.48 -6.62 13.55
C GLY A 40 -4.42 -5.10 13.73
N ASN A 41 -3.49 -4.65 14.58
CA ASN A 41 -3.14 -3.23 14.78
C ASN A 41 -2.31 -2.66 13.61
N ILE A 42 -2.93 -2.66 12.44
CA ILE A 42 -2.39 -2.15 11.16
C ILE A 42 -2.00 -0.67 11.20
N GLN A 43 -1.30 -0.20 10.16
CA GLN A 43 -0.88 1.20 9.99
C GLN A 43 -1.24 1.71 8.58
N ILE A 44 -1.50 3.01 8.43
CA ILE A 44 -1.97 3.65 7.18
C ILE A 44 -1.11 4.88 6.89
N SER A 45 -0.65 5.03 5.65
CA SER A 45 0.24 6.10 5.19
C SER A 45 -0.24 6.67 3.85
N TRP A 46 -0.96 7.81 3.90
CA TRP A 46 -1.48 8.52 2.72
C TRP A 46 -0.39 8.96 1.74
N ILE A 47 -0.74 9.00 0.45
CA ILE A 47 0.07 9.57 -0.65
C ILE A 47 -0.72 10.46 -1.61
N ASP A 48 -2.05 10.34 -1.66
CA ASP A 48 -2.95 11.23 -2.42
C ASP A 48 -4.35 11.29 -1.78
N ASP A 49 -5.22 12.10 -2.35
CA ASP A 49 -6.64 12.26 -1.95
C ASP A 49 -7.50 11.00 -2.18
N THR A 50 -6.95 10.02 -2.92
CA THR A 50 -7.61 8.78 -3.38
C THR A 50 -6.71 7.53 -3.23
N SER A 51 -5.52 7.68 -2.62
CA SER A 51 -4.50 6.62 -2.55
C SER A 51 -3.68 6.65 -1.24
N ALA A 52 -3.42 5.47 -0.68
CA ALA A 52 -2.61 5.29 0.53
C ALA A 52 -1.92 3.91 0.57
N PHE A 53 -0.84 3.80 1.33
CA PHE A 53 -0.23 2.51 1.71
C PHE A 53 -0.86 1.99 3.01
N VAL A 54 -0.82 0.67 3.20
CA VAL A 54 -1.29 0.00 4.43
C VAL A 54 -0.31 -1.10 4.85
N SER A 55 0.20 -1.02 6.08
CA SER A 55 1.11 -2.01 6.67
C SER A 55 0.32 -3.06 7.47
N LEU A 56 0.62 -4.34 7.27
CA LEU A 56 0.01 -5.48 7.96
C LEU A 56 1.02 -6.17 8.89
N SER A 57 0.52 -6.96 9.86
CA SER A 57 1.36 -7.59 10.90
C SER A 57 2.30 -8.69 10.38
N GLN A 58 1.98 -9.34 9.25
CA GLN A 58 2.77 -10.41 8.63
C GLN A 58 2.68 -10.38 7.08
N PRO A 59 3.69 -10.88 6.36
CA PRO A 59 3.66 -10.98 4.89
C PRO A 59 2.66 -12.02 4.36
N GLU A 60 2.25 -13.01 5.17
CA GLU A 60 1.17 -13.93 4.83
C GLU A 60 -0.18 -13.21 4.65
N GLN A 61 -0.43 -12.16 5.46
CA GLN A 61 -1.67 -11.37 5.40
C GLN A 61 -1.78 -10.53 4.12
N VAL A 62 -0.65 -10.13 3.52
CA VAL A 62 -0.62 -9.49 2.19
C VAL A 62 -1.15 -10.45 1.11
N GLN A 63 -0.75 -11.73 1.13
CA GLN A 63 -1.29 -12.74 0.21
C GLN A 63 -2.80 -12.92 0.39
N ILE A 64 -3.30 -12.94 1.64
CA ILE A 64 -4.73 -13.01 1.95
C ILE A 64 -5.48 -11.78 1.40
N ALA A 65 -4.98 -10.56 1.63
CA ALA A 65 -5.58 -9.33 1.11
C ALA A 65 -5.61 -9.25 -0.43
N VAL A 66 -4.55 -9.74 -1.10
CA VAL A 66 -4.49 -9.87 -2.57
C VAL A 66 -5.48 -10.93 -3.11
N ASN A 67 -5.83 -11.95 -2.31
CA ASN A 67 -6.92 -12.86 -2.64
C ASN A 67 -8.31 -12.22 -2.45
N THR A 68 -8.54 -11.55 -1.32
CA THR A 68 -9.86 -10.99 -0.96
C THR A 68 -10.25 -9.73 -1.75
N SER A 69 -9.29 -9.01 -2.33
CA SER A 69 -9.55 -7.83 -3.19
C SER A 69 -10.39 -8.15 -4.44
N LYS A 70 -10.42 -9.41 -4.90
CA LYS A 70 -11.28 -9.91 -5.99
C LYS A 70 -12.78 -9.75 -5.72
N TYR A 71 -13.19 -9.54 -4.47
CA TYR A 71 -14.59 -9.37 -4.06
C TYR A 71 -14.98 -7.90 -3.83
N ALA A 72 -14.07 -6.94 -4.01
CA ALA A 72 -14.35 -5.51 -3.89
C ALA A 72 -15.28 -4.99 -4.99
N GLU A 73 -15.97 -3.88 -4.70
CA GLU A 73 -16.83 -3.13 -5.65
C GLU A 73 -16.67 -1.60 -5.52
N SER A 74 -15.87 -1.14 -4.55
CA SER A 74 -15.70 0.27 -4.17
C SER A 74 -14.26 0.66 -3.80
N TYR A 75 -13.30 -0.27 -3.96
CA TYR A 75 -11.86 -0.09 -3.69
C TYR A 75 -11.02 -1.09 -4.50
N ARG A 76 -9.70 -0.89 -4.51
CA ARG A 76 -8.68 -1.73 -5.18
C ARG A 76 -7.43 -1.85 -4.31
N ILE A 77 -6.72 -2.97 -4.41
CA ILE A 77 -5.53 -3.31 -3.63
C ILE A 77 -4.47 -3.96 -4.54
N GLN A 78 -3.20 -3.64 -4.27
CA GLN A 78 -2.00 -4.29 -4.84
C GLN A 78 -0.88 -4.33 -3.77
N THR A 79 0.16 -5.13 -3.93
CA THR A 79 1.31 -5.11 -3.00
C THR A 79 2.14 -3.83 -3.15
N TYR A 80 2.96 -3.52 -2.14
CA TYR A 80 3.96 -2.46 -2.26
C TYR A 80 4.95 -2.71 -3.42
N ALA A 81 5.33 -3.97 -3.67
CA ALA A 81 6.19 -4.35 -4.78
C ALA A 81 5.54 -4.11 -6.16
N GLU A 82 4.23 -4.39 -6.31
CA GLU A 82 3.47 -4.08 -7.53
C GLU A 82 3.39 -2.56 -7.79
N TYR A 83 3.21 -1.75 -6.73
CA TYR A 83 3.27 -0.29 -6.83
C TYR A 83 4.67 0.21 -7.21
N VAL A 84 5.72 -0.32 -6.57
CA VAL A 84 7.14 0.00 -6.87
C VAL A 84 7.51 -0.28 -8.33
N GLY A 85 7.08 -1.41 -8.89
CA GLY A 85 7.33 -1.76 -10.29
C GLY A 85 6.73 -0.76 -11.29
N LYS A 86 5.63 -0.08 -10.90
CA LYS A 86 4.99 1.02 -11.66
C LYS A 86 5.65 2.38 -11.38
N LYS A 87 6.12 2.62 -10.15
CA LYS A 87 6.86 3.84 -9.71
C LYS A 87 8.13 4.11 -10.54
N GLN A 88 8.73 3.08 -11.13
CA GLN A 88 9.91 3.18 -12.02
C GLN A 88 9.78 4.21 -13.17
N LYS A 89 8.56 4.60 -13.56
CA LYS A 89 8.28 5.71 -14.50
C LYS A 89 8.81 7.09 -14.05
N GLY A 90 9.14 7.26 -12.77
CA GLY A 90 9.55 8.53 -12.15
C GLY A 90 10.49 8.35 -10.95
N LYS A 91 11.48 7.43 -11.09
CA LYS A 91 12.40 6.99 -10.01
C LYS A 91 13.88 7.23 -10.33
N GLN A 92 14.18 7.89 -11.45
CA GLN A 92 15.56 8.20 -11.92
C GLN A 92 15.92 9.71 -11.81
N VAL A 93 14.95 10.56 -11.47
CA VAL A 93 15.08 12.03 -11.36
C VAL A 93 14.21 12.58 -10.22
N LYS A 94 14.49 13.82 -9.77
CA LYS A 94 13.69 14.53 -8.76
C LYS A 94 12.28 14.91 -9.25
N SER A 95 12.12 15.15 -10.55
CA SER A 95 10.85 15.54 -11.19
C SER A 95 9.77 14.47 -11.08
N GLY A 96 8.53 14.87 -10.81
CA GLY A 96 7.34 13.99 -10.76
C GLY A 96 6.27 14.45 -9.75
N PRO A 97 6.61 14.64 -8.45
CA PRO A 97 5.69 15.12 -7.42
C PRO A 97 4.98 16.45 -7.74
N SER A 98 3.78 16.63 -7.16
CA SER A 98 2.95 17.84 -7.31
C SER A 98 3.50 19.10 -6.60
N SER A 99 4.55 18.97 -5.79
CA SER A 99 5.20 20.06 -5.05
C SER A 99 5.93 21.10 -5.92
N GLY A 100 6.15 20.82 -7.21
CA GLY A 100 6.80 21.72 -8.18
C GLY A 100 6.82 21.16 -9.60
N GLY A 1 27.88 4.22 12.96
CA GLY A 1 26.83 3.81 13.92
C GLY A 1 27.13 2.44 14.53
N SER A 2 26.29 2.01 15.48
CA SER A 2 26.47 0.78 16.28
C SER A 2 26.45 -0.54 15.48
N SER A 3 25.90 -0.54 14.27
CA SER A 3 25.68 -1.74 13.44
C SER A 3 26.04 -1.55 11.95
N GLY A 4 26.66 -0.42 11.58
CA GLY A 4 27.05 -0.11 10.19
C GLY A 4 27.50 1.34 9.98
N SER A 5 27.91 1.64 8.74
CA SER A 5 28.47 2.95 8.32
C SER A 5 27.96 3.46 6.95
N SER A 6 27.05 2.72 6.31
CA SER A 6 26.49 3.02 4.97
C SER A 6 24.99 2.65 4.85
N GLY A 7 24.30 2.56 6.00
CA GLY A 7 22.88 2.21 6.12
C GLY A 7 22.37 2.33 7.56
N GLY A 8 21.05 2.20 7.75
CA GLY A 8 20.39 2.40 9.05
C GLY A 8 18.86 2.54 8.97
N PRO A 9 18.19 2.98 10.05
CA PRO A 9 16.76 3.29 10.06
C PRO A 9 16.41 4.53 9.21
N ASP A 10 15.11 4.85 9.12
CA ASP A 10 14.53 5.92 8.27
C ASP A 10 14.84 5.77 6.75
N LEU A 11 15.12 4.53 6.31
CA LEU A 11 15.40 4.14 4.92
C LEU A 11 14.51 2.97 4.44
N GLN A 12 13.54 2.54 5.27
CA GLN A 12 12.64 1.38 5.07
C GLN A 12 13.32 0.15 4.42
N PRO A 13 14.31 -0.50 5.08
CA PRO A 13 15.06 -1.66 4.55
C PRO A 13 14.21 -2.84 4.04
N LYS A 14 12.96 -2.98 4.51
CA LYS A 14 12.00 -4.03 4.12
C LYS A 14 10.60 -3.45 3.94
N ARG A 15 9.86 -3.95 2.94
CA ARG A 15 8.44 -3.62 2.65
C ARG A 15 7.59 -4.84 2.26
N ASP A 16 8.08 -6.06 2.49
CA ASP A 16 7.38 -7.31 2.18
C ASP A 16 6.06 -7.48 2.96
N HIS A 17 5.91 -6.75 4.08
CA HIS A 17 4.73 -6.65 4.94
C HIS A 17 3.79 -5.47 4.60
N VAL A 18 3.99 -4.80 3.44
CA VAL A 18 3.33 -3.55 3.06
C VAL A 18 2.50 -3.71 1.78
N LEU A 19 1.35 -3.05 1.76
CA LEU A 19 0.38 -2.97 0.66
C LEU A 19 0.23 -1.53 0.16
N HIS A 20 -0.39 -1.38 -1.00
CA HIS A 20 -0.88 -0.14 -1.57
C HIS A 20 -2.39 -0.31 -1.85
N VAL A 21 -3.15 0.76 -1.63
CA VAL A 21 -4.62 0.76 -1.65
C VAL A 21 -5.10 1.97 -2.43
N THR A 22 -6.13 1.77 -3.26
CA THR A 22 -6.75 2.82 -4.10
C THR A 22 -8.25 2.87 -3.82
N PHE A 23 -8.80 4.08 -3.68
CA PHE A 23 -10.17 4.33 -3.21
C PHE A 23 -10.72 5.68 -3.71
N PRO A 24 -12.05 5.85 -3.85
CA PRO A 24 -12.69 7.14 -4.09
C PRO A 24 -12.29 8.22 -3.08
N LYS A 25 -12.23 9.49 -3.51
CA LYS A 25 -11.82 10.64 -2.67
C LYS A 25 -12.65 10.87 -1.41
N GLU A 26 -13.85 10.30 -1.34
CA GLU A 26 -14.78 10.38 -0.20
C GLU A 26 -14.46 9.40 0.94
N TRP A 27 -13.63 8.37 0.71
CA TRP A 27 -13.19 7.44 1.76
C TRP A 27 -12.40 8.15 2.87
N LYS A 28 -12.46 7.60 4.09
CA LYS A 28 -11.77 8.08 5.30
C LYS A 28 -10.80 7.05 5.85
N THR A 29 -9.91 7.48 6.75
CA THR A 29 -9.06 6.61 7.59
C THR A 29 -9.90 5.55 8.33
N SER A 30 -11.12 5.89 8.74
CA SER A 30 -12.05 4.94 9.36
C SER A 30 -12.53 3.83 8.41
N ASP A 31 -12.83 4.15 7.15
CA ASP A 31 -13.17 3.14 6.14
C ASP A 31 -11.97 2.23 5.84
N LEU A 32 -10.75 2.78 5.95
CA LEU A 32 -9.50 2.02 5.80
C LEU A 32 -9.28 1.07 7.00
N TYR A 33 -9.44 1.54 8.24
CA TYR A 33 -9.43 0.67 9.42
C TYR A 33 -10.54 -0.40 9.40
N GLN A 34 -11.71 -0.12 8.79
CA GLN A 34 -12.77 -1.11 8.57
C GLN A 34 -12.38 -2.16 7.50
N LEU A 35 -11.76 -1.74 6.39
CA LEU A 35 -11.30 -2.61 5.29
C LEU A 35 -10.24 -3.63 5.75
N PHE A 36 -9.40 -3.23 6.71
CA PHE A 36 -8.31 -4.06 7.25
C PHE A 36 -8.58 -4.56 8.70
N SER A 37 -9.83 -4.43 9.19
CA SER A 37 -10.26 -4.88 10.52
C SER A 37 -10.00 -6.37 10.78
N ALA A 38 -10.03 -7.19 9.72
CA ALA A 38 -9.71 -8.62 9.73
C ALA A 38 -8.29 -8.97 10.22
N PHE A 39 -7.38 -7.99 10.30
CA PHE A 39 -5.97 -8.18 10.66
C PHE A 39 -5.59 -7.58 12.03
N GLY A 40 -6.52 -6.88 12.70
CA GLY A 40 -6.44 -6.42 14.09
C GLY A 40 -5.47 -5.24 14.38
N ASN A 41 -4.38 -5.11 13.63
CA ASN A 41 -3.33 -4.10 13.81
C ASN A 41 -2.70 -3.72 12.45
N ILE A 42 -2.64 -2.42 12.18
CA ILE A 42 -2.15 -1.83 10.90
C ILE A 42 -1.41 -0.50 11.12
N GLN A 43 -0.82 0.03 10.05
CA GLN A 43 -0.29 1.40 9.97
C GLN A 43 -0.58 1.95 8.57
N ILE A 44 -0.87 3.25 8.43
CA ILE A 44 -1.33 3.88 7.17
C ILE A 44 -0.46 5.09 6.85
N SER A 45 -0.02 5.19 5.59
CA SER A 45 0.83 6.28 5.06
C SER A 45 0.33 6.74 3.69
N TRP A 46 -0.34 7.88 3.64
CA TRP A 46 -0.96 8.44 2.42
C TRP A 46 0.04 8.75 1.30
N ILE A 47 -0.47 8.84 0.07
CA ILE A 47 0.28 9.30 -1.12
C ILE A 47 -0.52 10.32 -1.95
N ASP A 48 -1.86 10.25 -1.92
CA ASP A 48 -2.76 11.13 -2.67
C ASP A 48 -4.14 11.24 -1.97
N ASP A 49 -5.06 12.00 -2.57
CA ASP A 49 -6.48 12.08 -2.17
C ASP A 49 -7.22 10.73 -2.28
N THR A 50 -6.67 9.81 -3.08
CA THR A 50 -7.28 8.54 -3.52
C THR A 50 -6.36 7.32 -3.36
N SER A 51 -5.18 7.49 -2.74
CA SER A 51 -4.16 6.44 -2.58
C SER A 51 -3.40 6.52 -1.26
N ALA A 52 -3.14 5.36 -0.65
CA ALA A 52 -2.34 5.20 0.56
C ALA A 52 -1.63 3.83 0.62
N PHE A 53 -0.53 3.77 1.36
CA PHE A 53 0.14 2.52 1.74
C PHE A 53 -0.45 2.01 3.07
N VAL A 54 -0.46 0.69 3.26
CA VAL A 54 -0.94 0.03 4.48
C VAL A 54 0.00 -1.11 4.89
N SER A 55 0.65 -0.96 6.05
CA SER A 55 1.45 -2.01 6.69
C SER A 55 0.54 -2.99 7.46
N LEU A 56 0.87 -4.29 7.43
CA LEU A 56 0.22 -5.34 8.22
C LEU A 56 1.24 -6.03 9.16
N SER A 57 0.74 -6.71 10.20
CA SER A 57 1.57 -7.33 11.24
C SER A 57 2.54 -8.43 10.74
N GLN A 58 2.21 -9.12 9.63
CA GLN A 58 3.06 -10.14 8.99
C GLN A 58 2.91 -10.10 7.45
N PRO A 59 3.95 -10.52 6.69
CA PRO A 59 3.87 -10.67 5.23
C PRO A 59 2.96 -11.82 4.77
N GLU A 60 2.54 -12.70 5.67
CA GLU A 60 1.49 -13.71 5.41
C GLU A 60 0.12 -13.04 5.19
N GLN A 61 -0.20 -11.98 5.95
CA GLN A 61 -1.50 -11.29 5.88
C GLN A 61 -1.64 -10.41 4.62
N VAL A 62 -0.52 -9.95 4.06
CA VAL A 62 -0.44 -9.23 2.77
C VAL A 62 -1.09 -10.06 1.65
N GLN A 63 -0.81 -11.36 1.60
CA GLN A 63 -1.36 -12.29 0.61
C GLN A 63 -2.88 -12.45 0.76
N ILE A 64 -3.40 -12.44 1.99
CA ILE A 64 -4.83 -12.51 2.30
C ILE A 64 -5.57 -11.28 1.76
N ALA A 65 -5.05 -10.07 2.02
CA ALA A 65 -5.66 -8.82 1.54
C ALA A 65 -5.67 -8.69 0.01
N VAL A 66 -4.63 -9.19 -0.68
CA VAL A 66 -4.62 -9.30 -2.15
C VAL A 66 -5.68 -10.31 -2.65
N ASN A 67 -5.85 -11.45 -1.96
CA ASN A 67 -6.87 -12.44 -2.28
C ASN A 67 -8.32 -11.90 -2.13
N THR A 68 -8.59 -11.14 -1.06
CA THR A 68 -9.92 -10.60 -0.77
C THR A 68 -10.31 -9.44 -1.70
N SER A 69 -9.33 -8.65 -2.17
CA SER A 69 -9.54 -7.58 -3.17
C SER A 69 -9.97 -8.08 -4.56
N LYS A 70 -9.81 -9.37 -4.86
CA LYS A 70 -10.24 -10.02 -6.13
C LYS A 70 -11.73 -9.83 -6.46
N TYR A 71 -12.55 -9.53 -5.44
CA TYR A 71 -14.01 -9.40 -5.53
C TYR A 71 -14.53 -8.04 -5.01
N ALA A 72 -13.65 -7.04 -4.87
CA ALA A 72 -14.01 -5.67 -4.48
C ALA A 72 -14.92 -4.97 -5.51
N GLU A 73 -15.63 -3.93 -5.06
CA GLU A 73 -16.54 -3.11 -5.87
C GLU A 73 -16.38 -1.59 -5.62
N SER A 74 -15.60 -1.19 -4.61
CA SER A 74 -15.45 0.19 -4.13
C SER A 74 -14.01 0.58 -3.74
N TYR A 75 -13.04 -0.32 -3.92
CA TYR A 75 -11.62 -0.15 -3.61
C TYR A 75 -10.76 -1.14 -4.44
N ARG A 76 -9.43 -1.04 -4.32
CA ARG A 76 -8.45 -2.02 -4.85
C ARG A 76 -7.22 -2.09 -3.94
N ILE A 77 -6.60 -3.26 -3.84
CA ILE A 77 -5.39 -3.54 -3.04
C ILE A 77 -4.34 -4.27 -3.92
N GLN A 78 -3.06 -3.95 -3.74
CA GLN A 78 -1.91 -4.65 -4.32
C GLN A 78 -0.71 -4.61 -3.35
N THR A 79 0.32 -5.46 -3.53
CA THR A 79 1.56 -5.38 -2.72
C THR A 79 2.41 -4.16 -3.08
N TYR A 80 3.38 -3.79 -2.24
CA TYR A 80 4.37 -2.77 -2.60
C TYR A 80 5.16 -3.17 -3.88
N ALA A 81 5.51 -4.44 -4.03
CA ALA A 81 6.21 -4.96 -5.21
C ALA A 81 5.38 -4.87 -6.50
N GLU A 82 4.05 -5.03 -6.42
CA GLU A 82 3.13 -4.77 -7.53
C GLU A 82 2.97 -3.26 -7.82
N TYR A 83 2.90 -2.43 -6.77
CA TYR A 83 2.79 -0.97 -6.86
C TYR A 83 3.99 -0.31 -7.56
N VAL A 84 5.20 -0.83 -7.36
CA VAL A 84 6.46 -0.35 -7.99
C VAL A 84 6.33 -0.08 -9.50
N GLY A 85 5.60 -0.93 -10.23
CA GLY A 85 5.38 -0.78 -11.67
C GLY A 85 4.50 0.42 -12.09
N LYS A 86 3.87 1.10 -11.13
CA LYS A 86 3.00 2.28 -11.27
C LYS A 86 3.46 3.48 -10.40
N LYS A 87 4.62 3.37 -9.73
CA LYS A 87 5.16 4.35 -8.76
C LYS A 87 5.48 5.73 -9.36
N GLN A 88 5.86 5.78 -10.64
CA GLN A 88 6.07 7.03 -11.39
C GLN A 88 4.76 7.79 -11.67
N LYS A 89 4.85 9.11 -11.92
CA LYS A 89 3.72 10.02 -12.19
C LYS A 89 4.06 11.01 -13.33
N GLY A 90 3.03 11.66 -13.89
CA GLY A 90 3.12 12.57 -15.03
C GLY A 90 2.31 13.86 -14.88
N LYS A 91 1.99 14.26 -13.64
CA LYS A 91 1.16 15.43 -13.26
C LYS A 91 1.82 16.33 -12.21
N GLN A 92 3.15 16.20 -12.04
CA GLN A 92 3.97 16.91 -11.05
C GLN A 92 5.36 17.18 -11.64
N VAL A 93 5.84 18.43 -11.53
CA VAL A 93 7.19 18.84 -11.95
C VAL A 93 8.28 18.26 -11.04
N LYS A 94 9.48 18.01 -11.59
CA LYS A 94 10.66 17.48 -10.87
C LYS A 94 11.40 18.54 -10.03
N SER A 95 11.08 19.83 -10.21
CA SER A 95 11.65 20.97 -9.49
C SER A 95 11.40 20.92 -7.97
N GLY A 96 12.19 21.68 -7.19
CA GLY A 96 12.04 21.81 -5.74
C GLY A 96 12.91 22.92 -5.11
N PRO A 97 12.72 23.21 -3.81
CA PRO A 97 13.37 24.32 -3.10
C PRO A 97 14.83 24.06 -2.67
N SER A 98 15.37 22.87 -2.94
CA SER A 98 16.72 22.42 -2.53
C SER A 98 17.90 23.20 -3.13
N SER A 99 17.66 24.01 -4.18
CA SER A 99 18.66 24.89 -4.82
C SER A 99 18.02 26.15 -5.43
N GLY A 100 18.86 27.13 -5.79
CA GLY A 100 18.46 28.41 -6.40
C GLY A 100 19.63 29.38 -6.60
N GLY A 1 33.96 1.40 23.32
CA GLY A 1 33.11 0.60 22.42
C GLY A 1 32.00 1.45 21.80
N SER A 2 31.58 1.10 20.59
CA SER A 2 30.45 1.74 19.87
C SER A 2 29.08 1.42 20.49
N SER A 3 28.03 2.14 20.04
CA SER A 3 26.64 2.03 20.54
C SER A 3 25.59 1.92 19.41
N GLY A 4 26.00 1.86 18.15
CA GLY A 4 25.10 1.78 16.98
C GLY A 4 25.80 1.71 15.61
N SER A 5 27.06 1.23 15.56
CA SER A 5 27.90 1.20 14.36
C SER A 5 27.40 0.30 13.22
N SER A 6 26.41 -0.56 13.47
CA SER A 6 25.69 -1.34 12.45
C SER A 6 24.89 -0.47 11.47
N GLY A 7 24.45 0.72 11.90
CA GLY A 7 23.55 1.60 11.14
C GLY A 7 22.17 1.00 10.85
N GLY A 8 21.76 -0.04 11.58
CA GLY A 8 20.55 -0.84 11.28
C GLY A 8 20.29 -1.96 12.31
N PRO A 9 19.94 -1.63 13.57
CA PRO A 9 19.66 -2.63 14.61
C PRO A 9 18.36 -3.42 14.37
N ASP A 10 17.40 -2.87 13.62
CA ASP A 10 16.20 -3.59 13.16
C ASP A 10 16.53 -4.59 12.04
N LEU A 11 15.89 -5.77 12.07
CA LEU A 11 16.11 -6.89 11.15
C LEU A 11 14.80 -7.46 10.54
N GLN A 12 13.64 -6.85 10.83
CA GLN A 12 12.36 -7.19 10.20
C GLN A 12 12.33 -6.83 8.69
N PRO A 13 11.45 -7.43 7.88
CA PRO A 13 11.22 -7.05 6.48
C PRO A 13 10.97 -5.54 6.29
N LYS A 14 11.46 -4.98 5.19
CA LYS A 14 11.36 -3.53 4.90
C LYS A 14 10.02 -3.11 4.28
N ARG A 15 9.50 -3.92 3.36
CA ARG A 15 8.30 -3.67 2.53
C ARG A 15 7.40 -4.90 2.28
N ASP A 16 7.86 -6.10 2.60
CA ASP A 16 7.14 -7.35 2.28
C ASP A 16 5.80 -7.53 3.04
N HIS A 17 5.61 -6.76 4.11
CA HIS A 17 4.41 -6.67 4.94
C HIS A 17 3.53 -5.44 4.64
N VAL A 18 3.76 -4.77 3.49
CA VAL A 18 3.13 -3.48 3.15
C VAL A 18 2.32 -3.57 1.85
N LEU A 19 1.11 -3.02 1.92
CA LEU A 19 0.16 -2.88 0.81
C LEU A 19 0.10 -1.45 0.29
N HIS A 20 -0.52 -1.29 -0.89
CA HIS A 20 -0.93 -0.05 -1.50
C HIS A 20 -2.44 -0.16 -1.80
N VAL A 21 -3.18 0.92 -1.55
CA VAL A 21 -4.65 0.95 -1.58
C VAL A 21 -5.12 2.19 -2.33
N THR A 22 -6.15 2.03 -3.15
CA THR A 22 -6.74 3.10 -3.98
C THR A 22 -8.25 3.16 -3.72
N PHE A 23 -8.77 4.36 -3.46
CA PHE A 23 -10.13 4.58 -2.96
C PHE A 23 -10.73 5.94 -3.41
N PRO A 24 -12.07 6.12 -3.38
CA PRO A 24 -12.76 7.36 -3.72
C PRO A 24 -12.28 8.60 -2.97
N LYS A 25 -12.51 9.78 -3.57
CA LYS A 25 -12.25 11.12 -3.01
C LYS A 25 -12.95 11.45 -1.68
N GLU A 26 -13.92 10.63 -1.27
CA GLU A 26 -14.74 10.79 -0.05
C GLU A 26 -14.58 9.65 0.96
N TRP A 27 -13.77 8.62 0.67
CA TRP A 27 -13.37 7.61 1.66
C TRP A 27 -12.49 8.19 2.77
N LYS A 28 -12.51 7.56 3.95
CA LYS A 28 -11.83 8.02 5.17
C LYS A 28 -10.97 6.95 5.83
N THR A 29 -10.11 7.37 6.76
CA THR A 29 -9.33 6.51 7.67
C THR A 29 -10.17 5.41 8.33
N SER A 30 -11.44 5.69 8.61
CA SER A 30 -12.38 4.73 9.18
C SER A 30 -12.84 3.64 8.20
N ASP A 31 -13.13 4.00 6.95
CA ASP A 31 -13.35 3.00 5.88
C ASP A 31 -12.09 2.14 5.68
N LEU A 32 -10.92 2.70 6.00
CA LEU A 32 -9.64 1.97 5.88
C LEU A 32 -9.42 1.01 7.06
N TYR A 33 -9.65 1.45 8.30
CA TYR A 33 -9.69 0.55 9.46
C TYR A 33 -10.75 -0.56 9.30
N GLN A 34 -11.93 -0.24 8.76
CA GLN A 34 -12.96 -1.24 8.46
C GLN A 34 -12.53 -2.26 7.38
N LEU A 35 -11.73 -1.84 6.39
CA LEU A 35 -11.20 -2.70 5.34
C LEU A 35 -10.12 -3.68 5.84
N PHE A 36 -9.36 -3.31 6.88
CA PHE A 36 -8.18 -4.08 7.34
C PHE A 36 -8.23 -4.56 8.81
N SER A 37 -9.33 -4.35 9.54
CA SER A 37 -9.52 -4.82 10.93
C SER A 37 -9.37 -6.34 11.11
N ALA A 38 -9.60 -7.13 10.06
CA ALA A 38 -9.38 -8.57 10.00
C ALA A 38 -7.92 -9.01 10.32
N PHE A 39 -6.95 -8.08 10.30
CA PHE A 39 -5.54 -8.34 10.53
C PHE A 39 -5.02 -7.85 11.91
N GLY A 40 -5.91 -7.34 12.76
CA GLY A 40 -5.67 -7.04 14.18
C GLY A 40 -4.98 -5.70 14.46
N ASN A 41 -3.93 -5.36 13.72
CA ASN A 41 -3.19 -4.10 13.82
C ASN A 41 -2.56 -3.71 12.46
N ILE A 42 -2.55 -2.41 12.17
CA ILE A 42 -2.08 -1.83 10.90
C ILE A 42 -1.36 -0.48 11.09
N GLN A 43 -0.75 0.04 10.03
CA GLN A 43 -0.26 1.42 9.95
C GLN A 43 -0.58 2.00 8.57
N ILE A 44 -1.57 2.88 8.51
CA ILE A 44 -1.92 3.67 7.32
C ILE A 44 -0.86 4.77 7.13
N SER A 45 -0.39 4.97 5.90
CA SER A 45 0.62 5.94 5.50
C SER A 45 0.20 6.58 4.16
N TRP A 46 -0.43 7.76 4.23
CA TRP A 46 -1.02 8.45 3.08
C TRP A 46 -0.03 8.78 1.94
N ILE A 47 -0.57 8.94 0.74
CA ILE A 47 0.17 9.32 -0.48
C ILE A 47 -0.57 10.46 -1.21
N ASP A 48 -1.90 10.40 -1.28
CA ASP A 48 -2.77 11.40 -1.91
C ASP A 48 -4.20 11.35 -1.34
N ASP A 49 -5.09 12.22 -1.83
CA ASP A 49 -6.52 12.28 -1.54
C ASP A 49 -7.28 10.96 -1.83
N THR A 50 -6.71 10.09 -2.66
CA THR A 50 -7.33 8.84 -3.19
C THR A 50 -6.41 7.61 -3.06
N SER A 51 -5.23 7.75 -2.44
CA SER A 51 -4.22 6.67 -2.35
C SER A 51 -3.46 6.68 -1.02
N ALA A 52 -3.21 5.49 -0.46
CA ALA A 52 -2.41 5.29 0.75
C ALA A 52 -1.69 3.93 0.76
N PHE A 53 -0.55 3.87 1.45
CA PHE A 53 0.12 2.60 1.79
C PHE A 53 -0.43 2.09 3.14
N VAL A 54 -0.42 0.78 3.37
CA VAL A 54 -0.90 0.16 4.62
C VAL A 54 0.00 -1.00 5.03
N SER A 55 0.74 -0.83 6.12
CA SER A 55 1.49 -1.91 6.78
C SER A 55 0.53 -2.85 7.53
N LEU A 56 0.84 -4.14 7.54
CA LEU A 56 0.14 -5.18 8.33
C LEU A 56 1.13 -5.85 9.32
N SER A 57 0.63 -6.58 10.32
CA SER A 57 1.47 -7.25 11.34
C SER A 57 2.40 -8.33 10.77
N GLN A 58 2.03 -8.99 9.66
CA GLN A 58 2.80 -10.07 9.02
C GLN A 58 2.71 -10.04 7.48
N PRO A 59 3.72 -10.56 6.76
CA PRO A 59 3.68 -10.70 5.29
C PRO A 59 2.72 -11.81 4.82
N GLU A 60 2.30 -12.73 5.70
CA GLU A 60 1.23 -13.70 5.40
C GLU A 60 -0.14 -13.01 5.19
N GLN A 61 -0.43 -11.96 5.99
CA GLN A 61 -1.67 -11.19 5.91
C GLN A 61 -1.78 -10.39 4.60
N VAL A 62 -0.64 -9.96 4.04
CA VAL A 62 -0.56 -9.34 2.70
C VAL A 62 -1.10 -10.29 1.62
N GLN A 63 -0.80 -11.59 1.71
CA GLN A 63 -1.30 -12.58 0.75
C GLN A 63 -2.83 -12.73 0.83
N ILE A 64 -3.40 -12.68 2.04
CA ILE A 64 -4.85 -12.71 2.28
C ILE A 64 -5.53 -11.46 1.69
N ALA A 65 -4.96 -10.27 1.90
CA ALA A 65 -5.48 -9.02 1.32
C ALA A 65 -5.43 -9.01 -0.22
N VAL A 66 -4.35 -9.51 -0.82
CA VAL A 66 -4.20 -9.67 -2.28
C VAL A 66 -5.16 -10.72 -2.86
N ASN A 67 -5.50 -11.77 -2.10
CA ASN A 67 -6.54 -12.72 -2.49
C ASN A 67 -7.95 -12.09 -2.43
N THR A 68 -8.28 -11.43 -1.32
CA THR A 68 -9.62 -10.87 -1.07
C THR A 68 -9.97 -9.64 -1.92
N SER A 69 -8.97 -8.91 -2.41
CA SER A 69 -9.17 -7.74 -3.31
C SER A 69 -9.72 -8.09 -4.70
N LYS A 70 -9.70 -9.37 -5.11
CA LYS A 70 -10.37 -9.88 -6.31
C LYS A 70 -11.89 -9.66 -6.31
N TYR A 71 -12.47 -9.37 -5.14
CA TYR A 71 -13.92 -9.31 -4.90
C TYR A 71 -14.38 -7.91 -4.43
N ALA A 72 -13.50 -6.90 -4.51
CA ALA A 72 -13.81 -5.49 -4.31
C ALA A 72 -14.81 -4.94 -5.36
N GLU A 73 -15.40 -3.78 -5.09
CA GLU A 73 -16.43 -3.14 -5.95
C GLU A 73 -16.23 -1.63 -6.13
N SER A 74 -15.62 -0.94 -5.15
CA SER A 74 -15.46 0.53 -5.13
C SER A 74 -14.03 1.00 -4.76
N TYR A 75 -13.09 0.06 -4.62
CA TYR A 75 -11.69 0.28 -4.20
C TYR A 75 -10.77 -0.78 -4.82
N ARG A 76 -9.45 -0.67 -4.59
CA ARG A 76 -8.45 -1.67 -5.00
C ARG A 76 -7.33 -1.78 -3.96
N ILE A 77 -6.72 -2.97 -3.85
CA ILE A 77 -5.59 -3.29 -2.98
C ILE A 77 -4.54 -4.08 -3.79
N GLN A 78 -3.27 -3.79 -3.57
CA GLN A 78 -2.11 -4.50 -4.14
C GLN A 78 -0.91 -4.45 -3.18
N THR A 79 0.18 -5.16 -3.44
CA THR A 79 1.43 -5.02 -2.66
C THR A 79 2.15 -3.69 -2.94
N TYR A 80 3.07 -3.29 -2.06
CA TYR A 80 3.99 -2.17 -2.33
C TYR A 80 4.77 -2.37 -3.65
N ALA A 81 5.23 -3.60 -3.91
CA ALA A 81 5.98 -3.96 -5.11
C ALA A 81 5.14 -3.88 -6.40
N GLU A 82 3.84 -4.22 -6.38
CA GLU A 82 2.94 -4.10 -7.53
C GLU A 82 2.65 -2.63 -7.90
N TYR A 83 2.59 -1.72 -6.92
CA TYR A 83 2.53 -0.27 -7.18
C TYR A 83 3.82 0.25 -7.82
N VAL A 84 4.98 -0.12 -7.27
CA VAL A 84 6.31 0.21 -7.83
C VAL A 84 6.51 -0.33 -9.24
N GLY A 85 6.06 -1.56 -9.52
CA GLY A 85 6.32 -2.24 -10.79
C GLY A 85 5.63 -1.59 -11.99
N LYS A 86 4.39 -1.09 -11.83
CA LYS A 86 3.68 -0.34 -12.89
C LYS A 86 4.14 1.12 -13.03
N LYS A 87 4.84 1.67 -12.03
CA LYS A 87 5.36 3.06 -12.03
C LYS A 87 6.27 3.37 -13.23
N GLN A 88 6.96 2.36 -13.76
CA GLN A 88 7.78 2.42 -14.97
C GLN A 88 6.98 2.63 -16.28
N LYS A 89 5.65 2.47 -16.27
CA LYS A 89 4.76 2.53 -17.44
C LYS A 89 3.58 3.51 -17.28
N GLY A 90 3.09 3.72 -16.05
CA GLY A 90 2.06 4.71 -15.71
C GLY A 90 0.71 4.11 -15.32
N LYS A 91 -0.32 4.97 -15.22
CA LYS A 91 -1.72 4.60 -14.98
C LYS A 91 -2.29 3.71 -16.10
N GLN A 92 -3.36 2.97 -15.80
CA GLN A 92 -4.01 2.01 -16.71
C GLN A 92 -5.52 2.24 -16.89
N VAL A 93 -6.13 3.16 -16.13
CA VAL A 93 -7.55 3.55 -16.26
C VAL A 93 -7.83 4.52 -17.42
N LYS A 94 -6.78 5.13 -17.98
CA LYS A 94 -6.80 6.09 -19.11
C LYS A 94 -5.48 6.07 -19.89
N SER A 95 -5.43 6.78 -21.02
CA SER A 95 -4.22 6.94 -21.85
C SER A 95 -4.21 8.27 -22.62
N GLY A 96 -5.28 8.57 -23.37
CA GLY A 96 -5.42 9.80 -24.17
C GLY A 96 -4.43 9.91 -25.35
N PRO A 97 -4.40 11.06 -26.06
CA PRO A 97 -3.43 11.35 -27.12
C PRO A 97 -2.02 11.60 -26.58
N SER A 98 -1.02 11.57 -27.47
CA SER A 98 0.41 11.76 -27.16
C SER A 98 1.12 12.59 -28.23
N SER A 99 2.14 13.36 -27.83
CA SER A 99 2.93 14.25 -28.70
C SER A 99 3.86 13.53 -29.70
N GLY A 100 4.14 12.24 -29.48
CA GLY A 100 5.03 11.40 -30.29
C GLY A 100 5.09 9.94 -29.83
N GLY A 1 15.16 -11.38 14.11
CA GLY A 1 14.28 -10.53 13.29
C GLY A 1 12.86 -10.49 13.84
N SER A 2 12.06 -9.50 13.42
CA SER A 2 10.70 -9.22 13.94
C SER A 2 9.65 -8.89 12.87
N SER A 3 10.04 -8.72 11.60
CA SER A 3 9.14 -8.52 10.46
C SER A 3 8.33 -9.77 10.09
N GLY A 4 8.88 -10.96 10.34
CA GLY A 4 8.25 -12.27 10.12
C GLY A 4 9.28 -13.38 9.88
N SER A 5 8.81 -14.62 9.70
CA SER A 5 9.66 -15.79 9.35
C SER A 5 10.44 -15.62 8.03
N SER A 6 9.96 -14.73 7.14
CA SER A 6 10.61 -14.32 5.89
C SER A 6 11.92 -13.53 6.07
N GLY A 7 12.25 -13.09 7.30
CA GLY A 7 13.40 -12.25 7.68
C GLY A 7 14.79 -12.92 7.59
N GLY A 8 15.06 -13.61 6.48
CA GLY A 8 16.29 -14.38 6.23
C GLY A 8 16.19 -15.26 4.97
N PRO A 9 15.21 -16.18 4.87
CA PRO A 9 15.04 -17.08 3.73
C PRO A 9 14.37 -16.45 2.49
N ASP A 10 13.94 -15.19 2.55
CA ASP A 10 13.23 -14.49 1.46
C ASP A 10 13.68 -13.01 1.30
N LEU A 11 13.28 -12.38 0.20
CA LEU A 11 13.71 -11.04 -0.22
C LEU A 11 12.83 -9.91 0.35
N GLN A 12 13.41 -8.71 0.42
CA GLN A 12 12.83 -7.46 0.95
C GLN A 12 11.86 -7.60 2.16
N PRO A 13 12.25 -8.28 3.27
CA PRO A 13 11.35 -8.50 4.42
C PRO A 13 10.75 -7.20 5.01
N LYS A 14 11.49 -6.08 4.92
CA LYS A 14 11.09 -4.73 5.34
C LYS A 14 10.03 -4.04 4.46
N ARG A 15 9.60 -4.67 3.35
CA ARG A 15 8.52 -4.19 2.45
C ARG A 15 7.51 -5.28 2.08
N ASP A 16 7.86 -6.57 2.23
CA ASP A 16 6.96 -7.70 1.95
C ASP A 16 5.70 -7.76 2.86
N HIS A 17 5.67 -6.98 3.95
CA HIS A 17 4.51 -6.81 4.84
C HIS A 17 3.63 -5.59 4.49
N VAL A 18 3.87 -4.91 3.37
CA VAL A 18 3.25 -3.62 3.01
C VAL A 18 2.42 -3.72 1.73
N LEU A 19 1.26 -3.06 1.76
CA LEU A 19 0.30 -2.92 0.66
C LEU A 19 0.22 -1.47 0.17
N HIS A 20 -0.41 -1.30 -0.99
CA HIS A 20 -0.84 -0.05 -1.59
C HIS A 20 -2.32 -0.19 -1.96
N VAL A 21 -3.10 0.87 -1.75
CA VAL A 21 -4.56 0.87 -1.83
C VAL A 21 -5.04 2.10 -2.60
N THR A 22 -6.07 1.94 -3.43
CA THR A 22 -6.66 3.01 -4.26
C THR A 22 -8.19 2.96 -4.15
N PHE A 23 -8.83 4.12 -4.00
CA PHE A 23 -10.26 4.25 -3.66
C PHE A 23 -10.85 5.62 -4.05
N PRO A 24 -12.18 5.75 -4.20
CA PRO A 24 -12.88 7.03 -4.39
C PRO A 24 -12.55 8.08 -3.32
N LYS A 25 -12.55 9.36 -3.71
CA LYS A 25 -12.21 10.51 -2.85
C LYS A 25 -13.11 10.72 -1.62
N GLU A 26 -14.25 10.03 -1.54
CA GLU A 26 -15.18 10.07 -0.39
C GLU A 26 -14.69 9.27 0.83
N TRP A 27 -13.71 8.36 0.66
CA TRP A 27 -13.18 7.53 1.76
C TRP A 27 -12.45 8.31 2.84
N LYS A 28 -12.40 7.74 4.05
CA LYS A 28 -11.67 8.21 5.23
C LYS A 28 -10.64 7.18 5.71
N THR A 29 -9.70 7.61 6.56
CA THR A 29 -8.80 6.71 7.32
C THR A 29 -9.61 5.70 8.14
N SER A 30 -10.79 6.07 8.61
CA SER A 30 -11.73 5.16 9.28
C SER A 30 -12.27 4.04 8.38
N ASP A 31 -12.59 4.34 7.12
CA ASP A 31 -12.98 3.31 6.13
C ASP A 31 -11.79 2.38 5.81
N LEU A 32 -10.57 2.92 5.88
CA LEU A 32 -9.34 2.14 5.72
C LEU A 32 -9.11 1.21 6.94
N TYR A 33 -9.29 1.70 8.17
CA TYR A 33 -9.30 0.84 9.37
C TYR A 33 -10.39 -0.24 9.28
N GLN A 34 -11.58 0.07 8.75
CA GLN A 34 -12.66 -0.90 8.54
C GLN A 34 -12.35 -1.94 7.44
N LEU A 35 -11.59 -1.57 6.40
CA LEU A 35 -11.15 -2.47 5.33
C LEU A 35 -10.08 -3.49 5.82
N PHE A 36 -9.25 -3.11 6.78
CA PHE A 36 -8.09 -3.91 7.22
C PHE A 36 -8.17 -4.39 8.70
N SER A 37 -9.29 -4.18 9.39
CA SER A 37 -9.54 -4.65 10.77
C SER A 37 -9.47 -6.18 10.93
N ALA A 38 -9.67 -6.94 9.85
CA ALA A 38 -9.47 -8.39 9.77
C ALA A 38 -8.04 -8.86 10.11
N PHE A 39 -7.07 -7.94 10.17
CA PHE A 39 -5.65 -8.20 10.43
C PHE A 39 -5.15 -7.61 11.76
N GLY A 40 -6.04 -7.06 12.59
CA GLY A 40 -5.72 -6.51 13.90
C GLY A 40 -4.94 -5.20 13.84
N ASN A 41 -3.75 -5.17 14.46
CA ASN A 41 -2.80 -4.05 14.37
C ASN A 41 -2.34 -3.80 12.93
N ILE A 42 -2.44 -2.54 12.48
CA ILE A 42 -2.01 -2.06 11.15
C ILE A 42 -1.41 -0.65 11.23
N GLN A 43 -0.76 -0.20 10.17
CA GLN A 43 -0.17 1.14 10.03
C GLN A 43 -0.44 1.71 8.63
N ILE A 44 -1.46 2.58 8.54
CA ILE A 44 -1.86 3.30 7.31
C ILE A 44 -0.93 4.51 7.09
N SER A 45 -0.59 4.82 5.83
CA SER A 45 0.22 5.98 5.43
C SER A 45 -0.31 6.61 4.14
N TRP A 46 -0.87 7.82 4.21
CA TRP A 46 -1.41 8.54 3.05
C TRP A 46 -0.34 8.88 1.98
N ILE A 47 -0.80 9.02 0.73
CA ILE A 47 0.03 9.35 -0.44
C ILE A 47 -0.62 10.48 -1.26
N ASP A 48 -1.93 10.39 -1.48
CA ASP A 48 -2.80 11.43 -2.05
C ASP A 48 -4.24 11.24 -1.55
N ASP A 49 -5.16 12.12 -1.91
CA ASP A 49 -6.55 12.12 -1.41
C ASP A 49 -7.41 10.91 -1.86
N THR A 50 -6.83 9.98 -2.61
CA THR A 50 -7.47 8.79 -3.21
C THR A 50 -6.60 7.53 -3.12
N SER A 51 -5.44 7.58 -2.43
CA SER A 51 -4.55 6.42 -2.26
C SER A 51 -3.67 6.48 -1.00
N ALA A 52 -3.35 5.30 -0.47
CA ALA A 52 -2.60 5.12 0.78
C ALA A 52 -1.80 3.78 0.77
N PHE A 53 -0.69 3.72 1.50
CA PHE A 53 0.00 2.47 1.81
C PHE A 53 -0.57 1.92 3.12
N VAL A 54 -0.50 0.60 3.32
CA VAL A 54 -0.93 -0.06 4.58
C VAL A 54 0.07 -1.16 4.94
N SER A 55 0.83 -0.94 6.00
CA SER A 55 1.67 -1.94 6.65
C SER A 55 0.79 -2.85 7.52
N LEU A 56 0.99 -4.17 7.40
CA LEU A 56 0.29 -5.19 8.21
C LEU A 56 1.28 -5.90 9.15
N SER A 57 0.78 -6.53 10.22
CA SER A 57 1.61 -7.14 11.27
C SER A 57 2.40 -8.37 10.82
N GLN A 58 1.98 -9.06 9.74
CA GLN A 58 2.67 -10.23 9.16
C GLN A 58 2.58 -10.24 7.63
N PRO A 59 3.57 -10.82 6.91
CA PRO A 59 3.52 -10.97 5.45
C PRO A 59 2.49 -12.00 4.97
N GLU A 60 1.98 -12.87 5.85
CA GLU A 60 0.85 -13.76 5.55
C GLU A 60 -0.47 -12.99 5.31
N GLN A 61 -0.68 -11.90 6.04
CA GLN A 61 -1.88 -11.06 5.97
C GLN A 61 -1.97 -10.29 4.63
N VAL A 62 -0.82 -9.92 4.08
CA VAL A 62 -0.69 -9.34 2.71
C VAL A 62 -1.27 -10.27 1.65
N GLN A 63 -1.03 -11.59 1.75
CA GLN A 63 -1.53 -12.57 0.79
C GLN A 63 -3.07 -12.64 0.81
N ILE A 64 -3.67 -12.56 2.00
CA ILE A 64 -5.13 -12.55 2.18
C ILE A 64 -5.76 -11.30 1.56
N ALA A 65 -5.21 -10.11 1.83
CA ALA A 65 -5.71 -8.86 1.25
C ALA A 65 -5.59 -8.78 -0.29
N VAL A 66 -4.51 -9.33 -0.85
CA VAL A 66 -4.35 -9.48 -2.31
C VAL A 66 -5.40 -10.45 -2.88
N ASN A 67 -5.70 -11.55 -2.19
CA ASN A 67 -6.76 -12.49 -2.58
C ASN A 67 -8.16 -11.85 -2.57
N THR A 68 -8.52 -11.14 -1.49
CA THR A 68 -9.86 -10.55 -1.30
C THR A 68 -10.16 -9.39 -2.26
N SER A 69 -9.13 -8.64 -2.69
CA SER A 69 -9.27 -7.54 -3.66
C SER A 69 -9.76 -7.99 -5.06
N LYS A 70 -9.67 -9.28 -5.41
CA LYS A 70 -10.27 -9.86 -6.63
C LYS A 70 -11.81 -9.72 -6.69
N TYR A 71 -12.45 -9.42 -5.56
CA TYR A 71 -13.91 -9.38 -5.39
C TYR A 71 -14.41 -8.03 -4.86
N ALA A 72 -13.53 -7.02 -4.78
CA ALA A 72 -13.85 -5.65 -4.40
C ALA A 72 -14.76 -4.93 -5.42
N GLU A 73 -15.50 -3.92 -4.95
CA GLU A 73 -16.42 -3.11 -5.77
C GLU A 73 -16.29 -1.58 -5.54
N SER A 74 -15.55 -1.16 -4.52
CA SER A 74 -15.40 0.25 -4.09
C SER A 74 -13.94 0.64 -3.75
N TYR A 75 -12.97 -0.25 -4.01
CA TYR A 75 -11.54 -0.09 -3.74
C TYR A 75 -10.71 -1.09 -4.56
N ARG A 76 -9.38 -0.94 -4.55
CA ARG A 76 -8.39 -1.90 -5.09
C ARG A 76 -7.16 -1.97 -4.18
N ILE A 77 -6.48 -3.11 -4.15
CA ILE A 77 -5.28 -3.40 -3.34
C ILE A 77 -4.22 -4.07 -4.21
N GLN A 78 -2.95 -3.73 -3.97
CA GLN A 78 -1.75 -4.37 -4.53
C GLN A 78 -0.62 -4.38 -3.49
N THR A 79 0.43 -5.19 -3.66
CA THR A 79 1.61 -5.14 -2.78
C THR A 79 2.46 -3.87 -3.01
N TYR A 80 3.37 -3.55 -2.09
CA TYR A 80 4.37 -2.51 -2.32
C TYR A 80 5.27 -2.82 -3.53
N ALA A 81 5.65 -4.09 -3.71
CA ALA A 81 6.43 -4.54 -4.87
C ALA A 81 5.68 -4.38 -6.21
N GLU A 82 4.36 -4.58 -6.23
CA GLU A 82 3.52 -4.24 -7.39
C GLU A 82 3.45 -2.72 -7.62
N TYR A 83 3.22 -1.92 -6.56
CA TYR A 83 3.14 -0.47 -6.67
C TYR A 83 4.38 0.14 -7.35
N VAL A 84 5.58 -0.33 -7.00
CA VAL A 84 6.85 0.09 -7.63
C VAL A 84 6.86 -0.07 -9.17
N GLY A 85 6.19 -1.09 -9.70
CA GLY A 85 6.09 -1.35 -11.14
C GLY A 85 4.89 -0.67 -11.81
N LYS A 86 3.75 -0.59 -11.11
CA LYS A 86 2.53 0.13 -11.52
C LYS A 86 2.62 1.67 -11.36
N LYS A 87 3.75 2.19 -10.84
CA LYS A 87 3.97 3.60 -10.45
C LYS A 87 3.74 4.64 -11.57
N GLN A 88 4.00 4.26 -12.83
CA GLN A 88 3.84 5.07 -14.05
C GLN A 88 4.58 6.43 -14.03
N LYS A 89 4.44 7.22 -15.12
CA LYS A 89 5.22 8.44 -15.40
C LYS A 89 4.59 9.74 -14.86
N GLY A 90 3.37 9.69 -14.32
CA GLY A 90 2.64 10.86 -13.82
C GLY A 90 1.93 11.68 -14.93
N LYS A 91 1.44 12.87 -14.56
CA LYS A 91 0.68 13.80 -15.42
C LYS A 91 1.00 15.26 -15.08
N GLN A 92 1.09 16.11 -16.11
CA GLN A 92 1.37 17.54 -16.00
C GLN A 92 0.21 18.32 -15.36
N VAL A 93 0.52 19.39 -14.62
CA VAL A 93 -0.45 20.26 -13.92
C VAL A 93 -0.15 21.77 -14.10
N LYS A 94 1.11 22.14 -14.36
CA LYS A 94 1.60 23.52 -14.52
C LYS A 94 2.74 23.62 -15.55
N SER A 95 3.10 24.85 -15.92
CA SER A 95 4.12 25.17 -16.95
C SER A 95 5.55 24.70 -16.63
N GLY A 96 5.88 24.52 -15.35
CA GLY A 96 7.18 24.00 -14.88
C GLY A 96 7.31 23.93 -13.36
N PRO A 97 8.38 23.31 -12.83
CA PRO A 97 8.59 23.14 -11.39
C PRO A 97 9.01 24.45 -10.67
N SER A 98 9.64 25.38 -11.39
CA SER A 98 10.13 26.68 -10.88
C SER A 98 11.03 26.61 -9.62
N SER A 99 11.77 25.51 -9.47
CA SER A 99 12.61 25.19 -8.28
C SER A 99 14.00 24.61 -8.61
N GLY A 100 14.35 24.49 -9.90
CA GLY A 100 15.62 23.93 -10.38
C GLY A 100 15.79 24.06 -11.90
N GLY A 1 24.91 24.28 16.46
CA GLY A 1 24.62 22.87 16.13
C GLY A 1 24.44 22.65 14.63
N SER A 2 24.45 21.38 14.20
CA SER A 2 24.28 20.97 12.80
C SER A 2 23.64 19.57 12.68
N SER A 3 23.31 19.14 11.46
CA SER A 3 22.81 17.79 11.18
C SER A 3 23.82 16.71 11.57
N GLY A 4 23.35 15.61 12.16
CA GLY A 4 24.17 14.48 12.64
C GLY A 4 24.74 14.64 14.05
N SER A 5 24.78 15.86 14.60
CA SER A 5 25.21 16.13 15.99
C SER A 5 24.22 15.64 17.05
N SER A 6 22.96 15.38 16.66
CA SER A 6 21.85 14.95 17.52
C SER A 6 20.91 13.97 16.78
N GLY A 7 20.02 13.29 17.52
CA GLY A 7 19.05 12.34 16.97
C GLY A 7 18.02 11.85 18.01
N GLY A 8 17.09 11.00 17.57
CA GLY A 8 16.01 10.45 18.40
C GLY A 8 14.97 9.61 17.63
N PRO A 9 14.38 10.11 16.53
CA PRO A 9 13.50 9.36 15.65
C PRO A 9 14.10 8.06 15.08
N ASP A 10 13.24 7.19 14.52
CA ASP A 10 13.60 5.91 13.89
C ASP A 10 12.74 5.59 12.66
N LEU A 11 13.22 4.65 11.83
CA LEU A 11 12.62 4.23 10.55
C LEU A 11 12.80 2.70 10.33
N GLN A 12 12.12 2.15 9.33
CA GLN A 12 12.20 0.73 8.94
C GLN A 12 12.33 0.58 7.41
N PRO A 13 13.34 -0.16 6.90
CA PRO A 13 13.55 -0.35 5.45
C PRO A 13 12.68 -1.45 4.83
N LYS A 14 12.12 -2.35 5.63
CA LYS A 14 11.33 -3.52 5.20
C LYS A 14 10.03 -3.11 4.49
N ARG A 15 9.61 -3.86 3.46
CA ARG A 15 8.38 -3.64 2.68
C ARG A 15 7.56 -4.91 2.40
N ASP A 16 8.03 -6.09 2.85
CA ASP A 16 7.33 -7.38 2.66
C ASP A 16 5.95 -7.44 3.34
N HIS A 17 5.74 -6.60 4.36
CA HIS A 17 4.51 -6.48 5.16
C HIS A 17 3.62 -5.29 4.74
N VAL A 18 3.88 -4.68 3.57
CA VAL A 18 3.27 -3.42 3.13
C VAL A 18 2.47 -3.59 1.83
N LEU A 19 1.30 -2.97 1.81
CA LEU A 19 0.35 -2.89 0.69
C LEU A 19 0.18 -1.44 0.24
N HIS A 20 -0.43 -1.27 -0.93
CA HIS A 20 -0.95 -0.03 -1.50
C HIS A 20 -2.42 -0.25 -1.84
N VAL A 21 -3.24 0.79 -1.62
CA VAL A 21 -4.70 0.72 -1.75
C VAL A 21 -5.18 1.95 -2.54
N THR A 22 -6.13 1.74 -3.45
CA THR A 22 -6.71 2.78 -4.31
C THR A 22 -8.22 2.84 -4.12
N PHE A 23 -8.78 4.05 -4.00
CA PHE A 23 -10.18 4.29 -3.61
C PHE A 23 -10.68 5.69 -4.04
N PRO A 24 -12.01 5.90 -4.19
CA PRO A 24 -12.62 7.23 -4.36
C PRO A 24 -12.24 8.19 -3.22
N LYS A 25 -12.10 9.48 -3.52
CA LYS A 25 -11.68 10.52 -2.54
C LYS A 25 -12.59 10.67 -1.31
N GLU A 26 -13.84 10.18 -1.38
CA GLU A 26 -14.79 10.15 -0.27
C GLU A 26 -14.34 9.26 0.91
N TRP A 27 -13.42 8.33 0.70
CA TRP A 27 -12.83 7.47 1.74
C TRP A 27 -11.96 8.25 2.75
N LYS A 28 -11.71 7.63 3.91
CA LYS A 28 -10.90 8.12 5.02
C LYS A 28 -10.10 6.99 5.68
N THR A 29 -9.18 7.35 6.55
CA THR A 29 -8.40 6.46 7.43
C THR A 29 -9.30 5.49 8.20
N SER A 30 -10.53 5.90 8.54
CA SER A 30 -11.52 5.08 9.23
C SER A 30 -12.18 4.01 8.35
N ASP A 31 -12.55 4.36 7.12
CA ASP A 31 -12.97 3.38 6.11
C ASP A 31 -11.83 2.39 5.80
N LEU A 32 -10.58 2.82 6.00
CA LEU A 32 -9.40 1.95 5.82
C LEU A 32 -9.20 1.02 7.03
N TYR A 33 -9.32 1.51 8.27
CA TYR A 33 -9.37 0.65 9.46
C TYR A 33 -10.52 -0.37 9.38
N GLN A 34 -11.68 0.00 8.84
CA GLN A 34 -12.82 -0.91 8.62
C GLN A 34 -12.54 -1.97 7.54
N LEU A 35 -11.84 -1.62 6.46
CA LEU A 35 -11.45 -2.54 5.38
C LEU A 35 -10.41 -3.60 5.83
N PHE A 36 -9.57 -3.26 6.83
CA PHE A 36 -8.43 -4.07 7.26
C PHE A 36 -8.51 -4.58 8.72
N SER A 37 -9.66 -4.40 9.39
CA SER A 37 -9.88 -4.79 10.80
C SER A 37 -9.64 -6.29 11.10
N ALA A 38 -9.83 -7.16 10.10
CA ALA A 38 -9.63 -8.61 10.21
C ALA A 38 -8.19 -9.04 10.60
N PHE A 39 -7.21 -8.14 10.45
CA PHE A 39 -5.78 -8.41 10.71
C PHE A 39 -5.32 -8.02 12.12
N GLY A 40 -6.22 -7.49 12.96
CA GLY A 40 -6.03 -7.27 14.40
C GLY A 40 -5.28 -5.97 14.76
N ASN A 41 -4.18 -5.67 14.07
CA ASN A 41 -3.40 -4.43 14.22
C ASN A 41 -2.70 -4.07 12.90
N ILE A 42 -2.79 -2.80 12.51
CA ILE A 42 -2.31 -2.25 11.23
C ILE A 42 -1.73 -0.84 11.39
N GLN A 43 -1.11 -0.31 10.34
CA GLN A 43 -0.68 1.08 10.21
C GLN A 43 -0.96 1.60 8.78
N ILE A 44 -1.18 2.91 8.63
CA ILE A 44 -1.68 3.54 7.39
C ILE A 44 -0.84 4.79 7.07
N SER A 45 -0.52 5.02 5.79
CA SER A 45 0.32 6.15 5.33
C SER A 45 -0.13 6.70 3.98
N TRP A 46 -0.74 7.89 3.96
CA TRP A 46 -1.23 8.55 2.74
C TRP A 46 -0.12 8.91 1.74
N ILE A 47 -0.48 8.90 0.45
CA ILE A 47 0.37 9.37 -0.66
C ILE A 47 -0.37 10.25 -1.68
N ASP A 48 -1.70 10.16 -1.75
CA ASP A 48 -2.57 11.02 -2.56
C ASP A 48 -3.98 11.14 -1.95
N ASP A 49 -4.84 11.92 -2.59
CA ASP A 49 -6.26 12.06 -2.23
C ASP A 49 -7.08 10.77 -2.47
N THR A 50 -6.52 9.82 -3.23
CA THR A 50 -7.17 8.58 -3.69
C THR A 50 -6.30 7.33 -3.49
N SER A 51 -5.17 7.47 -2.77
CA SER A 51 -4.20 6.39 -2.53
C SER A 51 -3.47 6.52 -1.18
N ALA A 52 -3.22 5.37 -0.54
CA ALA A 52 -2.45 5.24 0.69
C ALA A 52 -1.77 3.85 0.77
N PHE A 53 -0.74 3.72 1.60
CA PHE A 53 -0.15 2.45 1.98
C PHE A 53 -0.84 1.89 3.22
N VAL A 54 -0.81 0.57 3.39
CA VAL A 54 -1.27 -0.14 4.59
C VAL A 54 -0.22 -1.18 4.99
N SER A 55 0.42 -0.94 6.12
CA SER A 55 1.34 -1.87 6.79
C SER A 55 0.56 -2.83 7.69
N LEU A 56 0.89 -4.12 7.65
CA LEU A 56 0.22 -5.18 8.40
C LEU A 56 1.19 -5.89 9.36
N SER A 57 0.65 -6.64 10.33
CA SER A 57 1.45 -7.32 11.37
C SER A 57 2.30 -8.50 10.84
N GLN A 58 1.94 -9.08 9.69
CA GLN A 58 2.63 -10.22 9.07
C GLN A 58 2.57 -10.16 7.52
N PRO A 59 3.58 -10.72 6.80
CA PRO A 59 3.55 -10.84 5.35
C PRO A 59 2.54 -11.87 4.83
N GLU A 60 2.07 -12.80 5.67
CA GLU A 60 0.93 -13.69 5.33
C GLU A 60 -0.38 -12.90 5.15
N GLN A 61 -0.58 -11.84 5.94
CA GLN A 61 -1.78 -10.99 5.88
C GLN A 61 -1.83 -10.15 4.59
N VAL A 62 -0.66 -9.76 4.06
CA VAL A 62 -0.51 -9.09 2.75
C VAL A 62 -1.10 -9.95 1.62
N GLN A 63 -0.80 -11.25 1.61
CA GLN A 63 -1.34 -12.20 0.62
C GLN A 63 -2.86 -12.34 0.73
N ILE A 64 -3.40 -12.41 1.96
CA ILE A 64 -4.85 -12.51 2.22
C ILE A 64 -5.58 -11.25 1.69
N ALA A 65 -5.07 -10.05 1.94
CA ALA A 65 -5.68 -8.81 1.46
C ALA A 65 -5.70 -8.69 -0.08
N VAL A 66 -4.62 -9.11 -0.76
CA VAL A 66 -4.57 -9.17 -2.23
C VAL A 66 -5.55 -10.20 -2.80
N ASN A 67 -5.68 -11.38 -2.16
CA ASN A 67 -6.65 -12.41 -2.51
C ASN A 67 -8.11 -11.94 -2.36
N THR A 68 -8.43 -11.31 -1.23
CA THR A 68 -9.80 -10.87 -0.89
C THR A 68 -10.25 -9.65 -1.69
N SER A 69 -9.32 -8.79 -2.13
CA SER A 69 -9.59 -7.69 -3.07
C SER A 69 -10.02 -8.14 -4.47
N LYS A 70 -9.85 -9.42 -4.84
CA LYS A 70 -10.41 -10.03 -6.06
C LYS A 70 -11.95 -10.00 -6.11
N TYR A 71 -12.60 -9.72 -4.97
CA TYR A 71 -14.05 -9.62 -4.79
C TYR A 71 -14.53 -8.20 -4.44
N ALA A 72 -13.64 -7.20 -4.50
CA ALA A 72 -13.94 -5.79 -4.27
C ALA A 72 -14.89 -5.19 -5.33
N GLU A 73 -15.53 -4.06 -5.00
CA GLU A 73 -16.46 -3.33 -5.89
C GLU A 73 -16.35 -1.79 -5.82
N SER A 74 -15.57 -1.24 -4.88
CA SER A 74 -15.39 0.22 -4.67
C SER A 74 -13.94 0.61 -4.32
N TYR A 75 -13.00 -0.32 -4.42
CA TYR A 75 -11.58 -0.17 -4.06
C TYR A 75 -10.71 -1.25 -4.75
N ARG A 76 -9.38 -1.17 -4.62
CA ARG A 76 -8.42 -2.21 -5.01
C ARG A 76 -7.20 -2.20 -4.08
N ILE A 77 -6.66 -3.39 -3.78
CA ILE A 77 -5.49 -3.62 -2.93
C ILE A 77 -4.40 -4.34 -3.74
N GLN A 78 -3.14 -3.93 -3.60
CA GLN A 78 -1.97 -4.57 -4.23
C GLN A 78 -0.72 -4.44 -3.32
N THR A 79 0.37 -5.15 -3.62
CA THR A 79 1.63 -5.03 -2.87
C THR A 79 2.36 -3.70 -3.13
N TYR A 80 3.29 -3.35 -2.24
CA TYR A 80 4.22 -2.23 -2.46
C TYR A 80 5.04 -2.38 -3.77
N ALA A 81 5.43 -3.62 -4.12
CA ALA A 81 6.13 -3.93 -5.37
C ALA A 81 5.26 -3.73 -6.62
N GLU A 82 3.97 -4.11 -6.58
CA GLU A 82 3.02 -3.88 -7.68
C GLU A 82 2.70 -2.38 -7.87
N TYR A 83 2.70 -1.58 -6.79
CA TYR A 83 2.62 -0.13 -6.84
C TYR A 83 3.85 0.49 -7.52
N VAL A 84 5.06 0.10 -7.11
CA VAL A 84 6.33 0.47 -7.78
C VAL A 84 6.31 0.12 -9.27
N GLY A 85 5.76 -1.04 -9.63
CA GLY A 85 5.70 -1.52 -11.02
C GLY A 85 4.87 -0.66 -11.99
N LYS A 86 4.06 0.30 -11.50
CA LYS A 86 3.32 1.29 -12.33
C LYS A 86 3.75 2.75 -12.13
N LYS A 87 4.70 3.06 -11.23
CA LYS A 87 5.19 4.41 -10.89
C LYS A 87 5.69 5.25 -12.08
N GLN A 88 6.11 4.60 -13.17
CA GLN A 88 6.61 5.23 -14.40
C GLN A 88 6.00 4.60 -15.68
N LYS A 89 4.85 3.92 -15.55
CA LYS A 89 4.18 3.14 -16.63
C LYS A 89 2.65 3.28 -16.54
N GLY A 90 2.17 4.51 -16.80
CA GLY A 90 0.75 4.83 -16.82
C GLY A 90 0.39 6.33 -16.77
N LYS A 91 1.33 7.20 -16.37
CA LYS A 91 1.12 8.65 -16.16
C LYS A 91 0.48 9.36 -17.36
N GLN A 92 1.16 9.30 -18.52
CA GLN A 92 0.69 9.83 -19.81
C GLN A 92 1.39 9.12 -21.00
N VAL A 93 1.81 7.87 -20.81
CA VAL A 93 2.61 7.08 -21.77
C VAL A 93 1.96 6.86 -23.15
N LYS A 94 0.64 7.06 -23.25
CA LYS A 94 -0.13 7.05 -24.51
C LYS A 94 0.28 8.15 -25.50
N SER A 95 0.89 9.25 -25.03
CA SER A 95 1.45 10.33 -25.87
C SER A 95 2.92 10.67 -25.56
N GLY A 96 3.42 10.35 -24.36
CA GLY A 96 4.86 10.38 -24.04
C GLY A 96 5.37 11.59 -23.23
N PRO A 97 6.71 11.72 -23.09
CA PRO A 97 7.38 12.74 -22.28
C PRO A 97 6.98 14.21 -22.54
N SER A 98 6.52 14.54 -23.74
CA SER A 98 5.98 15.87 -24.11
C SER A 98 4.74 16.29 -23.30
N SER A 99 4.06 15.34 -22.64
CA SER A 99 2.83 15.55 -21.86
C SER A 99 2.88 14.91 -20.45
N GLY A 100 4.01 14.30 -20.06
CA GLY A 100 4.21 13.65 -18.75
C GLY A 100 5.62 13.08 -18.56
N GLY A 1 12.49 2.63 35.64
CA GLY A 1 12.08 2.00 34.37
C GLY A 1 12.38 2.90 33.19
N SER A 2 13.12 2.39 32.21
CA SER A 2 13.63 3.14 31.04
C SER A 2 13.63 2.28 29.76
N SER A 3 13.76 2.92 28.59
CA SER A 3 13.86 2.29 27.27
C SER A 3 14.70 3.15 26.30
N GLY A 4 15.21 2.52 25.22
CA GLY A 4 16.02 3.16 24.18
C GLY A 4 17.22 2.34 23.70
N SER A 5 17.60 1.29 24.43
CA SER A 5 18.82 0.48 24.21
C SER A 5 18.58 -1.04 24.15
N SER A 6 17.32 -1.48 24.27
CA SER A 6 16.90 -2.88 24.09
C SER A 6 16.92 -3.37 22.63
N GLY A 7 17.05 -2.47 21.66
CA GLY A 7 17.13 -2.77 20.23
C GLY A 7 18.51 -3.27 19.75
N GLY A 8 18.66 -3.43 18.44
CA GLY A 8 19.88 -3.93 17.79
C GLY A 8 19.84 -3.84 16.25
N PRO A 9 20.82 -4.42 15.55
CA PRO A 9 20.95 -4.41 14.09
C PRO A 9 19.96 -5.38 13.39
N ASP A 10 18.66 -5.25 13.71
CA ASP A 10 17.55 -6.04 13.15
C ASP A 10 17.42 -5.89 11.61
N LEU A 11 16.79 -6.88 10.96
CA LEU A 11 16.58 -6.92 9.50
C LEU A 11 15.71 -5.78 8.94
N GLN A 12 15.75 -5.60 7.62
CA GLN A 12 15.09 -4.52 6.89
C GLN A 12 14.46 -5.08 5.59
N PRO A 13 13.19 -5.51 5.60
CA PRO A 13 12.53 -6.14 4.45
C PRO A 13 12.18 -5.14 3.35
N LYS A 14 11.90 -5.65 2.14
CA LYS A 14 11.45 -4.89 0.95
C LYS A 14 9.99 -4.37 1.04
N ARG A 15 9.48 -4.14 2.25
CA ARG A 15 8.07 -3.84 2.59
C ARG A 15 7.06 -4.82 1.98
N ASP A 16 7.43 -6.11 1.93
CA ASP A 16 6.56 -7.21 1.50
C ASP A 16 5.35 -7.43 2.44
N HIS A 17 5.39 -6.88 3.65
CA HIS A 17 4.30 -6.82 4.64
C HIS A 17 3.38 -5.57 4.49
N VAL A 18 3.51 -4.81 3.40
CA VAL A 18 2.77 -3.55 3.16
C VAL A 18 1.97 -3.65 1.86
N LEU A 19 0.74 -3.15 1.91
CA LEU A 19 -0.18 -3.01 0.78
C LEU A 19 -0.18 -1.58 0.22
N HIS A 20 -0.69 -1.46 -1.00
CA HIS A 20 -1.08 -0.23 -1.69
C HIS A 20 -2.58 -0.35 -1.95
N VAL A 21 -3.33 0.75 -1.76
CA VAL A 21 -4.80 0.74 -1.76
C VAL A 21 -5.30 1.95 -2.55
N THR A 22 -6.36 1.75 -3.34
CA THR A 22 -6.97 2.77 -4.22
C THR A 22 -8.49 2.79 -4.01
N PHE A 23 -9.07 3.98 -3.86
CA PHE A 23 -10.46 4.17 -3.43
C PHE A 23 -11.03 5.55 -3.88
N PRO A 24 -12.37 5.70 -3.95
CA PRO A 24 -13.02 7.00 -4.13
C PRO A 24 -12.60 8.00 -3.03
N LYS A 25 -12.47 9.29 -3.39
CA LYS A 25 -12.00 10.37 -2.48
C LYS A 25 -12.79 10.51 -1.17
N GLU A 26 -14.05 10.06 -1.15
CA GLU A 26 -14.93 10.08 0.02
C GLU A 26 -14.43 9.20 1.19
N TRP A 27 -13.56 8.21 0.92
CA TRP A 27 -12.92 7.38 1.95
C TRP A 27 -12.01 8.20 2.88
N LYS A 28 -11.85 7.70 4.11
CA LYS A 28 -10.99 8.26 5.17
C LYS A 28 -10.15 7.16 5.84
N THR A 29 -9.21 7.57 6.70
CA THR A 29 -8.42 6.69 7.57
C THR A 29 -9.28 5.72 8.37
N SER A 30 -10.48 6.15 8.80
CA SER A 30 -11.46 5.30 9.49
C SER A 30 -12.01 4.16 8.63
N ASP A 31 -12.34 4.42 7.35
CA ASP A 31 -12.76 3.38 6.41
C ASP A 31 -11.62 2.39 6.11
N LEU A 32 -10.39 2.88 6.15
CA LEU A 32 -9.17 2.06 5.99
C LEU A 32 -8.93 1.17 7.22
N TYR A 33 -9.07 1.70 8.44
CA TYR A 33 -9.09 0.88 9.67
C TYR A 33 -10.20 -0.18 9.63
N GLN A 34 -11.40 0.16 9.16
CA GLN A 34 -12.51 -0.79 9.02
C GLN A 34 -12.23 -1.90 7.98
N LEU A 35 -11.59 -1.56 6.85
CA LEU A 35 -11.24 -2.51 5.78
C LEU A 35 -10.21 -3.55 6.23
N PHE A 36 -9.26 -3.17 7.09
CA PHE A 36 -8.13 -4.01 7.50
C PHE A 36 -8.17 -4.48 8.96
N SER A 37 -9.26 -4.19 9.70
CA SER A 37 -9.51 -4.67 11.07
C SER A 37 -9.42 -6.21 11.21
N ALA A 38 -9.75 -6.94 10.15
CA ALA A 38 -9.63 -8.40 10.04
C ALA A 38 -8.20 -8.96 10.25
N PHE A 39 -7.17 -8.10 10.26
CA PHE A 39 -5.76 -8.47 10.40
C PHE A 39 -5.13 -7.96 11.71
N GLY A 40 -5.91 -7.32 12.59
CA GLY A 40 -5.43 -6.74 13.86
C GLY A 40 -5.06 -5.25 13.72
N ASN A 41 -4.12 -4.78 14.56
CA ASN A 41 -3.52 -3.46 14.42
C ASN A 41 -2.76 -3.29 13.09
N ILE A 42 -2.69 -2.05 12.58
CA ILE A 42 -2.12 -1.67 11.27
C ILE A 42 -1.42 -0.30 11.35
N GLN A 43 -0.84 0.16 10.23
CA GLN A 43 -0.35 1.53 10.04
C GLN A 43 -0.73 2.01 8.63
N ILE A 44 -1.06 3.30 8.48
CA ILE A 44 -1.61 3.90 7.25
C ILE A 44 -0.78 5.12 6.86
N SER A 45 -0.37 5.19 5.58
CA SER A 45 0.51 6.21 5.02
C SER A 45 0.02 6.67 3.65
N TRP A 46 -0.68 7.81 3.60
CA TRP A 46 -1.22 8.41 2.37
C TRP A 46 -0.15 8.72 1.31
N ILE A 47 -0.56 8.72 0.03
CA ILE A 47 0.23 9.19 -1.11
C ILE A 47 -0.55 10.10 -2.07
N ASP A 48 -1.89 10.02 -2.08
CA ASP A 48 -2.77 10.91 -2.86
C ASP A 48 -4.17 11.03 -2.22
N ASP A 49 -5.02 11.84 -2.84
CA ASP A 49 -6.42 12.07 -2.46
C ASP A 49 -7.30 10.81 -2.66
N THR A 50 -6.81 9.82 -3.41
CA THR A 50 -7.53 8.58 -3.80
C THR A 50 -6.70 7.31 -3.57
N SER A 51 -5.53 7.38 -2.91
CA SER A 51 -4.68 6.22 -2.63
C SER A 51 -3.72 6.39 -1.45
N ALA A 52 -3.39 5.27 -0.81
CA ALA A 52 -2.54 5.17 0.37
C ALA A 52 -1.84 3.80 0.47
N PHE A 53 -0.77 3.72 1.28
CA PHE A 53 -0.15 2.46 1.69
C PHE A 53 -0.72 2.01 3.06
N VAL A 54 -0.77 0.70 3.31
CA VAL A 54 -1.23 0.12 4.59
C VAL A 54 -0.35 -1.05 5.01
N SER A 55 0.38 -0.90 6.11
CA SER A 55 1.21 -1.93 6.74
C SER A 55 0.35 -2.94 7.51
N LEU A 56 0.65 -4.24 7.36
CA LEU A 56 0.05 -5.35 8.11
C LEU A 56 1.13 -6.09 8.92
N SER A 57 0.74 -6.90 9.90
CA SER A 57 1.66 -7.60 10.82
C SER A 57 2.50 -8.70 10.15
N GLN A 58 2.04 -9.28 9.04
CA GLN A 58 2.70 -10.40 8.34
C GLN A 58 2.46 -10.36 6.81
N PRO A 59 3.45 -10.81 5.99
CA PRO A 59 3.26 -11.04 4.55
C PRO A 59 2.12 -12.02 4.22
N GLU A 60 1.82 -12.98 5.09
CA GLU A 60 0.67 -13.89 4.95
C GLU A 60 -0.67 -13.13 4.93
N GLN A 61 -0.80 -12.06 5.73
CA GLN A 61 -1.98 -11.19 5.74
C GLN A 61 -2.07 -10.34 4.45
N VAL A 62 -0.93 -9.90 3.92
CA VAL A 62 -0.85 -9.26 2.59
C VAL A 62 -1.36 -10.19 1.49
N GLN A 63 -0.91 -11.46 1.47
CA GLN A 63 -1.37 -12.45 0.50
C GLN A 63 -2.88 -12.69 0.57
N ILE A 64 -3.47 -12.76 1.77
CA ILE A 64 -4.92 -12.85 1.98
C ILE A 64 -5.64 -11.60 1.43
N ALA A 65 -5.21 -10.39 1.79
CA ALA A 65 -5.83 -9.15 1.33
C ALA A 65 -5.75 -8.94 -0.20
N VAL A 66 -4.65 -9.35 -0.83
CA VAL A 66 -4.52 -9.36 -2.30
C VAL A 66 -5.48 -10.37 -2.93
N ASN A 67 -5.66 -11.56 -2.34
CA ASN A 67 -6.64 -12.56 -2.82
C ASN A 67 -8.10 -12.07 -2.70
N THR A 68 -8.47 -11.47 -1.57
CA THR A 68 -9.84 -11.01 -1.29
C THR A 68 -10.26 -9.77 -2.08
N SER A 69 -9.30 -8.97 -2.57
CA SER A 69 -9.56 -7.80 -3.43
C SER A 69 -10.26 -8.13 -4.77
N LYS A 70 -10.25 -9.40 -5.18
CA LYS A 70 -11.04 -9.98 -6.29
C LYS A 70 -12.55 -9.67 -6.19
N TYR A 71 -13.05 -9.40 -4.99
CA TYR A 71 -14.47 -9.18 -4.68
C TYR A 71 -14.72 -7.81 -3.99
N ALA A 72 -13.79 -6.86 -4.15
CA ALA A 72 -13.83 -5.54 -3.50
C ALA A 72 -15.02 -4.64 -3.93
N GLU A 73 -15.37 -4.70 -5.21
CA GLU A 73 -16.40 -3.92 -5.95
C GLU A 73 -16.36 -2.37 -5.86
N SER A 74 -15.71 -1.76 -4.86
CA SER A 74 -15.72 -0.30 -4.59
C SER A 74 -14.34 0.27 -4.24
N TYR A 75 -13.28 -0.56 -4.29
CA TYR A 75 -11.88 -0.21 -4.02
C TYR A 75 -10.95 -1.24 -4.73
N ARG A 76 -9.63 -1.06 -4.64
CA ARG A 76 -8.62 -1.99 -5.18
C ARG A 76 -7.39 -2.05 -4.25
N ILE A 77 -6.72 -3.20 -4.22
CA ILE A 77 -5.52 -3.48 -3.42
C ILE A 77 -4.41 -4.07 -4.30
N GLN A 78 -3.16 -3.72 -3.99
CA GLN A 78 -1.91 -4.25 -4.55
C GLN A 78 -0.87 -4.39 -3.42
N THR A 79 0.28 -5.03 -3.65
CA THR A 79 1.40 -4.95 -2.70
C THR A 79 2.15 -3.63 -2.88
N TYR A 80 2.97 -3.25 -1.89
CA TYR A 80 3.92 -2.13 -2.03
C TYR A 80 4.86 -2.33 -3.24
N ALA A 81 5.38 -3.54 -3.44
CA ALA A 81 6.30 -3.86 -4.54
C ALA A 81 5.62 -3.79 -5.93
N GLU A 82 4.37 -4.25 -6.05
CA GLU A 82 3.56 -4.20 -7.26
C GLU A 82 3.29 -2.75 -7.70
N TYR A 83 3.04 -1.84 -6.75
CA TYR A 83 2.96 -0.40 -7.02
C TYR A 83 4.32 0.20 -7.42
N VAL A 84 5.38 -0.05 -6.63
CA VAL A 84 6.74 0.50 -6.84
C VAL A 84 7.26 0.28 -8.27
N GLY A 85 7.04 -0.90 -8.85
CA GLY A 85 7.50 -1.25 -10.20
C GLY A 85 6.88 -0.43 -11.35
N LYS A 86 5.82 0.35 -11.07
CA LYS A 86 5.08 1.18 -12.04
C LYS A 86 4.71 2.59 -11.52
N LYS A 87 5.28 3.02 -10.38
CA LYS A 87 4.91 4.21 -9.59
C LYS A 87 4.78 5.57 -10.31
N GLN A 88 5.31 5.70 -11.54
CA GLN A 88 5.05 6.84 -12.44
C GLN A 88 3.56 6.99 -12.81
N LYS A 89 2.78 5.91 -12.69
CA LYS A 89 1.32 5.81 -12.90
C LYS A 89 0.68 4.88 -11.86
N GLY A 90 -0.64 4.67 -11.96
CA GLY A 90 -1.39 3.76 -11.08
C GLY A 90 -2.88 3.69 -11.38
N LYS A 91 -3.59 2.85 -10.63
CA LYS A 91 -5.06 2.70 -10.67
C LYS A 91 -5.77 4.02 -10.29
N GLN A 92 -6.97 4.23 -10.84
CA GLN A 92 -7.90 5.30 -10.48
C GLN A 92 -9.34 4.82 -10.69
N VAL A 93 -10.29 5.37 -9.92
CA VAL A 93 -11.68 4.88 -9.80
C VAL A 93 -12.76 5.98 -9.90
N LYS A 94 -12.38 7.28 -9.92
CA LYS A 94 -13.30 8.41 -10.14
C LYS A 94 -13.95 8.46 -11.54
N SER A 95 -13.48 7.64 -12.47
CA SER A 95 -13.82 7.61 -13.91
C SER A 95 -15.25 7.11 -14.27
N GLY A 96 -16.19 7.09 -13.32
CA GLY A 96 -17.57 6.63 -13.53
C GLY A 96 -18.56 7.14 -12.47
N PRO A 97 -19.88 6.86 -12.66
CA PRO A 97 -20.94 7.36 -11.78
C PRO A 97 -20.98 6.68 -10.40
N SER A 98 -21.71 7.30 -9.47
CA SER A 98 -21.85 6.87 -8.06
C SER A 98 -23.30 6.88 -7.54
N SER A 99 -24.28 7.07 -8.44
CA SER A 99 -25.72 7.14 -8.13
C SER A 99 -26.37 5.80 -7.72
N GLY A 100 -25.70 4.66 -7.97
CA GLY A 100 -26.15 3.31 -7.63
C GLY A 100 -25.19 2.23 -8.11
N GLY A 1 0.87 9.76 8.43
CA GLY A 1 1.22 8.87 9.55
C GLY A 1 2.71 8.88 9.81
N SER A 2 3.11 8.97 11.09
CA SER A 2 4.51 8.98 11.55
C SER A 2 4.67 8.24 12.88
N SER A 3 5.90 7.79 13.17
CA SER A 3 6.23 6.90 14.31
C SER A 3 7.51 7.29 15.08
N GLY A 4 8.14 8.42 14.75
CA GLY A 4 9.39 8.89 15.37
C GLY A 4 9.93 10.20 14.78
N SER A 5 11.10 10.63 15.27
CA SER A 5 11.74 11.91 14.92
C SER A 5 13.27 11.82 14.70
N SER A 6 13.83 10.60 14.74
CA SER A 6 15.25 10.30 14.52
C SER A 6 15.45 8.87 13.99
N GLY A 7 16.67 8.50 13.63
CA GLY A 7 17.01 7.17 13.09
C GLY A 7 18.52 6.89 12.95
N GLY A 8 18.85 5.65 12.56
CA GLY A 8 20.21 5.13 12.42
C GLY A 8 20.22 3.63 12.13
N PRO A 9 21.41 2.99 12.05
CA PRO A 9 21.53 1.55 11.74
C PRO A 9 20.96 0.61 12.81
N ASP A 10 20.65 1.12 14.01
CA ASP A 10 19.94 0.42 15.09
C ASP A 10 18.44 0.16 14.79
N LEU A 11 17.94 0.68 13.67
CA LEU A 11 16.57 0.54 13.17
C LEU A 11 16.60 0.12 11.69
N GLN A 12 15.92 -0.98 11.37
CA GLN A 12 16.02 -1.67 10.06
C GLN A 12 14.63 -2.11 9.57
N PRO A 13 13.79 -1.16 9.07
CA PRO A 13 12.43 -1.44 8.60
C PRO A 13 12.40 -2.20 7.26
N LYS A 14 11.20 -2.67 6.89
CA LYS A 14 10.89 -3.46 5.69
C LYS A 14 9.63 -2.95 4.98
N ARG A 15 9.34 -3.47 3.78
CA ARG A 15 8.13 -3.17 2.97
C ARG A 15 7.32 -4.43 2.58
N ASP A 16 7.81 -5.62 2.90
CA ASP A 16 7.17 -6.91 2.53
C ASP A 16 5.80 -7.14 3.20
N HIS A 17 5.54 -6.46 4.32
CA HIS A 17 4.29 -6.47 5.09
C HIS A 17 3.33 -5.30 4.72
N VAL A 18 3.59 -4.59 3.61
CA VAL A 18 2.91 -3.34 3.26
C VAL A 18 2.13 -3.48 1.95
N LEU A 19 0.89 -2.99 1.97
CA LEU A 19 -0.02 -2.89 0.84
C LEU A 19 -0.08 -1.46 0.30
N HIS A 20 -0.63 -1.32 -0.90
CA HIS A 20 -1.05 -0.08 -1.55
C HIS A 20 -2.52 -0.22 -1.91
N VAL A 21 -3.30 0.84 -1.69
CA VAL A 21 -4.77 0.83 -1.77
C VAL A 21 -5.24 2.06 -2.53
N THR A 22 -6.24 1.88 -3.40
CA THR A 22 -6.80 2.93 -4.27
C THR A 22 -8.32 3.00 -4.08
N PHE A 23 -8.88 4.20 -3.98
CA PHE A 23 -10.27 4.42 -3.56
C PHE A 23 -10.81 5.82 -3.99
N PRO A 24 -12.15 6.01 -4.06
CA PRO A 24 -12.77 7.33 -4.19
C PRO A 24 -12.37 8.24 -3.02
N LYS A 25 -12.24 9.55 -3.25
CA LYS A 25 -11.79 10.54 -2.24
C LYS A 25 -12.63 10.61 -0.94
N GLU A 26 -13.88 10.15 -0.99
CA GLU A 26 -14.79 10.03 0.15
C GLU A 26 -14.29 9.03 1.24
N TRP A 27 -13.41 8.08 0.88
CA TRP A 27 -12.76 7.17 1.83
C TRP A 27 -11.86 7.90 2.84
N LYS A 28 -11.79 7.31 4.05
CA LYS A 28 -11.13 7.86 5.24
C LYS A 28 -10.22 6.81 5.91
N THR A 29 -9.36 7.24 6.82
CA THR A 29 -8.58 6.36 7.71
C THR A 29 -9.46 5.36 8.46
N SER A 30 -10.69 5.77 8.80
CA SER A 30 -11.72 4.90 9.39
C SER A 30 -12.23 3.81 8.44
N ASP A 31 -12.55 4.15 7.18
CA ASP A 31 -12.96 3.16 6.17
C ASP A 31 -11.83 2.17 5.87
N LEU A 32 -10.58 2.65 5.92
CA LEU A 32 -9.38 1.83 5.79
C LEU A 32 -9.21 0.88 6.99
N TYR A 33 -9.43 1.37 8.21
CA TYR A 33 -9.49 0.50 9.41
C TYR A 33 -10.59 -0.56 9.29
N GLN A 34 -11.78 -0.22 8.79
CA GLN A 34 -12.86 -1.18 8.55
C GLN A 34 -12.53 -2.22 7.45
N LEU A 35 -11.70 -1.85 6.47
CA LEU A 35 -11.22 -2.76 5.41
C LEU A 35 -10.14 -3.76 5.89
N PHE A 36 -9.33 -3.38 6.90
CA PHE A 36 -8.13 -4.16 7.29
C PHE A 36 -8.10 -4.64 8.76
N SER A 37 -9.07 -4.28 9.61
CA SER A 37 -9.19 -4.79 11.00
C SER A 37 -9.32 -6.31 11.10
N ALA A 38 -9.77 -6.98 10.03
CA ALA A 38 -9.79 -8.44 9.88
C ALA A 38 -8.39 -9.11 9.99
N PHE A 39 -7.31 -8.32 9.92
CA PHE A 39 -5.91 -8.77 10.00
C PHE A 39 -5.22 -8.33 11.31
N GLY A 40 -5.93 -7.68 12.23
CA GLY A 40 -5.39 -7.14 13.49
C GLY A 40 -5.16 -5.63 13.43
N ASN A 41 -4.28 -5.12 14.31
CA ASN A 41 -3.79 -3.73 14.25
C ASN A 41 -2.97 -3.46 12.97
N ILE A 42 -2.95 -2.19 12.53
CA ILE A 42 -2.35 -1.74 11.26
C ILE A 42 -1.69 -0.35 11.42
N GLN A 43 -1.02 0.11 10.36
CA GLN A 43 -0.53 1.49 10.21
C GLN A 43 -0.79 1.99 8.78
N ILE A 44 -0.96 3.31 8.60
CA ILE A 44 -1.43 3.92 7.36
C ILE A 44 -0.59 5.16 7.02
N SER A 45 -0.13 5.25 5.77
CA SER A 45 0.74 6.30 5.23
C SER A 45 0.27 6.70 3.84
N TRP A 46 -0.40 7.85 3.73
CA TRP A 46 -1.02 8.31 2.49
C TRP A 46 0.00 8.83 1.46
N ILE A 47 -0.42 8.88 0.19
CA ILE A 47 0.37 9.43 -0.93
C ILE A 47 -0.45 10.32 -1.86
N ASP A 48 -1.78 10.23 -1.85
CA ASP A 48 -2.69 11.13 -2.58
C ASP A 48 -4.06 11.25 -1.86
N ASP A 49 -4.95 12.05 -2.43
CA ASP A 49 -6.36 12.16 -2.04
C ASP A 49 -7.20 10.91 -2.39
N THR A 50 -6.63 9.98 -3.17
CA THR A 50 -7.31 8.79 -3.72
C THR A 50 -6.49 7.49 -3.60
N SER A 51 -5.31 7.52 -2.97
CA SER A 51 -4.55 6.31 -2.64
C SER A 51 -3.57 6.47 -1.45
N ALA A 52 -3.28 5.35 -0.81
CA ALA A 52 -2.44 5.27 0.40
C ALA A 52 -1.75 3.90 0.55
N PHE A 53 -0.68 3.84 1.35
CA PHE A 53 -0.06 2.60 1.80
C PHE A 53 -0.67 2.15 3.14
N VAL A 54 -0.72 0.83 3.37
CA VAL A 54 -1.23 0.21 4.60
C VAL A 54 -0.31 -0.93 5.05
N SER A 55 0.37 -0.72 6.17
CA SER A 55 1.20 -1.72 6.86
C SER A 55 0.34 -2.68 7.67
N LEU A 56 0.33 -3.96 7.31
CA LEU A 56 -0.28 -5.03 8.13
C LEU A 56 0.70 -5.51 9.22
N SER A 57 0.18 -6.21 10.22
CA SER A 57 1.00 -6.80 11.31
C SER A 57 1.92 -7.93 10.86
N GLN A 58 1.64 -8.58 9.72
CA GLN A 58 2.40 -9.72 9.18
C GLN A 58 2.37 -9.73 7.64
N PRO A 59 3.47 -10.16 6.97
CA PRO A 59 3.49 -10.35 5.51
C PRO A 59 2.68 -11.58 5.05
N GLU A 60 2.35 -12.51 5.94
CA GLU A 60 1.46 -13.65 5.65
C GLU A 60 0.03 -13.20 5.29
N GLN A 61 -0.40 -12.03 5.78
CA GLN A 61 -1.75 -11.49 5.57
C GLN A 61 -1.85 -10.55 4.35
N VAL A 62 -0.71 -10.05 3.85
CA VAL A 62 -0.61 -9.29 2.59
C VAL A 62 -1.15 -10.10 1.41
N GLN A 63 -0.78 -11.39 1.32
CA GLN A 63 -1.27 -12.29 0.28
C GLN A 63 -2.79 -12.50 0.34
N ILE A 64 -3.38 -12.51 1.54
CA ILE A 64 -4.84 -12.67 1.72
C ILE A 64 -5.59 -11.43 1.19
N ALA A 65 -5.13 -10.22 1.51
CA ALA A 65 -5.72 -8.98 0.99
C ALA A 65 -5.59 -8.86 -0.55
N VAL A 66 -4.44 -9.25 -1.12
CA VAL A 66 -4.20 -9.28 -2.57
C VAL A 66 -5.05 -10.35 -3.28
N ASN A 67 -5.34 -11.48 -2.63
CA ASN A 67 -6.29 -12.49 -3.14
C ASN A 67 -7.74 -11.97 -3.12
N THR A 68 -8.18 -11.39 -1.99
CA THR A 68 -9.57 -10.98 -1.75
C THR A 68 -9.99 -9.70 -2.48
N SER A 69 -9.05 -8.83 -2.85
CA SER A 69 -9.32 -7.61 -3.63
C SER A 69 -9.92 -7.87 -5.03
N LYS A 70 -9.81 -9.10 -5.55
CA LYS A 70 -10.50 -9.60 -6.75
C LYS A 70 -12.04 -9.47 -6.69
N TYR A 71 -12.60 -9.32 -5.49
CA TYR A 71 -14.04 -9.27 -5.20
C TYR A 71 -14.46 -7.97 -4.47
N ALA A 72 -13.62 -6.93 -4.53
CA ALA A 72 -13.87 -5.61 -3.96
C ALA A 72 -15.12 -4.90 -4.53
N GLU A 73 -15.60 -3.87 -3.82
CA GLU A 73 -16.88 -3.18 -4.13
C GLU A 73 -16.78 -1.63 -4.20
N SER A 74 -15.69 -1.03 -3.70
CA SER A 74 -15.48 0.42 -3.65
C SER A 74 -14.00 0.82 -3.62
N TYR A 75 -13.08 -0.13 -3.88
CA TYR A 75 -11.64 0.01 -3.69
C TYR A 75 -10.85 -1.00 -4.55
N ARG A 76 -9.51 -0.91 -4.53
CA ARG A 76 -8.56 -1.89 -5.10
C ARG A 76 -7.29 -1.97 -4.24
N ILE A 77 -6.60 -3.11 -4.24
CA ILE A 77 -5.43 -3.41 -3.39
C ILE A 77 -4.34 -4.12 -4.22
N GLN A 78 -3.08 -3.80 -3.94
CA GLN A 78 -1.87 -4.46 -4.44
C GLN A 78 -0.76 -4.40 -3.37
N THR A 79 0.36 -5.13 -3.49
CA THR A 79 1.50 -4.96 -2.57
C THR A 79 2.25 -3.64 -2.81
N TYR A 80 3.09 -3.21 -1.86
CA TYR A 80 4.04 -2.10 -2.06
C TYR A 80 4.96 -2.33 -3.27
N ALA A 81 5.47 -3.56 -3.44
CA ALA A 81 6.32 -3.94 -4.57
C ALA A 81 5.57 -3.92 -5.92
N GLU A 82 4.30 -4.34 -5.95
CA GLU A 82 3.44 -4.21 -7.14
C GLU A 82 3.17 -2.75 -7.50
N TYR A 83 2.93 -1.87 -6.52
CA TYR A 83 2.81 -0.42 -6.76
C TYR A 83 4.09 0.14 -7.39
N VAL A 84 5.27 -0.15 -6.80
CA VAL A 84 6.59 0.26 -7.35
C VAL A 84 6.80 -0.22 -8.78
N GLY A 85 6.45 -1.48 -9.08
CA GLY A 85 6.61 -2.10 -10.40
C GLY A 85 5.59 -1.65 -11.46
N LYS A 86 4.55 -0.90 -11.08
CA LYS A 86 3.44 -0.42 -11.92
C LYS A 86 3.23 1.11 -11.85
N LYS A 87 4.18 1.84 -11.23
CA LYS A 87 4.11 3.28 -10.93
C LYS A 87 4.01 4.20 -12.17
N GLN A 88 4.39 3.70 -13.35
CA GLN A 88 4.35 4.40 -14.64
C GLN A 88 2.94 4.93 -14.98
N LYS A 89 2.86 6.16 -15.50
CA LYS A 89 1.59 6.79 -15.93
C LYS A 89 0.97 6.03 -17.13
N GLY A 90 -0.31 5.67 -17.01
CA GLY A 90 -1.01 4.84 -18.01
C GLY A 90 -2.38 4.35 -17.52
N LYS A 91 -3.22 5.27 -17.03
CA LYS A 91 -4.51 4.98 -16.35
C LYS A 91 -5.64 5.93 -16.78
N GLN A 92 -6.87 5.57 -16.42
CA GLN A 92 -8.11 6.30 -16.72
C GLN A 92 -9.15 6.11 -15.59
N VAL A 93 -10.03 7.09 -15.39
CA VAL A 93 -11.06 7.11 -14.32
C VAL A 93 -12.25 6.15 -14.55
N LYS A 94 -12.25 5.36 -15.64
CA LYS A 94 -13.29 4.41 -16.02
C LYS A 94 -13.61 3.40 -14.89
N SER A 95 -14.91 3.13 -14.68
CA SER A 95 -15.43 2.22 -13.65
C SER A 95 -16.78 1.60 -14.07
N GLY A 96 -17.29 0.66 -13.28
CA GLY A 96 -18.56 -0.04 -13.52
C GLY A 96 -18.87 -1.18 -12.52
N PRO A 97 -17.93 -2.11 -12.24
CA PRO A 97 -18.13 -3.22 -11.29
C PRO A 97 -18.46 -2.82 -9.85
N SER A 98 -18.08 -1.61 -9.41
CA SER A 98 -18.31 -1.10 -8.04
C SER A 98 -19.79 -1.01 -7.67
N SER A 99 -20.10 -1.20 -6.39
CA SER A 99 -21.47 -1.25 -5.84
C SER A 99 -22.10 0.13 -5.55
N GLY A 100 -21.35 1.23 -5.80
CA GLY A 100 -21.78 2.63 -5.59
C GLY A 100 -20.84 3.64 -6.23
N GLY A 1 37.78 4.89 -9.48
CA GLY A 1 36.86 4.48 -10.56
C GLY A 1 35.54 3.98 -9.99
N SER A 2 35.06 2.82 -10.45
CA SER A 2 33.84 2.15 -9.95
C SER A 2 33.81 1.91 -8.43
N SER A 3 34.99 1.84 -7.80
CA SER A 3 35.23 1.85 -6.35
C SER A 3 34.60 3.03 -5.59
N GLY A 4 34.19 4.10 -6.29
CA GLY A 4 33.54 5.28 -5.71
C GLY A 4 32.55 6.00 -6.64
N SER A 5 31.97 5.30 -7.64
CA SER A 5 31.04 5.88 -8.62
C SER A 5 29.84 4.98 -9.03
N SER A 6 29.71 3.76 -8.49
CA SER A 6 28.60 2.84 -8.77
C SER A 6 28.21 1.97 -7.56
N GLY A 7 27.09 1.25 -7.68
CA GLY A 7 26.48 0.43 -6.62
C GLY A 7 25.25 -0.35 -7.11
N GLY A 8 24.50 -0.96 -6.18
CA GLY A 8 23.30 -1.76 -6.48
C GLY A 8 22.46 -2.16 -5.25
N PRO A 9 21.40 -2.96 -5.45
CA PRO A 9 20.53 -3.48 -4.38
C PRO A 9 21.24 -4.19 -3.21
N ASP A 10 20.51 -4.36 -2.10
CA ASP A 10 21.00 -5.01 -0.87
C ASP A 10 19.87 -5.80 -0.16
N LEU A 11 20.25 -6.69 0.76
CA LEU A 11 19.37 -7.55 1.56
C LEU A 11 18.52 -6.77 2.61
N GLN A 12 17.67 -7.51 3.33
CA GLN A 12 16.81 -7.03 4.43
C GLN A 12 15.91 -5.81 4.07
N PRO A 13 15.04 -5.91 3.05
CA PRO A 13 14.02 -4.89 2.76
C PRO A 13 12.96 -4.79 3.87
N LYS A 14 12.16 -3.70 3.85
CA LYS A 14 11.22 -3.31 4.92
C LYS A 14 9.80 -3.00 4.41
N ARG A 15 9.40 -3.61 3.29
CA ARG A 15 8.10 -3.44 2.60
C ARG A 15 7.34 -4.75 2.33
N ASP A 16 7.87 -5.89 2.77
CA ASP A 16 7.29 -7.23 2.57
C ASP A 16 5.92 -7.45 3.26
N HIS A 17 5.53 -6.54 4.15
CA HIS A 17 4.28 -6.51 4.92
C HIS A 17 3.38 -5.30 4.57
N VAL A 18 3.68 -4.59 3.48
CA VAL A 18 3.05 -3.29 3.11
C VAL A 18 2.22 -3.42 1.83
N LEU A 19 0.96 -3.03 1.94
CA LEU A 19 0.02 -2.87 0.83
C LEU A 19 0.03 -1.43 0.30
N HIS A 20 -0.53 -1.29 -0.90
CA HIS A 20 -0.92 -0.03 -1.54
C HIS A 20 -2.43 -0.16 -1.85
N VAL A 21 -3.18 0.89 -1.55
CA VAL A 21 -4.65 0.91 -1.56
C VAL A 21 -5.13 2.12 -2.36
N THR A 22 -6.14 1.92 -3.21
CA THR A 22 -6.71 2.95 -4.09
C THR A 22 -8.23 2.96 -3.93
N PHE A 23 -8.83 4.14 -3.83
CA PHE A 23 -10.24 4.31 -3.45
C PHE A 23 -10.82 5.68 -3.89
N PRO A 24 -12.16 5.81 -4.02
CA PRO A 24 -12.82 7.11 -4.15
C PRO A 24 -12.46 8.03 -2.97
N LYS A 25 -12.29 9.34 -3.22
CA LYS A 25 -11.88 10.31 -2.19
C LYS A 25 -12.78 10.41 -0.95
N GLU A 26 -14.02 9.95 -1.06
CA GLU A 26 -14.99 9.86 0.05
C GLU A 26 -14.54 8.93 1.19
N TRP A 27 -13.61 8.00 0.94
CA TRP A 27 -12.98 7.16 1.98
C TRP A 27 -12.15 7.99 2.98
N LYS A 28 -12.06 7.49 4.22
CA LYS A 28 -11.31 8.09 5.33
C LYS A 28 -10.52 7.03 6.11
N THR A 29 -9.61 7.46 6.98
CA THR A 29 -8.79 6.59 7.85
C THR A 29 -9.63 5.60 8.66
N SER A 30 -10.82 5.99 9.11
CA SER A 30 -11.76 5.11 9.83
C SER A 30 -12.34 3.98 8.98
N ASP A 31 -12.68 4.26 7.71
CA ASP A 31 -13.11 3.22 6.76
C ASP A 31 -11.97 2.26 6.43
N LEU A 32 -10.73 2.77 6.44
CA LEU A 32 -9.51 1.98 6.21
C LEU A 32 -9.22 1.05 7.41
N TYR A 33 -9.29 1.55 8.65
CA TYR A 33 -9.20 0.71 9.85
C TYR A 33 -10.26 -0.40 9.89
N GLN A 34 -11.49 -0.13 9.44
CA GLN A 34 -12.55 -1.13 9.31
C GLN A 34 -12.30 -2.16 8.20
N LEU A 35 -11.74 -1.75 7.05
CA LEU A 35 -11.37 -2.64 5.93
C LEU A 35 -10.31 -3.68 6.33
N PHE A 36 -9.39 -3.29 7.22
CA PHE A 36 -8.26 -4.13 7.67
C PHE A 36 -8.42 -4.71 9.08
N SER A 37 -9.59 -4.52 9.72
CA SER A 37 -9.91 -5.07 11.05
C SER A 37 -9.76 -6.60 11.13
N ALA A 38 -9.94 -7.31 10.02
CA ALA A 38 -9.70 -8.75 9.85
C ALA A 38 -8.25 -9.21 10.14
N PHE A 39 -7.30 -8.27 10.25
CA PHE A 39 -5.87 -8.54 10.51
C PHE A 39 -5.37 -7.93 11.84
N GLY A 40 -6.26 -7.35 12.65
CA GLY A 40 -5.90 -6.68 13.91
C GLY A 40 -5.32 -5.28 13.70
N ASN A 41 -4.41 -4.86 14.59
CA ASN A 41 -3.72 -3.57 14.52
C ASN A 41 -2.91 -3.40 13.22
N ILE A 42 -2.89 -2.18 12.67
CA ILE A 42 -2.19 -1.79 11.42
C ILE A 42 -1.61 -0.36 11.53
N GLN A 43 -0.91 0.10 10.50
CA GLN A 43 -0.49 1.51 10.34
C GLN A 43 -0.81 1.99 8.91
N ILE A 44 -1.19 3.26 8.77
CA ILE A 44 -1.69 3.85 7.51
C ILE A 44 -0.86 5.10 7.17
N SER A 45 -0.40 5.20 5.92
CA SER A 45 0.47 6.26 5.41
C SER A 45 -0.04 6.77 4.04
N TRP A 46 -0.81 7.87 4.05
CA TRP A 46 -1.33 8.51 2.83
C TRP A 46 -0.22 8.93 1.85
N ILE A 47 -0.55 8.93 0.55
CA ILE A 47 0.28 9.50 -0.52
C ILE A 47 -0.50 10.40 -1.49
N ASP A 48 -1.83 10.27 -1.53
CA ASP A 48 -2.74 11.08 -2.35
C ASP A 48 -4.13 11.20 -1.71
N ASP A 49 -4.96 12.07 -2.28
CA ASP A 49 -6.40 12.22 -2.00
C ASP A 49 -7.21 10.94 -2.32
N THR A 50 -6.66 10.02 -3.12
CA THR A 50 -7.31 8.78 -3.59
C THR A 50 -6.47 7.50 -3.38
N SER A 51 -5.30 7.57 -2.74
CA SER A 51 -4.50 6.37 -2.40
C SER A 51 -3.56 6.53 -1.20
N ALA A 52 -3.21 5.40 -0.58
CA ALA A 52 -2.37 5.29 0.61
C ALA A 52 -1.61 3.94 0.68
N PHE A 53 -0.58 3.87 1.52
CA PHE A 53 0.08 2.62 1.90
C PHE A 53 -0.44 2.14 3.27
N VAL A 54 -0.43 0.82 3.50
CA VAL A 54 -0.90 0.20 4.75
C VAL A 54 0.04 -0.94 5.18
N SER A 55 0.66 -0.77 6.35
CA SER A 55 1.47 -1.79 7.03
C SER A 55 0.60 -2.77 7.82
N LEU A 56 0.60 -4.04 7.44
CA LEU A 56 -0.08 -5.13 8.16
C LEU A 56 0.80 -5.70 9.28
N SER A 57 0.21 -6.39 10.26
CA SER A 57 0.94 -6.92 11.43
C SER A 57 1.83 -8.14 11.13
N GLN A 58 1.58 -8.84 10.01
CA GLN A 58 2.41 -9.96 9.51
C GLN A 58 2.48 -9.93 7.98
N PRO A 59 3.58 -10.40 7.36
CA PRO A 59 3.73 -10.43 5.90
C PRO A 59 2.83 -11.47 5.21
N GLU A 60 2.40 -12.53 5.91
CA GLU A 60 1.46 -13.53 5.37
C GLU A 60 0.08 -12.94 5.04
N GLN A 61 -0.34 -11.90 5.76
CA GLN A 61 -1.63 -11.22 5.60
C GLN A 61 -1.72 -10.42 4.29
N VAL A 62 -0.58 -10.00 3.72
CA VAL A 62 -0.50 -9.29 2.44
C VAL A 62 -1.09 -10.13 1.30
N GLN A 63 -0.72 -11.40 1.22
CA GLN A 63 -1.25 -12.33 0.21
C GLN A 63 -2.77 -12.54 0.36
N ILE A 64 -3.28 -12.59 1.58
CA ILE A 64 -4.72 -12.71 1.87
C ILE A 64 -5.46 -11.48 1.33
N ALA A 65 -5.06 -10.27 1.72
CA ALA A 65 -5.71 -9.03 1.29
C ALA A 65 -5.63 -8.78 -0.23
N VAL A 66 -4.51 -9.12 -0.87
CA VAL A 66 -4.39 -9.08 -2.35
C VAL A 66 -5.35 -10.06 -3.01
N ASN A 67 -5.46 -11.31 -2.52
CA ASN A 67 -6.37 -12.32 -3.04
C ASN A 67 -7.86 -11.91 -2.93
N THR A 68 -8.27 -11.40 -1.77
CA THR A 68 -9.67 -11.01 -1.49
C THR A 68 -10.12 -9.77 -2.26
N SER A 69 -9.19 -8.92 -2.70
CA SER A 69 -9.48 -7.66 -3.41
C SER A 69 -9.58 -7.78 -4.93
N LYS A 70 -9.26 -8.96 -5.50
CA LYS A 70 -9.45 -9.27 -6.95
C LYS A 70 -10.90 -9.08 -7.45
N TYR A 71 -11.87 -9.00 -6.53
CA TYR A 71 -13.30 -8.95 -6.80
C TYR A 71 -14.01 -7.75 -6.13
N ALA A 72 -13.25 -6.81 -5.58
CA ALA A 72 -13.76 -5.58 -4.96
C ALA A 72 -14.46 -4.63 -5.97
N GLU A 73 -15.35 -3.78 -5.48
CA GLU A 73 -16.20 -2.89 -6.30
C GLU A 73 -16.23 -1.41 -5.84
N SER A 74 -15.60 -1.10 -4.70
CA SER A 74 -15.56 0.25 -4.09
C SER A 74 -14.15 0.69 -3.65
N TYR A 75 -13.15 -0.15 -3.89
CA TYR A 75 -11.71 0.04 -3.61
C TYR A 75 -10.88 -0.97 -4.42
N ARG A 76 -9.55 -0.87 -4.37
CA ARG A 76 -8.59 -1.85 -4.90
C ARG A 76 -7.31 -1.90 -4.05
N ILE A 77 -6.67 -3.06 -3.97
CA ILE A 77 -5.44 -3.31 -3.21
C ILE A 77 -4.42 -4.06 -4.07
N GLN A 78 -3.14 -3.74 -3.87
CA GLN A 78 -1.96 -4.43 -4.42
C GLN A 78 -0.79 -4.35 -3.40
N THR A 79 0.31 -5.07 -3.62
CA THR A 79 1.51 -4.92 -2.78
C THR A 79 2.25 -3.60 -3.08
N TYR A 80 3.13 -3.18 -2.17
CA TYR A 80 4.07 -2.07 -2.41
C TYR A 80 4.93 -2.29 -3.68
N ALA A 81 5.40 -3.52 -3.89
CA ALA A 81 6.21 -3.89 -5.06
C ALA A 81 5.40 -3.90 -6.38
N GLU A 82 4.14 -4.35 -6.36
CA GLU A 82 3.25 -4.27 -7.52
C GLU A 82 2.95 -2.82 -7.92
N TYR A 83 2.71 -1.93 -6.93
CA TYR A 83 2.57 -0.49 -7.16
C TYR A 83 3.80 0.09 -7.88
N VAL A 84 5.02 -0.18 -7.38
CA VAL A 84 6.29 0.26 -8.00
C VAL A 84 6.47 -0.30 -9.42
N GLY A 85 6.18 -1.58 -9.62
CA GLY A 85 6.42 -2.26 -10.90
C GLY A 85 5.47 -1.82 -12.02
N LYS A 86 4.16 -1.69 -11.71
CA LYS A 86 3.13 -1.22 -12.65
C LYS A 86 3.24 0.28 -13.00
N LYS A 87 3.89 1.07 -12.12
CA LYS A 87 4.17 2.50 -12.30
C LYS A 87 5.24 2.82 -13.38
N GLN A 88 5.95 1.81 -13.89
CA GLN A 88 7.03 1.97 -14.89
C GLN A 88 6.95 0.98 -16.06
N LYS A 89 7.77 1.21 -17.10
CA LYS A 89 7.76 0.49 -18.39
C LYS A 89 9.07 -0.24 -18.74
N GLY A 90 10.23 0.32 -18.38
CA GLY A 90 11.54 -0.36 -18.45
C GLY A 90 12.71 0.45 -19.02
N LYS A 91 12.44 1.46 -19.87
CA LYS A 91 13.47 2.25 -20.60
C LYS A 91 13.40 3.76 -20.32
N GLN A 92 12.52 4.19 -19.41
CA GLN A 92 12.32 5.58 -18.99
C GLN A 92 13.60 6.26 -18.44
N VAL A 93 14.56 5.46 -17.99
CA VAL A 93 15.89 5.88 -17.52
C VAL A 93 16.80 6.46 -18.62
N LYS A 94 16.50 6.20 -19.90
CA LYS A 94 17.35 6.59 -21.05
C LYS A 94 16.56 7.02 -22.31
N SER A 95 15.22 7.05 -22.26
CA SER A 95 14.34 7.43 -23.37
C SER A 95 14.48 8.88 -23.85
N GLY A 96 15.05 9.78 -23.02
CA GLY A 96 15.37 11.17 -23.39
C GLY A 96 15.94 12.00 -22.23
N PRO A 97 16.28 13.28 -22.46
CA PRO A 97 16.76 14.22 -21.43
C PRO A 97 15.81 14.44 -20.22
N SER A 98 14.52 14.15 -20.39
CA SER A 98 13.46 14.28 -19.37
C SER A 98 12.35 13.24 -19.60
N SER A 99 11.42 13.14 -18.64
CA SER A 99 10.36 12.11 -18.57
C SER A 99 8.94 12.69 -18.40
N GLY A 100 8.80 14.03 -18.42
CA GLY A 100 7.52 14.75 -18.32
C GLY A 100 6.59 14.53 -19.51
N GLY A 1 7.14 11.98 -0.62
CA GLY A 1 7.26 11.62 -2.05
C GLY A 1 8.47 10.74 -2.30
N SER A 2 9.22 11.02 -3.38
CA SER A 2 10.46 10.31 -3.77
C SER A 2 11.41 11.24 -4.56
N SER A 3 12.68 10.82 -4.69
CA SER A 3 13.76 11.61 -5.31
C SER A 3 14.68 10.80 -6.25
N GLY A 4 14.45 9.49 -6.40
CA GLY A 4 15.23 8.60 -7.28
C GLY A 4 15.03 7.11 -7.00
N SER A 5 15.69 6.27 -7.81
CA SER A 5 15.59 4.79 -7.75
C SER A 5 16.92 4.05 -8.01
N SER A 6 18.01 4.78 -8.26
CA SER A 6 19.37 4.23 -8.43
C SER A 6 19.98 3.71 -7.11
N GLY A 7 21.07 2.94 -7.21
CA GLY A 7 21.83 2.43 -6.07
C GLY A 7 22.83 1.31 -6.41
N GLY A 8 22.53 0.50 -7.44
CA GLY A 8 23.40 -0.57 -7.93
C GLY A 8 22.79 -1.36 -9.11
N PRO A 9 23.54 -2.30 -9.71
CA PRO A 9 23.08 -3.11 -10.84
C PRO A 9 22.03 -4.18 -10.45
N ASP A 10 21.94 -4.52 -9.16
CA ASP A 10 20.94 -5.44 -8.58
C ASP A 10 20.63 -5.04 -7.12
N LEU A 11 19.34 -5.00 -6.78
CA LEU A 11 18.78 -4.58 -5.48
C LEU A 11 17.53 -5.41 -5.14
N GLN A 12 17.00 -5.26 -3.91
CA GLN A 12 15.76 -5.91 -3.46
C GLN A 12 14.90 -5.01 -2.55
N PRO A 13 13.57 -5.18 -2.52
CA PRO A 13 12.68 -4.54 -1.54
C PRO A 13 12.99 -4.88 -0.07
N LYS A 14 12.44 -4.06 0.84
CA LYS A 14 12.41 -4.27 2.30
C LYS A 14 11.02 -3.98 2.91
N ARG A 15 9.97 -4.08 2.08
CA ARG A 15 8.57 -3.65 2.35
C ARG A 15 7.54 -4.72 1.96
N ASP A 16 7.93 -6.00 2.03
CA ASP A 16 7.05 -7.16 1.77
C ASP A 16 5.82 -7.24 2.70
N HIS A 17 5.89 -6.60 3.87
CA HIS A 17 4.81 -6.43 4.86
C HIS A 17 3.84 -5.27 4.54
N VAL A 18 3.96 -4.63 3.37
CA VAL A 18 3.26 -3.39 3.00
C VAL A 18 2.45 -3.56 1.71
N LEU A 19 1.27 -2.96 1.71
CA LEU A 19 0.30 -2.88 0.61
C LEU A 19 0.12 -1.43 0.16
N HIS A 20 -0.47 -1.26 -1.02
CA HIS A 20 -0.96 -0.01 -1.58
C HIS A 20 -2.44 -0.17 -1.89
N VAL A 21 -3.23 0.87 -1.63
CA VAL A 21 -4.70 0.86 -1.67
C VAL A 21 -5.20 2.07 -2.44
N THR A 22 -6.21 1.87 -3.29
CA THR A 22 -6.83 2.91 -4.13
C THR A 22 -8.33 2.90 -3.93
N PHE A 23 -8.95 4.08 -3.83
CA PHE A 23 -10.35 4.25 -3.41
C PHE A 23 -10.95 5.60 -3.88
N PRO A 24 -12.29 5.72 -3.97
CA PRO A 24 -12.97 7.01 -4.17
C PRO A 24 -12.57 8.03 -3.08
N LYS A 25 -12.42 9.31 -3.44
CA LYS A 25 -11.99 10.39 -2.52
C LYS A 25 -12.86 10.58 -1.26
N GLU A 26 -14.11 10.10 -1.29
CA GLU A 26 -15.04 10.09 -0.16
C GLU A 26 -14.61 9.19 1.00
N TRP A 27 -13.73 8.20 0.77
CA TRP A 27 -13.13 7.36 1.81
C TRP A 27 -12.24 8.17 2.76
N LYS A 28 -12.13 7.69 4.02
CA LYS A 28 -11.29 8.27 5.07
C LYS A 28 -10.48 7.19 5.81
N THR A 29 -9.56 7.61 6.68
CA THR A 29 -8.76 6.75 7.58
C THR A 29 -9.65 5.77 8.37
N SER A 30 -10.85 6.17 8.77
CA SER A 30 -11.84 5.32 9.43
C SER A 30 -12.33 4.16 8.56
N ASP A 31 -12.66 4.42 7.28
CA ASP A 31 -13.06 3.38 6.32
C ASP A 31 -11.90 2.41 6.03
N LEU A 32 -10.67 2.92 6.08
CA LEU A 32 -9.45 2.13 5.91
C LEU A 32 -9.19 1.22 7.12
N TYR A 33 -9.29 1.74 8.35
CA TYR A 33 -9.28 0.91 9.56
C TYR A 33 -10.39 -0.14 9.58
N GLN A 34 -11.58 0.17 9.07
CA GLN A 34 -12.69 -0.80 8.92
C GLN A 34 -12.40 -1.88 7.87
N LEU A 35 -11.76 -1.53 6.74
CA LEU A 35 -11.43 -2.46 5.66
C LEU A 35 -10.38 -3.50 6.08
N PHE A 36 -9.38 -3.06 6.85
CA PHE A 36 -8.27 -3.91 7.32
C PHE A 36 -8.44 -4.41 8.77
N SER A 37 -9.62 -4.20 9.38
CA SER A 37 -9.98 -4.64 10.74
C SER A 37 -9.78 -6.14 10.97
N ALA A 38 -9.97 -6.96 9.92
CA ALA A 38 -9.76 -8.41 9.92
C ALA A 38 -8.32 -8.86 10.30
N PHE A 39 -7.35 -7.96 10.31
CA PHE A 39 -5.93 -8.23 10.60
C PHE A 39 -5.47 -7.74 11.99
N GLY A 40 -6.38 -7.15 12.78
CA GLY A 40 -6.19 -6.82 14.20
C GLY A 40 -5.39 -5.54 14.49
N ASN A 41 -4.24 -5.36 13.85
CA ASN A 41 -3.35 -4.19 14.01
C ASN A 41 -2.70 -3.82 12.66
N ILE A 42 -2.63 -2.52 12.36
CA ILE A 42 -2.19 -1.95 11.08
C ILE A 42 -1.45 -0.61 11.25
N GLN A 43 -0.92 -0.06 10.16
CA GLN A 43 -0.41 1.31 10.07
C GLN A 43 -0.73 1.86 8.67
N ILE A 44 -0.97 3.18 8.55
CA ILE A 44 -1.42 3.82 7.31
C ILE A 44 -0.56 5.05 7.00
N SER A 45 -0.16 5.21 5.74
CA SER A 45 0.63 6.33 5.21
C SER A 45 0.05 6.84 3.89
N TRP A 46 -0.67 7.97 3.93
CA TRP A 46 -1.24 8.63 2.75
C TRP A 46 -0.19 9.04 1.72
N ILE A 47 -0.58 9.06 0.43
CA ILE A 47 0.21 9.62 -0.68
C ILE A 47 -0.59 10.50 -1.64
N ASP A 48 -1.92 10.36 -1.68
CA ASP A 48 -2.82 11.20 -2.48
C ASP A 48 -4.24 11.30 -1.86
N ASP A 49 -5.12 12.06 -2.49
CA ASP A 49 -6.55 12.16 -2.13
C ASP A 49 -7.34 10.86 -2.39
N THR A 50 -6.78 9.91 -3.16
CA THR A 50 -7.44 8.68 -3.63
C THR A 50 -6.59 7.42 -3.43
N SER A 51 -5.41 7.51 -2.80
CA SER A 51 -4.59 6.34 -2.46
C SER A 51 -3.65 6.53 -1.27
N ALA A 52 -3.29 5.42 -0.64
CA ALA A 52 -2.43 5.33 0.55
C ALA A 52 -1.71 3.97 0.63
N PHE A 53 -0.62 3.91 1.39
CA PHE A 53 0.04 2.66 1.77
C PHE A 53 -0.55 2.14 3.09
N VAL A 54 -0.55 0.82 3.28
CA VAL A 54 -1.03 0.14 4.50
C VAL A 54 -0.08 -1.00 4.89
N SER A 55 0.48 -0.94 6.10
CA SER A 55 1.31 -1.99 6.70
C SER A 55 0.45 -2.99 7.48
N LEU A 56 0.80 -4.28 7.41
CA LEU A 56 0.16 -5.37 8.16
C LEU A 56 1.21 -6.16 8.97
N SER A 57 0.80 -6.82 10.04
CA SER A 57 1.70 -7.47 11.01
C SER A 57 2.45 -8.70 10.49
N GLN A 58 1.94 -9.39 9.45
CA GLN A 58 2.52 -10.60 8.88
C GLN A 58 2.31 -10.69 7.34
N PRO A 59 3.19 -11.41 6.62
CA PRO A 59 3.08 -11.57 5.16
C PRO A 59 1.90 -12.46 4.74
N GLU A 60 1.40 -13.32 5.64
CA GLU A 60 0.16 -14.07 5.44
C GLU A 60 -1.05 -13.13 5.31
N GLN A 61 -1.11 -12.06 6.12
CA GLN A 61 -2.17 -11.05 6.07
C GLN A 61 -2.11 -10.24 4.75
N VAL A 62 -0.90 -9.91 4.29
CA VAL A 62 -0.66 -9.31 2.97
C VAL A 62 -1.17 -10.22 1.85
N GLN A 63 -0.84 -11.53 1.89
CA GLN A 63 -1.31 -12.51 0.91
C GLN A 63 -2.85 -12.66 0.92
N ILE A 64 -3.50 -12.65 2.09
CA ILE A 64 -4.97 -12.68 2.21
C ILE A 64 -5.60 -11.43 1.56
N ALA A 65 -5.08 -10.22 1.83
CA ALA A 65 -5.56 -8.99 1.21
C ALA A 65 -5.40 -8.98 -0.33
N VAL A 66 -4.29 -9.50 -0.85
CA VAL A 66 -4.06 -9.71 -2.29
C VAL A 66 -5.03 -10.75 -2.90
N ASN A 67 -5.34 -11.82 -2.16
CA ASN A 67 -6.31 -12.85 -2.60
C ASN A 67 -7.76 -12.34 -2.60
N THR A 68 -8.12 -11.43 -1.69
CA THR A 68 -9.50 -10.94 -1.49
C THR A 68 -9.84 -9.69 -2.32
N SER A 69 -8.85 -8.95 -2.83
CA SER A 69 -9.07 -7.74 -3.63
C SER A 69 -9.69 -8.01 -5.02
N LYS A 70 -9.57 -9.23 -5.54
CA LYS A 70 -10.15 -9.67 -6.84
C LYS A 70 -11.68 -9.60 -6.93
N TYR A 71 -12.37 -9.44 -5.80
CA TYR A 71 -13.82 -9.24 -5.68
C TYR A 71 -14.21 -8.09 -4.72
N ALA A 72 -13.31 -7.09 -4.59
CA ALA A 72 -13.54 -5.87 -3.80
C ALA A 72 -14.81 -5.09 -4.20
N GLU A 73 -15.40 -4.39 -3.22
CA GLU A 73 -16.68 -3.68 -3.36
C GLU A 73 -16.60 -2.41 -4.23
N SER A 74 -15.50 -1.66 -4.12
CA SER A 74 -15.26 -0.39 -4.85
C SER A 74 -13.78 0.03 -4.83
N TYR A 75 -13.13 -0.16 -3.66
CA TYR A 75 -11.68 -0.03 -3.47
C TYR A 75 -10.88 -1.06 -4.29
N ARG A 76 -9.54 -0.93 -4.29
CA ARG A 76 -8.58 -1.88 -4.87
C ARG A 76 -7.32 -1.95 -3.98
N ILE A 77 -6.66 -3.11 -3.95
CA ILE A 77 -5.46 -3.40 -3.15
C ILE A 77 -4.42 -4.09 -4.03
N GLN A 78 -3.15 -3.74 -3.86
CA GLN A 78 -1.97 -4.38 -4.48
C GLN A 78 -0.78 -4.35 -3.50
N THR A 79 0.29 -5.11 -3.75
CA THR A 79 1.52 -5.01 -2.91
C THR A 79 2.27 -3.70 -3.16
N TYR A 80 3.18 -3.35 -2.24
CA TYR A 80 4.14 -2.26 -2.44
C TYR A 80 4.95 -2.43 -3.75
N ALA A 81 5.39 -3.66 -4.05
CA ALA A 81 6.13 -3.98 -5.28
C ALA A 81 5.27 -3.81 -6.56
N GLU A 82 3.99 -4.18 -6.53
CA GLU A 82 3.05 -3.97 -7.66
C GLU A 82 2.80 -2.48 -7.94
N TYR A 83 2.77 -1.64 -6.90
CA TYR A 83 2.71 -0.18 -7.06
C TYR A 83 4.02 0.41 -7.63
N VAL A 84 5.18 0.01 -7.08
CA VAL A 84 6.52 0.37 -7.60
C VAL A 84 6.70 0.02 -9.08
N GLY A 85 6.18 -1.13 -9.52
CA GLY A 85 6.25 -1.55 -10.92
C GLY A 85 5.47 -0.65 -11.88
N LYS A 86 4.49 0.14 -11.39
CA LYS A 86 3.74 1.15 -12.15
C LYS A 86 4.39 2.55 -12.15
N LYS A 87 5.29 2.82 -11.18
CA LYS A 87 6.16 4.01 -11.13
C LYS A 87 7.32 3.99 -12.15
N GLN A 88 7.41 2.96 -13.00
CA GLN A 88 8.46 2.76 -14.03
C GLN A 88 8.71 3.95 -14.98
N LYS A 89 7.78 4.90 -15.12
CA LYS A 89 7.97 6.18 -15.84
C LYS A 89 9.18 7.00 -15.33
N GLY A 90 9.57 6.83 -14.07
CA GLY A 90 10.74 7.47 -13.45
C GLY A 90 12.09 6.86 -13.81
N LYS A 91 12.13 5.71 -14.51
CA LYS A 91 13.35 4.98 -14.90
C LYS A 91 14.28 5.75 -15.87
N GLN A 92 13.77 6.78 -16.55
CA GLN A 92 14.48 7.63 -17.53
C GLN A 92 15.50 8.62 -16.88
N VAL A 93 16.20 8.19 -15.82
CA VAL A 93 17.23 8.97 -15.07
C VAL A 93 18.36 9.49 -15.98
N LYS A 94 18.59 8.82 -17.12
CA LYS A 94 19.51 9.21 -18.21
C LYS A 94 19.24 10.58 -18.86
N SER A 95 18.11 11.23 -18.59
CA SER A 95 17.68 12.51 -19.17
C SER A 95 16.96 13.41 -18.17
N GLY A 96 16.97 14.73 -18.41
CA GLY A 96 16.39 15.75 -17.54
C GLY A 96 16.86 17.18 -17.86
N PRO A 97 16.40 18.20 -17.10
CA PRO A 97 16.73 19.62 -17.30
C PRO A 97 18.23 20.00 -17.39
N SER A 98 19.13 19.13 -16.96
CA SER A 98 20.59 19.32 -16.94
C SER A 98 21.38 18.20 -17.64
N SER A 99 20.70 17.26 -18.31
CA SER A 99 21.30 16.08 -18.97
C SER A 99 20.64 15.65 -20.29
N GLY A 100 19.59 16.35 -20.75
CA GLY A 100 18.92 16.15 -22.04
C GLY A 100 18.01 17.31 -22.43
#